data_8JMH
#
_entry.id   8JMH
#
_cell.length_a   1.00
_cell.length_b   1.00
_cell.length_c   1.00
_cell.angle_alpha   90.00
_cell.angle_beta   90.00
_cell.angle_gamma   90.00
#
_symmetry.space_group_name_H-M   'P 1'
#
loop_
_entity.id
_entity.type
_entity.pdbx_description
1 polymer 'Gustatory receptor for sugar taste 64a'
2 branched beta-D-fructofuranose-(2-1)-alpha-D-glucopyranose
#
_entity_poly.entity_id   1
_entity_poly.type   'polypeptide(L)'
_entity_poly.pdbx_seq_one_letter_code
;MWSHPQFEKGGSSGGVDMKGPNLNFRKTPSKDNGVKQVESLARPETPPPKFVEDSNLEFNVLASEKLPNYTNLDLFHRAV
FPFMFLAQCVAIMPLVGIRESNPRRVRFAYKSIPMFVTLIFMIATSILFLSMFTHLLKIGITAKNFVGLVFFGCVLSAYV
VFIRLAKKWPAVVRIWTRTEIPFTKPPYEIPKRNLSRRVQLAALAIIGLSLGEHALYQVSAILSYTRRIQMCANITTVPS
FNNYMQTNYDYVFQLLPYSPIIAVLILLINGACTFVWNYMDLFIMMISKGLSYRFEQITTRIRKLEHEEVCESVFIQIRE
HYVKMCELLEFVDSAMSSLILLSCVNNLYFVCYQLLNVFNKLRWPINYIYFWYSLLYLIGRTAFVFLTAADINEESKRGL
GVLRRVSSRSWCVEVERLIFQMTTQTVALSGKKFYFLTRRLLFGMAGTIVTYELVLLQFDEPNRRKGLQPLCA
;
_entity_poly.pdbx_strand_id   A,B,C,D
#
# COMPACT_ATOMS: atom_id res chain seq x y z
N LEU A 67 -29.28 -11.27 41.21
CA LEU A 67 -28.08 -10.92 40.48
C LEU A 67 -27.15 -12.13 40.34
N PRO A 68 -26.37 -12.19 39.28
CA PRO A 68 -25.44 -13.31 39.11
C PRO A 68 -24.36 -13.32 40.16
N ASN A 69 -23.86 -14.52 40.44
CA ASN A 69 -22.80 -14.72 41.43
C ASN A 69 -21.47 -14.42 40.74
N TYR A 70 -20.97 -13.19 40.91
CA TYR A 70 -19.73 -12.78 40.29
C TYR A 70 -18.50 -13.45 40.90
N THR A 71 -18.63 -14.10 42.05
CA THR A 71 -17.46 -14.62 42.75
C THR A 71 -16.76 -15.70 41.95
N ASN A 72 -17.52 -16.65 41.40
CA ASN A 72 -16.95 -17.81 40.73
C ASN A 72 -17.20 -17.82 39.22
N LEU A 73 -17.97 -16.88 38.69
CA LEU A 73 -18.24 -16.87 37.26
C LEU A 73 -16.96 -16.58 36.48
N ASP A 74 -16.86 -17.16 35.29
CA ASP A 74 -15.70 -16.96 34.42
C ASP A 74 -15.93 -15.69 33.61
N LEU A 75 -15.67 -14.56 34.26
CA LEU A 75 -15.88 -13.24 33.69
C LEU A 75 -14.55 -12.56 33.42
N PHE A 76 -14.61 -11.50 32.60
CA PHE A 76 -13.41 -10.75 32.26
C PHE A 76 -12.87 -9.98 33.46
N HIS A 77 -13.77 -9.38 34.24
CA HIS A 77 -13.34 -8.56 35.37
C HIS A 77 -12.52 -9.39 36.36
N ARG A 78 -12.99 -10.60 36.66
CA ARG A 78 -12.23 -11.48 37.54
C ARG A 78 -10.87 -11.82 36.98
N ALA A 79 -10.75 -11.91 35.66
CA ALA A 79 -9.50 -12.32 35.03
C ALA A 79 -8.44 -11.23 35.02
N VAL A 80 -8.84 -9.96 34.98
CA VAL A 80 -7.89 -8.87 34.83
C VAL A 80 -7.69 -8.06 36.12
N PHE A 81 -8.65 -8.08 37.05
CA PHE A 81 -8.51 -7.25 38.23
C PHE A 81 -7.22 -7.53 39.01
N PRO A 82 -6.73 -8.77 39.13
CA PRO A 82 -5.45 -8.95 39.85
C PRO A 82 -4.31 -8.17 39.23
N PHE A 83 -4.30 -8.07 37.89
CA PHE A 83 -3.24 -7.33 37.21
C PHE A 83 -3.58 -5.85 37.08
N MET A 84 -4.86 -5.50 37.03
CA MET A 84 -5.24 -4.09 37.11
C MET A 84 -4.88 -3.51 38.47
N PHE A 85 -5.08 -4.28 39.54
CA PHE A 85 -4.68 -3.85 40.87
C PHE A 85 -3.16 -3.71 40.96
N LEU A 86 -2.43 -4.66 40.37
CA LEU A 86 -0.98 -4.58 40.37
C LEU A 86 -0.51 -3.32 39.66
N ALA A 87 -1.14 -2.98 38.53
CA ALA A 87 -0.80 -1.75 37.84
C ALA A 87 -1.12 -0.53 38.69
N GLN A 88 -2.13 -0.63 39.55
CA GLN A 88 -2.45 0.47 40.44
C GLN A 88 -1.37 0.70 41.49
N CYS A 89 -0.55 -0.30 41.78
CA CYS A 89 0.57 -0.10 42.69
C CYS A 89 1.55 0.92 42.14
N VAL A 90 1.81 0.89 40.83
CA VAL A 90 2.57 1.94 40.17
C VAL A 90 1.66 3.06 39.67
N ALA A 91 0.38 3.03 40.06
CA ALA A 91 -0.57 4.10 39.79
C ALA A 91 -0.70 4.35 38.28
N ILE A 92 -1.21 3.33 37.60
CA ILE A 92 -1.41 3.40 36.15
C ILE A 92 -2.83 3.85 35.86
N MET A 93 -3.82 3.07 36.30
CA MET A 93 -5.23 3.37 36.06
C MET A 93 -5.94 3.54 37.39
N PRO A 94 -6.11 4.77 37.89
CA PRO A 94 -6.61 4.98 39.25
C PRO A 94 -8.11 4.76 39.40
N LEU A 95 -8.52 3.50 39.59
CA LEU A 95 -9.92 3.17 39.82
C LEU A 95 -10.13 2.74 41.27
N VAL A 96 -11.32 3.01 41.78
CA VAL A 96 -11.70 2.68 43.15
C VAL A 96 -12.48 1.37 43.14
N GLY A 97 -12.13 0.47 44.06
CA GLY A 97 -12.82 -0.81 44.15
C GLY A 97 -12.59 -1.70 42.96
N ILE A 98 -11.40 -1.68 42.36
CA ILE A 98 -11.12 -2.55 41.23
C ILE A 98 -11.10 -4.01 41.68
N ARG A 99 -10.81 -4.27 42.94
CA ARG A 99 -10.74 -5.62 43.47
C ARG A 99 -12.10 -6.17 43.88
N GLU A 100 -13.16 -5.38 43.77
CA GLU A 100 -14.49 -5.85 44.13
C GLU A 100 -14.94 -6.94 43.18
N SER A 101 -15.59 -7.97 43.73
CA SER A 101 -16.11 -9.05 42.91
C SER A 101 -17.17 -8.54 41.94
N ASN A 102 -18.05 -7.67 42.42
CA ASN A 102 -19.08 -7.08 41.57
C ASN A 102 -18.49 -5.94 40.77
N PRO A 103 -18.46 -6.02 39.43
CA PRO A 103 -17.90 -4.91 38.65
C PRO A 103 -18.66 -3.62 38.77
N ARG A 104 -19.93 -3.66 39.20
CA ARG A 104 -20.70 -2.43 39.36
C ARG A 104 -20.16 -1.55 40.48
N ARG A 105 -19.35 -2.11 41.38
CA ARG A 105 -18.74 -1.33 42.45
C ARG A 105 -17.48 -0.60 42.01
N VAL A 106 -17.01 -0.82 40.78
CA VAL A 106 -15.84 -0.13 40.27
C VAL A 106 -16.26 1.28 39.86
N ARG A 107 -15.57 2.28 40.40
CA ARG A 107 -15.89 3.67 40.12
C ARG A 107 -14.59 4.46 39.99
N PHE A 108 -14.67 5.59 39.29
CA PHE A 108 -13.55 6.50 39.12
C PHE A 108 -13.81 7.76 39.93
N ALA A 109 -12.87 8.09 40.81
CA ALA A 109 -13.01 9.27 41.66
C ALA A 109 -11.67 10.00 41.70
N TYR A 110 -11.68 11.30 41.39
CA TYR A 110 -10.46 12.08 41.47
C TYR A 110 -9.93 12.14 42.90
N LYS A 111 -10.82 12.33 43.87
CA LYS A 111 -10.45 12.32 45.28
C LYS A 111 -10.46 10.88 45.76
N SER A 112 -9.32 10.21 45.57
CA SER A 112 -9.17 8.83 46.01
C SER A 112 -7.69 8.53 46.13
N ILE A 113 -7.37 7.47 46.88
CA ILE A 113 -5.98 7.06 47.03
C ILE A 113 -5.36 6.70 45.68
N PRO A 114 -5.99 5.89 44.83
CA PRO A 114 -5.36 5.58 43.54
C PRO A 114 -5.02 6.81 42.72
N MET A 115 -5.88 7.83 42.71
CA MET A 115 -5.56 9.04 41.98
C MET A 115 -4.43 9.82 42.64
N PHE A 116 -4.35 9.79 43.97
CA PHE A 116 -3.26 10.47 44.66
C PHE A 116 -1.92 9.85 44.27
N VAL A 117 -1.84 8.52 44.26
CA VAL A 117 -0.59 7.86 43.89
C VAL A 117 -0.25 8.17 42.43
N THR A 118 -1.26 8.26 41.57
CA THR A 118 -1.02 8.62 40.18
C THR A 118 -0.42 10.01 40.07
N LEU A 119 -0.92 10.96 40.88
CA LEU A 119 -0.34 12.30 40.88
C LEU A 119 1.12 12.27 41.31
N ILE A 120 1.45 11.47 42.32
CA ILE A 120 2.83 11.38 42.79
C ILE A 120 3.72 10.82 41.69
N PHE A 121 3.28 9.73 41.05
CA PHE A 121 4.09 9.13 39.99
C PHE A 121 4.19 10.04 38.78
N MET A 122 3.09 10.71 38.43
CA MET A 122 3.13 11.66 37.31
C MET A 122 4.07 12.82 37.61
N ILE A 123 4.02 13.34 38.84
CA ILE A 123 4.92 14.44 39.21
C ILE A 123 6.37 13.98 39.13
N ALA A 124 6.68 12.85 39.75
CA ALA A 124 8.05 12.37 39.76
C ALA A 124 8.52 12.00 38.35
N THR A 125 7.65 11.39 37.55
CA THR A 125 8.01 11.09 36.17
C THR A 125 8.29 12.37 35.39
N SER A 126 7.50 13.43 35.65
CA SER A 126 7.77 14.71 35.04
C SER A 126 9.11 15.28 35.48
N ILE A 127 9.50 15.04 36.74
CA ILE A 127 10.81 15.48 37.20
C ILE A 127 11.91 14.80 36.40
N LEU A 128 11.76 13.49 36.18
CA LEU A 128 12.73 12.78 35.36
C LEU A 128 12.72 13.29 33.93
N PHE A 129 11.53 13.59 33.39
CA PHE A 129 11.44 14.13 32.04
C PHE A 129 12.15 15.48 31.94
N LEU A 130 11.91 16.37 32.92
CA LEU A 130 12.61 17.64 32.93
C LEU A 130 14.11 17.43 33.14
N SER A 131 14.47 16.51 34.03
CA SER A 131 15.89 16.19 34.24
C SER A 131 16.55 15.79 32.93
N MET A 132 15.92 14.88 32.18
CA MET A 132 16.45 14.49 30.89
C MET A 132 16.42 15.67 29.91
N PHE A 133 15.33 16.44 29.91
CA PHE A 133 15.21 17.55 28.97
C PHE A 133 16.31 18.58 29.19
N THR A 134 16.52 19.00 30.44
CA THR A 134 17.55 19.98 30.73
C THR A 134 18.94 19.41 30.41
N HIS A 135 19.17 18.14 30.75
CA HIS A 135 20.47 17.54 30.50
C HIS A 135 20.81 17.53 29.03
N LEU A 136 19.86 17.15 28.18
CA LEU A 136 20.12 17.08 26.75
C LEU A 136 20.42 18.47 26.19
N LEU A 137 19.72 19.49 26.66
CA LEU A 137 19.99 20.85 26.22
C LEU A 137 21.42 21.26 26.55
N LYS A 138 21.91 20.88 27.73
CA LYS A 138 23.27 21.23 28.11
C LYS A 138 24.30 20.52 27.24
N ILE A 139 24.02 19.27 26.86
CA ILE A 139 24.96 18.46 26.08
C ILE A 139 24.52 18.31 24.62
N GLY A 140 23.45 18.97 24.21
CA GLY A 140 23.00 18.88 22.83
C GLY A 140 22.08 17.68 22.60
N ILE A 141 21.14 17.82 21.68
CA ILE A 141 20.17 16.77 21.38
C ILE A 141 20.58 16.07 20.10
N THR A 142 20.78 14.76 20.18
CA THR A 142 21.08 13.95 19.02
C THR A 142 20.08 12.80 18.93
N ALA A 143 20.05 12.15 17.76
CA ALA A 143 19.10 11.07 17.54
C ALA A 143 19.26 9.92 18.53
N LYS A 144 20.44 9.77 19.13
CA LYS A 144 20.67 8.72 20.11
C LYS A 144 20.23 9.11 21.51
N ASN A 145 20.43 10.37 21.90
CA ASN A 145 19.98 10.83 23.21
C ASN A 145 18.48 11.10 23.25
N PHE A 146 17.85 11.32 22.10
CA PHE A 146 16.42 11.65 22.10
C PHE A 146 15.57 10.47 22.55
N VAL A 147 16.11 9.25 22.50
CA VAL A 147 15.34 8.08 22.92
C VAL A 147 14.95 8.20 24.38
N GLY A 148 15.88 8.69 25.22
CA GLY A 148 15.57 8.84 26.63
C GLY A 148 14.43 9.81 26.88
N LEU A 149 14.41 10.92 26.13
CA LEU A 149 13.32 11.88 26.29
C LEU A 149 12.00 11.30 25.81
N VAL A 150 12.04 10.52 24.71
CA VAL A 150 10.82 9.90 24.20
C VAL A 150 10.27 8.90 25.20
N PHE A 151 11.15 8.15 25.87
CA PHE A 151 10.72 7.16 26.84
C PHE A 151 9.91 7.81 27.96
N PHE A 152 10.46 8.87 28.57
CA PHE A 152 9.74 9.54 29.64
C PHE A 152 8.49 10.24 29.12
N GLY A 153 8.55 10.81 27.92
CA GLY A 153 7.36 11.41 27.34
C GLY A 153 6.26 10.39 27.09
N CYS A 154 6.64 9.20 26.59
CA CYS A 154 5.66 8.15 26.38
C CYS A 154 5.04 7.68 27.69
N VAL A 155 5.87 7.54 28.74
CA VAL A 155 5.34 7.12 30.03
C VAL A 155 4.37 8.14 30.57
N LEU A 156 4.71 9.43 30.46
CA LEU A 156 3.79 10.48 30.91
C LEU A 156 2.50 10.45 30.12
N SER A 157 2.61 10.26 28.80
CA SER A 157 1.41 10.13 27.97
C SER A 157 0.60 8.91 28.40
N ALA A 158 1.28 7.81 28.74
CA ALA A 158 0.58 6.63 29.21
C ALA A 158 -0.21 6.92 30.48
N TYR A 159 0.39 7.68 31.41
CA TYR A 159 -0.32 8.03 32.64
C TYR A 159 -1.58 8.83 32.33
N VAL A 160 -1.48 9.81 31.43
CA VAL A 160 -2.65 10.60 31.06
C VAL A 160 -3.66 9.74 30.32
N VAL A 161 -3.19 8.91 29.39
CA VAL A 161 -4.09 8.06 28.62
C VAL A 161 -4.81 7.09 29.55
N PHE A 162 -4.10 6.54 30.53
CA PHE A 162 -4.72 5.59 31.44
C PHE A 162 -5.68 6.27 32.41
N ILE A 163 -5.41 7.53 32.76
CA ILE A 163 -6.35 8.28 33.60
C ILE A 163 -7.67 8.47 32.85
N ARG A 164 -7.59 8.86 31.58
CA ARG A 164 -8.80 8.96 30.77
C ARG A 164 -9.46 7.60 30.60
N LEU A 165 -8.67 6.56 30.39
CA LEU A 165 -9.22 5.22 30.30
C LEU A 165 -9.84 4.80 31.63
N ALA A 166 -9.25 5.22 32.74
CA ALA A 166 -9.87 4.98 34.04
C ALA A 166 -11.24 5.63 34.12
N LYS A 167 -11.37 6.83 33.58
CA LYS A 167 -12.66 7.52 33.60
C LYS A 167 -13.73 6.72 32.85
N LYS A 168 -13.36 6.10 31.73
CA LYS A 168 -14.31 5.34 30.92
C LYS A 168 -14.45 3.89 31.35
N TRP A 169 -13.56 3.39 32.20
CA TRP A 169 -13.57 1.96 32.52
C TRP A 169 -14.85 1.53 33.21
N PRO A 170 -15.36 2.27 34.20
CA PRO A 170 -16.58 1.82 34.89
C PRO A 170 -17.74 1.56 33.93
N ALA A 171 -17.89 2.40 32.91
CA ALA A 171 -18.90 2.14 31.88
C ALA A 171 -18.54 0.90 31.06
N VAL A 172 -17.26 0.76 30.72
CA VAL A 172 -16.84 -0.35 29.88
C VAL A 172 -17.05 -1.68 30.61
N VAL A 173 -16.63 -1.75 31.87
CA VAL A 173 -16.72 -3.00 32.61
C VAL A 173 -18.17 -3.36 32.87
N ARG A 174 -19.05 -2.36 32.98
CA ARG A 174 -20.46 -2.65 33.22
C ARG A 174 -21.13 -3.25 31.98
N ILE A 175 -20.86 -2.67 30.80
CA ILE A 175 -21.41 -3.23 29.57
C ILE A 175 -20.76 -4.57 29.27
N TRP A 176 -19.46 -4.70 29.55
CA TRP A 176 -18.77 -5.96 29.31
C TRP A 176 -19.38 -7.08 30.14
N THR A 177 -19.68 -6.80 31.41
CA THR A 177 -20.21 -7.85 32.28
C THR A 177 -21.58 -8.32 31.83
N ARG A 178 -22.50 -7.38 31.60
CA ARG A 178 -23.85 -7.77 31.19
C ARG A 178 -23.87 -8.36 29.79
N THR A 179 -22.88 -8.03 28.96
CA THR A 179 -22.79 -8.59 27.62
C THR A 179 -22.29 -10.03 27.61
N GLU A 180 -21.42 -10.39 28.55
CA GLU A 180 -20.81 -11.71 28.59
C GLU A 180 -21.55 -12.70 29.49
N ILE A 181 -22.61 -12.28 30.16
CA ILE A 181 -23.38 -13.18 31.02
C ILE A 181 -23.98 -14.31 30.18
N PRO A 182 -24.54 -14.05 29.01
CA PRO A 182 -25.09 -15.16 28.21
C PRO A 182 -24.08 -16.24 27.90
N PHE A 183 -22.81 -15.90 27.75
CA PHE A 183 -21.78 -16.87 27.41
C PHE A 183 -21.33 -17.70 28.60
N THR A 184 -21.78 -17.37 29.81
CA THR A 184 -21.45 -18.15 30.99
C THR A 184 -22.43 -19.28 31.25
N LYS A 185 -23.41 -19.47 30.37
CA LYS A 185 -24.43 -20.49 30.50
C LYS A 185 -24.58 -21.21 29.17
N PRO A 186 -25.13 -22.41 29.16
CA PRO A 186 -25.29 -23.16 27.91
C PRO A 186 -26.08 -22.35 26.89
N PRO A 187 -25.92 -22.64 25.59
CA PRO A 187 -25.15 -23.74 25.00
C PRO A 187 -23.66 -23.44 24.87
N TYR A 188 -23.18 -22.39 25.53
CA TYR A 188 -21.77 -22.04 25.50
C TYR A 188 -21.02 -22.79 26.59
N GLU A 189 -19.87 -23.35 26.22
CA GLU A 189 -19.06 -24.14 27.13
C GLU A 189 -17.70 -23.46 27.33
N ILE A 190 -17.19 -23.56 28.54
CA ILE A 190 -15.88 -22.99 28.86
C ILE A 190 -14.81 -23.76 28.10
N PRO A 191 -13.87 -23.09 27.42
CA PRO A 191 -12.84 -23.83 26.68
C PRO A 191 -11.88 -24.59 27.58
N LYS A 192 -10.89 -25.25 26.97
CA LYS A 192 -9.88 -25.96 27.75
C LYS A 192 -9.16 -25.02 28.71
N ARG A 193 -8.81 -23.82 28.24
CA ARG A 193 -8.14 -22.81 29.04
C ARG A 193 -9.10 -21.65 29.24
N ASN A 194 -9.59 -21.48 30.48
CA ASN A 194 -10.58 -20.45 30.76
C ASN A 194 -9.95 -19.07 30.66
N LEU A 195 -10.79 -18.03 30.75
CA LEU A 195 -10.32 -16.68 30.55
C LEU A 195 -9.27 -16.28 31.58
N SER A 196 -9.47 -16.68 32.84
CA SER A 196 -8.50 -16.34 33.88
C SER A 196 -7.13 -16.92 33.56
N ARG A 197 -7.08 -18.18 33.12
CA ARG A 197 -5.81 -18.79 32.80
C ARG A 197 -5.15 -18.12 31.59
N ARG A 198 -5.94 -17.77 30.58
CA ARG A 198 -5.39 -17.11 29.40
C ARG A 198 -4.76 -15.78 29.76
N VAL A 199 -5.43 -14.99 30.61
CA VAL A 199 -4.90 -13.69 31.00
C VAL A 199 -3.67 -13.86 31.87
N GLN A 200 -3.67 -14.85 32.76
CA GLN A 200 -2.54 -15.05 33.66
C GLN A 200 -1.28 -15.38 32.88
N LEU A 201 -1.39 -16.29 31.91
CA LEU A 201 -0.21 -16.71 31.15
C LEU A 201 0.39 -15.54 30.38
N ALA A 202 -0.47 -14.73 29.75
CA ALA A 202 0.03 -13.55 29.04
C ALA A 202 0.62 -12.54 30.01
N ALA A 203 -0.06 -12.30 31.12
CA ALA A 203 0.42 -11.31 32.08
C ALA A 203 1.73 -11.73 32.73
N LEU A 204 1.81 -12.98 33.16
CA LEU A 204 3.05 -13.45 33.80
C LEU A 204 4.20 -13.48 32.80
N ALA A 205 3.92 -13.87 31.55
CA ALA A 205 4.97 -13.88 30.54
C ALA A 205 5.51 -12.48 30.28
N ILE A 206 4.62 -11.50 30.17
CA ILE A 206 5.05 -10.12 29.93
C ILE A 206 5.74 -9.56 31.17
N ILE A 207 5.15 -9.78 32.34
CA ILE A 207 5.76 -9.31 33.57
C ILE A 207 7.10 -9.99 33.80
N GLY A 208 7.16 -11.31 33.59
CA GLY A 208 8.41 -12.01 33.76
C GLY A 208 9.48 -11.56 32.79
N LEU A 209 9.11 -11.39 31.51
CA LEU A 209 10.08 -10.92 30.52
C LEU A 209 10.50 -9.48 30.79
N SER A 210 9.55 -8.64 31.21
CA SER A 210 9.88 -7.26 31.51
C SER A 210 10.86 -7.16 32.68
N LEU A 211 10.67 -7.98 33.71
CA LEU A 211 11.60 -7.98 34.83
C LEU A 211 12.98 -8.41 34.38
N GLY A 212 13.06 -9.45 33.54
CA GLY A 212 14.36 -9.85 33.01
C GLY A 212 14.99 -8.77 32.16
N GLU A 213 14.17 -8.07 31.36
CA GLU A 213 14.70 -7.00 30.52
C GLU A 213 15.29 -5.89 31.38
N HIS A 214 14.63 -5.53 32.48
CA HIS A 214 15.17 -4.50 33.37
C HIS A 214 16.33 -5.04 34.18
N ALA A 215 16.25 -6.31 34.60
CA ALA A 215 17.36 -6.91 35.34
C ALA A 215 18.62 -6.93 34.50
N LEU A 216 18.50 -7.30 33.22
CA LEU A 216 19.65 -7.26 32.33
C LEU A 216 20.15 -5.84 32.13
N TYR A 217 19.23 -4.86 32.07
CA TYR A 217 19.65 -3.47 31.92
C TYR A 217 20.52 -3.02 33.09
N GLN A 218 20.10 -3.38 34.31
CA GLN A 218 20.87 -2.97 35.49
C GLN A 218 22.20 -3.71 35.56
N VAL A 219 22.20 -5.00 35.26
CA VAL A 219 23.45 -5.77 35.25
C VAL A 219 24.38 -5.22 34.18
N SER A 220 23.86 -4.96 32.99
CA SER A 220 24.69 -4.42 31.91
C SER A 220 25.26 -3.06 32.30
N ALA A 221 24.44 -2.20 32.89
CA ALA A 221 24.92 -0.87 33.29
C ALA A 221 25.92 -0.97 34.43
N ILE A 222 25.66 -1.83 35.41
CA ILE A 222 26.55 -1.95 36.56
C ILE A 222 27.88 -2.54 36.15
N LEU A 223 27.85 -3.62 35.37
CA LEU A 223 29.10 -4.26 34.94
C LEU A 223 29.93 -3.31 34.08
N SER A 224 29.27 -2.58 33.17
CA SER A 224 29.99 -1.63 32.33
C SER A 224 30.65 -0.56 33.18
N TYR A 225 29.94 -0.07 34.20
CA TYR A 225 30.48 0.94 35.09
C TYR A 225 31.68 0.42 35.86
N THR A 226 31.52 -0.73 36.52
CA THR A 226 32.61 -1.28 37.33
C THR A 226 33.79 -1.70 36.46
N ARG A 227 33.51 -2.34 35.33
CA ARG A 227 34.61 -2.80 34.47
C ARG A 227 35.41 -1.63 33.92
N ARG A 228 34.74 -0.54 33.57
CA ARG A 228 35.47 0.63 33.07
C ARG A 228 36.43 1.16 34.11
N ILE A 229 36.00 1.22 35.37
CA ILE A 229 36.86 1.71 36.43
C ILE A 229 37.98 0.70 36.73
N GLN A 230 37.64 -0.58 36.82
CA GLN A 230 38.61 -1.58 37.28
C GLN A 230 39.76 -1.74 36.28
N MET A 231 39.43 -1.95 35.00
CA MET A 231 40.43 -2.19 33.97
C MET A 231 40.95 -0.91 33.34
N CYS A 232 40.89 0.21 34.05
CA CYS A 232 41.22 1.50 33.44
C CYS A 232 42.73 1.75 33.42
N ALA A 233 43.45 1.34 34.47
CA ALA A 233 44.83 1.74 34.67
C ALA A 233 44.98 3.26 34.64
N ASN A 234 43.90 3.94 34.99
CA ASN A 234 43.73 5.38 34.81
C ASN A 234 42.78 5.86 35.90
N ILE A 235 42.04 6.95 35.66
CA ILE A 235 41.11 7.49 36.62
C ILE A 235 40.43 6.33 37.34
N THR A 236 40.45 6.36 38.68
CA THR A 236 40.02 5.22 39.49
C THR A 236 38.62 5.44 40.04
N THR A 237 38.41 6.49 40.84
CA THR A 237 37.10 6.76 41.40
C THR A 237 36.49 5.48 41.96
N VAL A 238 37.11 4.92 42.99
CA VAL A 238 36.82 3.57 43.49
C VAL A 238 35.32 3.29 43.37
N PRO A 239 34.92 2.14 42.83
CA PRO A 239 33.48 1.90 42.59
C PRO A 239 32.68 2.00 43.88
N SER A 240 31.50 2.59 43.78
CA SER A 240 30.60 2.72 44.90
C SER A 240 29.20 3.00 44.37
N PHE A 241 28.20 2.78 45.22
CA PHE A 241 26.83 3.06 44.83
C PHE A 241 26.64 4.54 44.50
N ASN A 242 27.25 5.41 45.32
CA ASN A 242 27.09 6.85 45.11
C ASN A 242 27.61 7.27 43.73
N ASN A 243 28.85 6.89 43.41
CA ASN A 243 29.44 7.31 42.15
C ASN A 243 28.67 6.75 40.97
N TYR A 244 28.22 5.49 41.06
CA TYR A 244 27.45 4.90 39.97
C TYR A 244 26.18 5.71 39.69
N MET A 245 25.47 6.11 40.74
CA MET A 245 24.25 6.90 40.55
C MET A 245 24.56 8.23 39.90
N GLN A 246 25.63 8.90 40.34
CA GLN A 246 25.97 10.20 39.76
C GLN A 246 26.48 10.06 38.33
N THR A 247 26.99 8.88 37.97
CA THR A 247 27.59 8.66 36.65
C THR A 247 26.54 8.26 35.62
N ASN A 248 25.83 7.16 35.86
CA ASN A 248 24.86 6.66 34.89
C ASN A 248 23.59 7.50 34.85
N TYR A 249 23.25 8.18 35.94
CA TYR A 249 22.05 9.00 36.03
C TYR A 249 22.41 10.47 36.19
N ASP A 250 23.44 10.92 35.47
CA ASP A 250 23.87 12.31 35.56
C ASP A 250 22.76 13.27 35.17
N TYR A 251 21.88 12.86 34.25
CA TYR A 251 20.83 13.76 33.80
C TYR A 251 19.88 14.14 34.91
N VAL A 252 19.81 13.34 35.98
CA VAL A 252 18.96 13.65 37.13
C VAL A 252 19.72 14.55 38.09
N PHE A 253 20.85 14.05 38.59
CA PHE A 253 21.60 14.76 39.62
C PHE A 253 22.26 16.03 39.11
N GLN A 254 22.30 16.23 37.79
CA GLN A 254 22.76 17.51 37.25
C GLN A 254 21.76 18.62 37.50
N LEU A 255 20.55 18.29 37.95
CA LEU A 255 19.53 19.27 38.30
C LEU A 255 19.16 19.22 39.78
N LEU A 256 19.09 18.04 40.37
CA LEU A 256 18.78 17.87 41.77
C LEU A 256 20.03 17.52 42.56
N PRO A 257 20.15 17.96 43.80
CA PRO A 257 21.29 17.55 44.63
C PRO A 257 21.25 16.05 44.88
N TYR A 258 22.43 15.43 44.91
CA TYR A 258 22.48 14.00 45.14
C TYR A 258 22.14 13.67 46.59
N SER A 259 21.56 12.49 46.78
CA SER A 259 21.28 11.95 48.10
C SER A 259 20.92 10.48 47.97
N PRO A 260 21.35 9.62 48.90
CA PRO A 260 20.98 8.20 48.79
C PRO A 260 19.49 7.97 48.75
N ILE A 261 18.71 8.81 49.45
CA ILE A 261 17.25 8.69 49.41
C ILE A 261 16.75 8.97 48.01
N ILE A 262 17.27 10.03 47.38
CA ILE A 262 16.91 10.31 46.00
C ILE A 262 17.44 9.23 45.07
N ALA A 263 18.63 8.68 45.39
CA ALA A 263 19.22 7.66 44.54
C ALA A 263 18.28 6.47 44.36
N VAL A 264 17.77 5.93 45.48
CA VAL A 264 16.87 4.79 45.38
C VAL A 264 15.55 5.21 44.74
N LEU A 265 15.09 6.44 45.01
CA LEU A 265 13.84 6.90 44.41
C LEU A 265 13.93 6.89 42.89
N ILE A 266 15.06 7.36 42.35
CA ILE A 266 15.24 7.32 40.90
C ILE A 266 15.23 5.89 40.39
N LEU A 267 15.87 4.99 41.12
CA LEU A 267 15.90 3.59 40.71
C LEU A 267 14.50 2.99 40.69
N LEU A 268 13.72 3.25 41.74
CA LEU A 268 12.37 2.70 41.81
C LEU A 268 11.48 3.29 40.71
N ILE A 269 11.57 4.61 40.52
CA ILE A 269 10.68 5.27 39.57
C ILE A 269 11.06 4.95 38.13
N ASN A 270 12.35 4.74 37.86
CA ASN A 270 12.73 4.26 36.54
C ASN A 270 12.23 2.84 36.31
N GLY A 271 12.23 2.00 37.35
CA GLY A 271 11.60 0.70 37.24
C GLY A 271 10.10 0.81 37.04
N ALA A 272 9.46 1.74 37.76
CA ALA A 272 8.03 1.97 37.57
C ALA A 272 7.75 2.45 36.15
N CYS A 273 8.59 3.36 35.63
CA CYS A 273 8.42 3.80 34.25
C CYS A 273 8.56 2.64 33.29
N THR A 274 9.48 1.72 33.57
CA THR A 274 9.61 0.54 32.72
C THR A 274 8.36 -0.32 32.78
N PHE A 275 7.78 -0.48 33.96
CA PHE A 275 6.54 -1.25 34.09
C PHE A 275 5.41 -0.59 33.32
N VAL A 276 5.29 0.73 33.43
CA VAL A 276 4.23 1.44 32.71
C VAL A 276 4.40 1.28 31.21
N TRP A 277 5.64 1.41 30.73
CA TRP A 277 5.91 1.23 29.31
C TRP A 277 5.49 -0.15 28.83
N ASN A 278 5.63 -1.16 29.68
CA ASN A 278 5.26 -2.52 29.33
C ASN A 278 3.79 -2.83 29.58
N TYR A 279 3.15 -2.10 30.49
CA TYR A 279 1.75 -2.39 30.80
C TYR A 279 0.81 -1.92 29.70
N MET A 280 1.21 -0.92 28.92
CA MET A 280 0.38 -0.50 27.78
C MET A 280 0.13 -1.68 26.85
N ASP A 281 1.19 -2.41 26.52
CA ASP A 281 1.05 -3.59 25.67
C ASP A 281 0.32 -4.72 26.39
N LEU A 282 0.62 -4.91 27.68
CA LEU A 282 -0.04 -5.97 28.43
C LEU A 282 -1.54 -5.72 28.53
N PHE A 283 -1.93 -4.48 28.82
CA PHE A 283 -3.36 -4.18 28.96
C PHE A 283 -4.10 -4.45 27.67
N ILE A 284 -3.49 -4.11 26.53
CA ILE A 284 -4.14 -4.39 25.24
C ILE A 284 -4.26 -5.89 25.04
N MET A 285 -3.28 -6.67 25.52
CA MET A 285 -3.34 -8.11 25.36
C MET A 285 -4.47 -8.71 26.19
N MET A 286 -4.57 -8.32 27.47
CA MET A 286 -5.62 -8.86 28.31
C MET A 286 -7.00 -8.49 27.78
N ILE A 287 -7.15 -7.25 27.31
CA ILE A 287 -8.42 -6.82 26.72
C ILE A 287 -8.71 -7.62 25.46
N SER A 288 -7.69 -7.81 24.62
CA SER A 288 -7.88 -8.61 23.41
C SER A 288 -8.22 -10.06 23.76
N LYS A 289 -7.58 -10.61 24.79
CA LYS A 289 -7.89 -11.97 25.21
C LYS A 289 -9.34 -12.08 25.66
N GLY A 290 -9.83 -11.08 26.39
CA GLY A 290 -11.22 -11.12 26.85
C GLY A 290 -12.22 -11.05 25.72
N LEU A 291 -11.92 -10.30 24.67
CA LEU A 291 -12.87 -10.15 23.57
C LEU A 291 -12.85 -11.35 22.64
N SER A 292 -11.66 -11.80 22.24
CA SER A 292 -11.57 -12.99 21.40
C SER A 292 -12.03 -14.23 22.13
N TYR A 293 -12.07 -14.20 23.46
CA TYR A 293 -12.58 -15.33 24.23
C TYR A 293 -14.04 -15.59 23.92
N ARG A 294 -14.85 -14.53 23.89
CA ARG A 294 -16.28 -14.70 23.64
C ARG A 294 -16.55 -15.00 22.17
N PHE A 295 -15.80 -14.37 21.26
CA PHE A 295 -15.96 -14.68 19.85
C PHE A 295 -15.60 -16.14 19.58
N GLU A 296 -14.58 -16.66 20.27
CA GLU A 296 -14.24 -18.07 20.14
C GLU A 296 -15.37 -18.97 20.64
N GLN A 297 -16.03 -18.56 21.71
CA GLN A 297 -17.17 -19.33 22.22
C GLN A 297 -18.30 -19.36 21.20
N ILE A 298 -18.56 -18.22 20.54
CA ILE A 298 -19.57 -18.19 19.49
C ILE A 298 -19.20 -19.14 18.35
N THR A 299 -17.92 -19.11 17.96
CA THR A 299 -17.46 -20.02 16.90
C THR A 299 -17.60 -21.47 17.33
N THR A 300 -17.27 -21.77 18.59
CA THR A 300 -17.40 -23.14 19.08
C THR A 300 -18.85 -23.59 19.06
N ARG A 301 -19.77 -22.71 19.46
CA ARG A 301 -21.18 -23.05 19.43
C ARG A 301 -21.64 -23.33 18.00
N ILE A 302 -21.18 -22.52 17.05
CA ILE A 302 -21.56 -22.73 15.65
C ILE A 302 -21.00 -24.06 15.15
N ARG A 303 -19.80 -24.44 15.61
CA ARG A 303 -19.22 -25.71 15.20
C ARG A 303 -20.06 -26.89 15.69
N LYS A 304 -20.87 -26.69 16.73
CA LYS A 304 -21.73 -27.76 17.20
C LYS A 304 -22.90 -28.02 16.27
N LEU A 305 -23.10 -27.18 15.25
CA LEU A 305 -24.22 -27.30 14.33
C LEU A 305 -23.79 -27.70 12.92
N GLU A 306 -22.59 -28.28 12.78
CA GLU A 306 -22.07 -28.56 11.45
C GLU A 306 -22.96 -29.53 10.68
N HIS A 307 -23.39 -30.61 11.32
CA HIS A 307 -24.12 -31.66 10.63
C HIS A 307 -25.50 -31.87 11.24
N GLU A 308 -26.22 -30.77 11.51
CA GLU A 308 -27.53 -30.84 12.11
C GLU A 308 -28.46 -29.87 11.39
N GLU A 309 -29.75 -30.16 11.47
CA GLU A 309 -30.78 -29.25 10.98
C GLU A 309 -31.10 -28.26 12.09
N VAL A 310 -30.83 -26.99 11.85
CA VAL A 310 -30.88 -25.96 12.88
C VAL A 310 -32.16 -25.17 12.74
N CYS A 311 -32.88 -25.01 13.86
CA CYS A 311 -34.08 -24.20 13.88
C CYS A 311 -33.72 -22.72 13.75
N GLU A 312 -34.67 -21.95 13.20
CA GLU A 312 -34.42 -20.51 13.01
C GLU A 312 -34.19 -19.81 14.34
N SER A 313 -34.76 -20.33 15.42
CA SER A 313 -34.56 -19.70 16.73
C SER A 313 -33.10 -19.75 17.14
N VAL A 314 -32.41 -20.86 16.86
CA VAL A 314 -31.01 -20.98 17.22
C VAL A 314 -30.18 -19.90 16.54
N PHE A 315 -30.42 -19.69 15.23
CA PHE A 315 -29.66 -18.68 14.51
C PHE A 315 -30.00 -17.27 14.98
N ILE A 316 -31.22 -17.04 15.47
CA ILE A 316 -31.57 -15.74 16.03
C ILE A 316 -30.70 -15.45 17.25
N GLN A 317 -30.56 -16.43 18.13
CA GLN A 317 -29.76 -16.25 19.32
C GLN A 317 -28.29 -16.03 18.97
N ILE A 318 -27.78 -16.82 18.02
CA ILE A 318 -26.37 -16.71 17.65
C ILE A 318 -26.10 -15.33 17.06
N ARG A 319 -26.98 -14.86 16.17
CA ARG A 319 -26.80 -13.54 15.58
C ARG A 319 -26.91 -12.44 16.64
N GLU A 320 -27.86 -12.57 17.55
CA GLU A 320 -28.02 -11.57 18.60
C GLU A 320 -26.81 -11.52 19.51
N HIS A 321 -26.30 -12.69 19.91
CA HIS A 321 -25.10 -12.72 20.73
C HIS A 321 -23.90 -12.19 19.97
N TYR A 322 -23.77 -12.56 18.70
CA TYR A 322 -22.68 -12.03 17.89
C TYR A 322 -22.77 -10.52 17.75
N VAL A 323 -23.98 -10.00 17.53
CA VAL A 323 -24.15 -8.54 17.41
C VAL A 323 -23.81 -7.86 18.72
N LYS A 324 -24.24 -8.45 19.85
CA LYS A 324 -23.91 -7.86 21.15
C LYS A 324 -22.41 -7.83 21.37
N MET A 325 -21.71 -8.90 21.00
CA MET A 325 -20.26 -8.92 21.11
C MET A 325 -19.63 -7.85 20.24
N CYS A 326 -20.15 -7.65 19.03
CA CYS A 326 -19.63 -6.60 18.16
C CYS A 326 -19.88 -5.22 18.74
N GLU A 327 -21.05 -5.02 19.37
CA GLU A 327 -21.31 -3.75 20.04
C GLU A 327 -20.31 -3.51 21.17
N LEU A 328 -20.02 -4.57 21.95
CA LEU A 328 -19.05 -4.43 23.03
C LEU A 328 -17.67 -4.10 22.50
N LEU A 329 -17.27 -4.72 21.39
CA LEU A 329 -15.98 -4.40 20.79
C LEU A 329 -15.92 -2.95 20.35
N GLU A 330 -17.00 -2.44 19.76
CA GLU A 330 -17.03 -1.03 19.37
C GLU A 330 -16.89 -0.12 20.58
N PHE A 331 -17.60 -0.46 21.66
CA PHE A 331 -17.50 0.33 22.89
C PHE A 331 -16.09 0.25 23.47
N VAL A 332 -15.53 -0.97 23.54
CA VAL A 332 -14.18 -1.13 24.06
C VAL A 332 -13.16 -0.46 23.15
N ASP A 333 -13.34 -0.60 21.84
CA ASP A 333 -12.39 -0.01 20.89
C ASP A 333 -12.34 1.51 21.06
N SER A 334 -13.49 2.15 21.21
CA SER A 334 -13.52 3.60 21.39
C SER A 334 -12.82 4.00 22.68
N ALA A 335 -13.05 3.26 23.76
CA ALA A 335 -12.43 3.59 25.04
C ALA A 335 -10.92 3.43 24.97
N MET A 336 -10.44 2.41 24.28
CA MET A 336 -9.02 2.09 24.21
C MET A 336 -8.37 2.60 22.94
N SER A 337 -9.05 3.45 22.16
CA SER A 337 -8.50 3.90 20.90
C SER A 337 -7.21 4.68 21.10
N SER A 338 -7.16 5.53 22.14
CA SER A 338 -5.95 6.31 22.38
C SER A 338 -4.82 5.42 22.87
N LEU A 339 -5.11 4.47 23.75
CA LEU A 339 -4.06 3.58 24.25
C LEU A 339 -3.45 2.76 23.12
N ILE A 340 -4.28 2.23 22.23
CA ILE A 340 -3.76 1.49 21.09
C ILE A 340 -2.90 2.38 20.22
N LEU A 341 -3.36 3.61 19.97
CA LEU A 341 -2.60 4.53 19.14
C LEU A 341 -1.26 4.88 19.78
N LEU A 342 -1.26 5.14 21.09
CA LEU A 342 -0.02 5.47 21.78
C LEU A 342 0.92 4.27 21.81
N SER A 343 0.38 3.09 22.08
CA SER A 343 1.22 1.89 22.15
C SER A 343 1.85 1.59 20.79
N CYS A 344 1.07 1.72 19.71
CA CYS A 344 1.58 1.39 18.39
C CYS A 344 2.71 2.34 17.98
N VAL A 345 2.52 3.64 18.19
CA VAL A 345 3.54 4.61 17.82
C VAL A 345 4.77 4.45 18.73
N ASN A 346 4.55 4.21 20.02
CA ASN A 346 5.66 4.01 20.93
C ASN A 346 6.48 2.78 20.53
N ASN A 347 5.80 1.68 20.20
CA ASN A 347 6.50 0.47 19.82
C ASN A 347 7.23 0.65 18.48
N LEU A 348 6.59 1.34 17.54
CA LEU A 348 7.19 1.53 16.22
C LEU A 348 8.49 2.31 16.32
N TYR A 349 8.51 3.37 17.12
CA TYR A 349 9.71 4.18 17.25
C TYR A 349 10.84 3.39 17.90
N PHE A 350 10.53 2.72 19.02
CA PHE A 350 11.58 2.00 19.74
C PHE A 350 12.09 0.81 18.95
N VAL A 351 11.21 0.10 18.25
CA VAL A 351 11.64 -1.00 17.40
C VAL A 351 12.54 -0.48 16.29
N CYS A 352 12.14 0.62 15.64
CA CYS A 352 12.98 1.21 14.61
C CYS A 352 14.29 1.73 15.18
N TYR A 353 14.22 2.36 16.35
CA TYR A 353 15.43 2.90 16.97
C TYR A 353 16.41 1.77 17.32
N GLN A 354 15.90 0.71 17.94
CA GLN A 354 16.77 -0.40 18.35
C GLN A 354 17.32 -1.15 17.14
N LEU A 355 16.49 -1.38 16.13
CA LEU A 355 16.95 -2.08 14.94
C LEU A 355 18.08 -1.33 14.25
N LEU A 356 18.15 -0.01 14.45
CA LEU A 356 19.23 0.80 13.88
C LEU A 356 20.56 0.59 14.57
N ASN A 357 20.58 -0.08 15.73
CA ASN A 357 21.81 -0.28 16.49
C ASN A 357 22.24 -1.74 16.52
N VAL A 358 21.67 -2.58 15.65
CA VAL A 358 22.05 -3.99 15.62
C VAL A 358 23.50 -4.12 15.16
N PHE A 359 23.95 -3.27 14.23
CA PHE A 359 25.30 -3.34 13.71
C PHE A 359 26.30 -2.56 14.55
N ASN A 360 25.84 -1.79 15.53
CA ASN A 360 26.74 -1.05 16.40
C ASN A 360 27.57 -2.02 17.23
N LYS A 361 28.77 -1.59 17.64
CA LYS A 361 29.69 -2.43 18.40
C LYS A 361 29.62 -2.02 19.87
N LEU A 362 29.38 -3.01 20.73
CA LEU A 362 29.32 -2.80 22.17
C LEU A 362 30.55 -3.41 22.83
N ARG A 363 30.90 -2.88 24.00
CA ARG A 363 32.14 -3.27 24.65
C ARG A 363 32.09 -4.71 25.14
N TRP A 364 31.17 -5.00 26.05
CA TRP A 364 31.17 -6.27 26.75
C TRP A 364 30.08 -7.19 26.23
N PRO A 365 30.24 -8.51 26.39
CA PRO A 365 29.16 -9.42 25.95
C PRO A 365 27.85 -9.18 26.67
N ILE A 366 27.89 -8.75 27.93
CA ILE A 366 26.65 -8.47 28.65
C ILE A 366 25.87 -7.37 27.95
N ASN A 367 26.57 -6.38 27.41
CA ASN A 367 25.90 -5.34 26.63
C ASN A 367 25.19 -5.93 25.42
N TYR A 368 25.84 -6.87 24.74
CA TYR A 368 25.19 -7.55 23.63
C TYR A 368 23.98 -8.36 24.10
N ILE A 369 24.11 -9.03 25.24
CA ILE A 369 23.00 -9.83 25.76
C ILE A 369 21.81 -8.94 26.07
N TYR A 370 22.06 -7.80 26.72
CA TYR A 370 20.96 -6.90 27.06
C TYR A 370 20.32 -6.32 25.81
N PHE A 371 21.14 -5.87 24.86
CA PHE A 371 20.60 -5.25 23.66
C PHE A 371 19.72 -6.21 22.88
N TRP A 372 20.18 -7.45 22.70
CA TRP A 372 19.42 -8.41 21.91
C TRP A 372 18.22 -8.97 22.68
N TYR A 373 18.36 -9.14 23.99
CA TYR A 373 17.19 -9.47 24.80
C TYR A 373 16.18 -8.34 24.76
N SER A 374 16.65 -7.10 24.86
CA SER A 374 15.77 -5.94 24.79
C SER A 374 15.13 -5.83 23.41
N LEU A 375 15.90 -6.06 22.35
CA LEU A 375 15.38 -5.93 21.00
C LEU A 375 14.39 -7.05 20.69
N LEU A 376 14.76 -8.29 20.99
CA LEU A 376 13.88 -9.42 20.71
C LEU A 376 12.60 -9.33 21.53
N TYR A 377 12.71 -8.97 22.81
CA TYR A 377 11.53 -8.83 23.63
C TYR A 377 10.63 -7.72 23.11
N LEU A 378 11.23 -6.59 22.71
CA LEU A 378 10.43 -5.48 22.18
C LEU A 378 9.71 -5.89 20.90
N ILE A 379 10.42 -6.59 19.99
CA ILE A 379 9.78 -7.06 18.77
C ILE A 379 8.72 -8.10 19.08
N GLY A 380 9.05 -9.03 19.98
CA GLY A 380 8.07 -10.04 20.35
C GLY A 380 6.86 -9.45 21.04
N ARG A 381 7.07 -8.49 21.94
CA ARG A 381 5.95 -7.84 22.60
C ARG A 381 5.08 -7.11 21.60
N THR A 382 5.69 -6.39 20.65
CA THR A 382 4.93 -5.68 19.64
C THR A 382 4.15 -6.66 18.77
N ALA A 383 4.79 -7.77 18.38
CA ALA A 383 4.12 -8.74 17.52
C ALA A 383 2.92 -9.37 18.23
N PHE A 384 3.09 -9.70 19.51
CA PHE A 384 2.02 -10.41 20.22
C PHE A 384 0.87 -9.47 20.57
N VAL A 385 1.13 -8.17 20.72
CA VAL A 385 0.05 -7.22 20.88
C VAL A 385 -0.82 -7.20 19.63
N PHE A 386 -0.17 -7.15 18.47
CA PHE A 386 -0.91 -7.17 17.22
C PHE A 386 -1.57 -8.51 16.97
N LEU A 387 -0.85 -9.60 17.27
CA LEU A 387 -1.39 -10.93 17.04
C LEU A 387 -2.54 -11.25 18.00
N THR A 388 -2.38 -10.91 19.28
CA THR A 388 -3.47 -11.12 20.22
C THR A 388 -4.67 -10.28 19.86
N ALA A 389 -4.46 -9.02 19.46
CA ALA A 389 -5.57 -8.19 19.01
C ALA A 389 -6.15 -8.69 17.69
N ALA A 390 -5.30 -9.14 16.77
CA ALA A 390 -5.78 -9.67 15.50
C ALA A 390 -6.57 -10.95 15.67
N ASP A 391 -6.45 -11.64 16.81
CA ASP A 391 -7.23 -12.85 17.03
C ASP A 391 -8.72 -12.56 17.11
N ILE A 392 -9.11 -11.34 17.51
CA ILE A 392 -10.52 -10.97 17.48
C ILE A 392 -11.03 -11.01 16.05
N ASN A 393 -10.26 -10.43 15.12
CA ASN A 393 -10.64 -10.46 13.72
C ASN A 393 -10.65 -11.88 13.18
N GLU A 394 -9.61 -12.66 13.50
CA GLU A 394 -9.53 -14.03 12.99
C GLU A 394 -10.66 -14.89 13.54
N GLU A 395 -10.97 -14.75 14.82
CA GLU A 395 -12.00 -15.58 15.43
C GLU A 395 -13.38 -15.25 14.87
N SER A 396 -13.63 -13.99 14.55
CA SER A 396 -14.92 -13.61 13.95
C SER A 396 -15.12 -14.30 12.61
N LYS A 397 -14.07 -14.38 11.80
CA LYS A 397 -14.17 -15.00 10.48
C LYS A 397 -14.12 -16.52 10.53
N ARG A 398 -13.81 -17.12 11.68
CA ARG A 398 -13.75 -18.58 11.77
C ARG A 398 -15.12 -19.21 11.79
N GLY A 399 -16.15 -18.51 12.26
CA GLY A 399 -17.50 -19.03 12.20
C GLY A 399 -18.11 -18.99 10.81
N LEU A 400 -17.55 -18.19 9.90
CA LEU A 400 -18.06 -18.12 8.54
C LEU A 400 -17.96 -19.47 7.84
N GLY A 401 -16.83 -20.16 8.03
CA GLY A 401 -16.64 -21.43 7.36
C GLY A 401 -17.70 -22.46 7.72
N VAL A 402 -18.21 -22.40 8.95
CA VAL A 402 -19.24 -23.35 9.37
C VAL A 402 -20.61 -22.89 8.92
N LEU A 403 -20.86 -21.58 8.93
CA LEU A 403 -22.14 -21.07 8.45
C LEU A 403 -22.33 -21.34 6.97
N ARG A 404 -21.24 -21.39 6.20
CA ARG A 404 -21.34 -21.68 4.78
C ARG A 404 -21.73 -23.13 4.51
N ARG A 405 -21.58 -24.01 5.50
CA ARG A 405 -21.98 -25.41 5.37
C ARG A 405 -23.43 -25.65 5.76
N VAL A 406 -24.16 -24.62 6.19
CA VAL A 406 -25.54 -24.80 6.60
C VAL A 406 -26.34 -25.38 5.46
N SER A 407 -27.13 -26.41 5.76
CA SER A 407 -27.89 -27.10 4.73
C SER A 407 -28.92 -26.15 4.11
N SER A 408 -29.46 -26.58 2.97
CA SER A 408 -30.46 -25.77 2.28
C SER A 408 -31.75 -25.67 3.08
N ARG A 409 -32.09 -26.71 3.84
CA ARG A 409 -33.32 -26.67 4.65
C ARG A 409 -33.15 -25.77 5.86
N SER A 410 -31.97 -25.77 6.49
CA SER A 410 -31.72 -24.92 7.64
C SER A 410 -31.48 -23.47 7.25
N TRP A 411 -31.18 -23.20 5.98
CA TRP A 411 -30.93 -21.84 5.55
C TRP A 411 -32.15 -20.96 5.75
N CYS A 412 -31.92 -19.75 6.25
CA CYS A 412 -33.00 -18.80 6.50
C CYS A 412 -32.42 -17.40 6.42
N VAL A 413 -33.27 -16.41 6.67
CA VAL A 413 -32.84 -15.01 6.60
C VAL A 413 -31.82 -14.72 7.69
N GLU A 414 -31.98 -15.32 8.86
CA GLU A 414 -31.06 -15.03 9.96
C GLU A 414 -29.63 -15.45 9.62
N VAL A 415 -29.46 -16.63 9.01
CA VAL A 415 -28.14 -17.04 8.57
C VAL A 415 -27.61 -16.07 7.52
N GLU A 416 -28.46 -15.68 6.58
CA GLU A 416 -28.05 -14.72 5.56
C GLU A 416 -27.62 -13.40 6.18
N ARG A 417 -28.38 -12.92 7.18
CA ARG A 417 -27.99 -11.72 7.89
C ARG A 417 -26.65 -11.91 8.59
N LEU A 418 -26.51 -13.04 9.30
CA LEU A 418 -25.28 -13.27 10.05
C LEU A 418 -24.08 -13.39 9.13
N ILE A 419 -24.21 -14.15 8.04
CA ILE A 419 -23.08 -14.34 7.13
C ILE A 419 -22.67 -13.00 6.50
N PHE A 420 -23.65 -12.17 6.17
CA PHE A 420 -23.33 -10.86 5.60
C PHE A 420 -22.55 -10.01 6.59
N GLN A 421 -22.94 -10.05 7.87
CA GLN A 421 -22.24 -9.25 8.88
C GLN A 421 -20.82 -9.76 9.09
N MET A 422 -20.66 -11.07 9.27
CA MET A 422 -19.32 -11.63 9.43
C MET A 422 -18.46 -11.34 8.21
N THR A 423 -19.04 -11.46 7.02
CA THR A 423 -18.27 -11.32 5.79
C THR A 423 -17.82 -9.87 5.57
N THR A 424 -18.71 -8.91 5.76
CA THR A 424 -18.44 -7.53 5.37
C THR A 424 -17.98 -6.64 6.52
N GLN A 425 -18.27 -7.01 7.76
CA GLN A 425 -17.85 -6.19 8.89
C GLN A 425 -16.42 -6.54 9.29
N THR A 426 -15.64 -5.51 9.58
CA THR A 426 -14.28 -5.67 10.09
C THR A 426 -14.36 -5.62 11.61
N VAL A 427 -14.34 -6.80 12.24
CA VAL A 427 -14.48 -6.92 13.69
C VAL A 427 -13.06 -6.96 14.26
N ALA A 428 -12.54 -5.79 14.66
CA ALA A 428 -11.19 -5.72 15.17
C ALA A 428 -11.03 -4.42 15.95
N LEU A 429 -10.03 -4.41 16.84
CA LEU A 429 -9.64 -3.17 17.51
C LEU A 429 -8.93 -2.26 16.52
N SER A 430 -9.05 -0.95 16.76
CA SER A 430 -8.52 0.03 15.82
C SER A 430 -7.88 1.17 16.59
N GLY A 431 -6.86 1.77 15.96
CA GLY A 431 -6.24 2.97 16.49
C GLY A 431 -6.97 4.22 16.04
N LYS A 432 -8.11 4.51 16.68
CA LYS A 432 -8.96 5.64 16.29
C LYS A 432 -9.49 5.48 14.87
N LYS A 433 -9.65 4.23 14.43
CA LYS A 433 -10.13 3.87 13.10
C LYS A 433 -9.14 4.22 12.00
N PHE A 434 -7.96 4.74 12.35
CA PHE A 434 -6.93 4.97 11.33
C PHE A 434 -6.39 3.66 10.78
N TYR A 435 -6.37 2.62 11.61
CA TYR A 435 -5.96 1.29 11.19
C TYR A 435 -6.64 0.30 12.11
N PHE A 436 -6.74 -0.95 11.64
CA PHE A 436 -7.39 -2.02 12.38
C PHE A 436 -6.35 -3.09 12.69
N LEU A 437 -6.33 -3.54 13.94
CA LEU A 437 -5.36 -4.54 14.38
C LEU A 437 -5.75 -5.88 13.78
N THR A 438 -5.16 -6.20 12.62
CA THR A 438 -5.36 -7.45 11.93
C THR A 438 -4.00 -8.04 11.59
N ARG A 439 -4.02 -9.27 11.05
CA ARG A 439 -2.76 -9.89 10.64
C ARG A 439 -2.18 -9.18 9.42
N ARG A 440 -3.03 -8.62 8.55
CA ARG A 440 -2.53 -7.85 7.43
C ARG A 440 -1.78 -6.62 7.91
N LEU A 441 -2.28 -5.95 8.96
CA LEU A 441 -1.60 -4.77 9.47
C LEU A 441 -0.22 -5.12 10.03
N LEU A 442 -0.11 -6.23 10.75
CA LEU A 442 1.20 -6.63 11.27
C LEU A 442 2.17 -6.90 10.15
N PHE A 443 1.70 -7.51 9.06
CA PHE A 443 2.53 -7.66 7.88
C PHE A 443 2.91 -6.30 7.31
N GLY A 444 1.96 -5.37 7.25
CA GLY A 444 2.26 -4.03 6.79
C GLY A 444 3.22 -3.31 7.72
N MET A 445 3.06 -3.52 9.03
CA MET A 445 3.99 -2.91 9.99
C MET A 445 5.40 -3.43 9.78
N ALA A 446 5.56 -4.74 9.58
CA ALA A 446 6.88 -5.30 9.34
C ALA A 446 7.48 -4.74 8.06
N GLY A 447 6.68 -4.65 7.00
CA GLY A 447 7.16 -4.07 5.76
C GLY A 447 7.56 -2.61 5.92
N THR A 448 6.76 -1.86 6.68
CA THR A 448 7.09 -0.46 6.92
C THR A 448 8.38 -0.32 7.70
N ILE A 449 8.58 -1.16 8.72
CA ILE A 449 9.80 -1.08 9.52
C ILE A 449 11.01 -1.38 8.66
N VAL A 450 10.92 -2.40 7.79
CA VAL A 450 12.04 -2.73 6.92
C VAL A 450 12.38 -1.54 6.02
N THR A 451 11.35 -0.90 5.46
CA THR A 451 11.60 0.25 4.59
C THR A 451 12.28 1.38 5.36
N TYR A 452 11.81 1.67 6.57
CA TYR A 452 12.41 2.73 7.36
C TYR A 452 13.86 2.39 7.71
N GLU A 453 14.11 1.14 8.11
CA GLU A 453 15.47 0.76 8.50
C GLU A 453 16.44 0.85 7.33
N LEU A 454 16.01 0.42 6.13
CA LEU A 454 16.88 0.51 4.97
C LEU A 454 17.25 1.96 4.68
N VAL A 455 16.28 2.86 4.74
CA VAL A 455 16.57 4.27 4.54
C VAL A 455 17.35 4.86 5.71
N LEU A 456 16.97 4.51 6.94
CA LEU A 456 17.60 5.11 8.11
C LEU A 456 19.01 4.59 8.34
N LEU A 457 19.32 3.38 7.88
CA LEU A 457 20.67 2.85 8.09
C LEU A 457 21.72 3.70 7.39
N GLN A 458 21.34 4.39 6.31
CA GLN A 458 22.26 5.32 5.67
C GLN A 458 22.59 6.49 6.60
N PHE A 459 21.61 6.96 7.36
CA PHE A 459 21.85 8.04 8.31
C PHE A 459 22.87 7.62 9.37
N ASP A 460 22.78 6.38 9.85
CA ASP A 460 23.60 5.90 10.95
C ASP A 460 24.95 5.34 10.49
N GLU A 461 25.23 5.34 9.18
CA GLU A 461 26.51 4.81 8.70
C GLU A 461 27.69 5.55 9.32
N PRO A 462 27.73 6.88 9.33
CA PRO A 462 28.89 7.57 9.94
C PRO A 462 29.19 7.12 11.36
N ASN A 463 28.20 7.20 12.26
CA ASN A 463 28.42 6.78 13.64
C ASN A 463 28.75 5.29 13.73
N ARG A 464 28.24 4.48 12.81
CA ARG A 464 28.56 3.05 12.83
C ARG A 464 30.04 2.81 12.60
N ARG A 465 30.63 3.52 11.64
CA ARG A 465 32.04 3.30 11.31
C ARG A 465 32.99 3.93 12.33
N LYS A 466 32.50 4.85 13.16
CA LYS A 466 33.36 5.40 14.21
C LYS A 466 33.77 4.33 15.20
N GLY A 467 32.90 3.37 15.47
CA GLY A 467 33.21 2.29 16.40
C GLY A 467 33.09 2.73 17.84
N LEU A 468 33.38 1.79 18.73
CA LEU A 468 33.33 2.07 20.16
C LEU A 468 34.50 2.97 20.56
N GLN A 469 34.23 3.86 21.51
CA GLN A 469 35.23 4.80 21.99
C GLN A 469 36.21 4.11 22.93
N PRO A 470 37.37 4.72 23.16
CA PRO A 470 38.34 4.12 24.09
C PRO A 470 37.72 3.95 25.48
N LEU A 471 38.08 2.84 26.13
CA LEU A 471 37.49 2.52 27.43
C LEU A 471 37.79 3.62 28.46
N CYS A 472 39.06 4.00 28.59
CA CYS A 472 39.43 5.00 29.57
C CYS A 472 38.81 6.35 29.23
N ALA A 473 38.82 6.73 27.96
CA ALA A 473 38.27 8.02 27.53
C ALA A 473 36.77 8.08 27.79
N LEU B 67 -14.18 -49.81 -0.77
CA LEU B 67 -13.28 -48.66 -0.85
C LEU B 67 -12.90 -48.38 -2.30
N PRO B 68 -12.61 -47.11 -2.61
CA PRO B 68 -12.23 -46.76 -3.98
C PRO B 68 -10.89 -47.38 -4.36
N ASN B 69 -10.74 -47.63 -5.66
CA ASN B 69 -9.51 -48.21 -6.20
C ASN B 69 -8.50 -47.08 -6.37
N TYR B 70 -7.61 -46.92 -5.39
CA TYR B 70 -6.59 -45.87 -5.43
C TYR B 70 -5.52 -46.13 -6.48
N THR B 71 -5.46 -47.32 -7.06
CA THR B 71 -4.36 -47.66 -7.95
C THR B 71 -4.35 -46.78 -9.20
N ASN B 72 -5.52 -46.60 -9.83
CA ASN B 72 -5.61 -45.90 -11.10
C ASN B 72 -6.38 -44.59 -11.02
N LEU B 73 -6.97 -44.26 -9.88
CA LEU B 73 -7.71 -43.01 -9.76
C LEU B 73 -6.77 -41.82 -9.92
N ASP B 74 -7.30 -40.74 -10.50
CA ASP B 74 -6.53 -39.51 -10.70
C ASP B 74 -6.62 -38.69 -9.42
N LEU B 75 -5.80 -39.06 -8.45
CA LEU B 75 -5.78 -38.44 -7.14
C LEU B 75 -4.51 -37.64 -6.94
N PHE B 76 -4.53 -36.78 -5.92
CA PHE B 76 -3.36 -35.96 -5.63
C PHE B 76 -2.22 -36.80 -5.07
N HIS B 77 -2.53 -37.76 -4.20
CA HIS B 77 -1.48 -38.56 -3.59
C HIS B 77 -0.67 -39.30 -4.63
N ARG B 78 -1.34 -39.90 -5.62
CA ARG B 78 -0.64 -40.57 -6.71
C ARG B 78 0.24 -39.61 -7.49
N ALA B 79 -0.15 -38.34 -7.60
CA ALA B 79 0.58 -37.38 -8.41
C ALA B 79 1.85 -36.88 -7.74
N VAL B 80 1.89 -36.84 -6.40
CA VAL B 80 3.01 -36.24 -5.70
C VAL B 80 3.90 -37.26 -5.01
N PHE B 81 3.39 -38.46 -4.70
CA PHE B 81 4.22 -39.41 -3.96
C PHE B 81 5.54 -39.72 -4.66
N PRO B 82 5.63 -39.82 -5.99
CA PRO B 82 6.95 -40.07 -6.60
C PRO B 82 7.96 -39.00 -6.25
N PHE B 83 7.53 -37.75 -6.15
CA PHE B 83 8.43 -36.66 -5.81
C PHE B 83 8.56 -36.47 -4.30
N MET B 84 7.52 -36.83 -3.54
CA MET B 84 7.66 -36.85 -2.09
C MET B 84 8.66 -37.93 -1.66
N PHE B 85 8.62 -39.09 -2.32
CA PHE B 85 9.60 -40.13 -2.05
C PHE B 85 11.00 -39.69 -2.43
N LEU B 86 11.14 -38.99 -3.57
CA LEU B 86 12.44 -38.49 -3.97
C LEU B 86 12.98 -37.51 -2.94
N ALA B 87 12.11 -36.63 -2.42
CA ALA B 87 12.54 -35.72 -1.36
C ALA B 87 12.96 -36.48 -0.11
N GLN B 88 12.35 -37.64 0.13
CA GLN B 88 12.74 -38.45 1.28
C GLN B 88 14.15 -39.01 1.13
N CYS B 89 14.65 -39.13 -0.10
CA CYS B 89 16.03 -39.58 -0.28
C CYS B 89 17.02 -38.60 0.35
N VAL B 90 16.74 -37.30 0.25
CA VAL B 90 17.49 -36.29 0.98
C VAL B 90 16.85 -35.99 2.35
N ALA B 91 15.88 -36.80 2.75
CA ALA B 91 15.28 -36.74 4.08
C ALA B 91 14.70 -35.34 4.36
N ILE B 92 13.68 -35.02 3.57
CA ILE B 92 13.00 -33.74 3.69
C ILE B 92 11.78 -33.89 4.60
N MET B 93 10.84 -34.75 4.19
CA MET B 93 9.60 -34.96 4.95
C MET B 93 9.52 -36.42 5.35
N PRO B 94 9.95 -36.78 6.57
CA PRO B 94 10.06 -38.21 6.92
C PRO B 94 8.73 -38.88 7.22
N LEU B 95 8.05 -39.36 6.18
CA LEU B 95 6.80 -40.10 6.33
C LEU B 95 7.01 -41.57 5.99
N VAL B 96 6.23 -42.42 6.65
CA VAL B 96 6.30 -43.87 6.47
C VAL B 96 5.21 -44.28 5.49
N GLY B 97 5.56 -45.13 4.53
CA GLY B 97 4.60 -45.61 3.56
C GLY B 97 4.08 -44.54 2.63
N ILE B 98 4.92 -43.57 2.26
CA ILE B 98 4.48 -42.53 1.34
C ILE B 98 4.20 -43.11 -0.04
N ARG B 99 4.84 -44.22 -0.38
CA ARG B 99 4.67 -44.85 -1.68
C ARG B 99 3.45 -45.76 -1.74
N GLU B 100 2.74 -45.94 -0.64
CA GLU B 100 1.55 -46.79 -0.63
C GLU B 100 0.47 -46.19 -1.51
N SER B 101 -0.22 -47.07 -2.26
CA SER B 101 -1.32 -46.61 -3.11
C SER B 101 -2.44 -46.01 -2.27
N ASN B 102 -2.77 -46.64 -1.14
CA ASN B 102 -3.79 -46.13 -0.26
C ASN B 102 -3.21 -45.03 0.62
N PRO B 103 -3.69 -43.79 0.53
CA PRO B 103 -3.14 -42.72 1.39
C PRO B 103 -3.37 -42.95 2.87
N ARG B 104 -4.33 -43.79 3.25
CA ARG B 104 -4.57 -44.05 4.67
C ARG B 104 -3.41 -44.81 5.31
N ARG B 105 -2.54 -45.43 4.52
CA ARG B 105 -1.38 -46.12 5.05
C ARG B 105 -0.22 -45.19 5.31
N VAL B 106 -0.32 -43.92 4.95
CA VAL B 106 0.75 -42.95 5.21
C VAL B 106 0.67 -42.55 6.67
N ARG B 107 1.78 -42.69 7.39
CA ARG B 107 1.84 -42.35 8.80
C ARG B 107 3.18 -41.69 9.11
N PHE B 108 3.20 -40.94 10.20
CA PHE B 108 4.40 -40.27 10.68
C PHE B 108 4.85 -40.97 11.95
N ALA B 109 6.10 -41.43 11.96
CA ALA B 109 6.68 -42.12 13.12
C ALA B 109 8.08 -41.61 13.35
N TYR B 110 8.37 -41.16 14.57
CA TYR B 110 9.71 -40.73 14.90
C TYR B 110 10.71 -41.87 14.77
N LYS B 111 10.34 -43.06 15.26
CA LYS B 111 11.18 -44.24 15.13
C LYS B 111 10.89 -44.87 13.77
N SER B 112 11.61 -44.39 12.76
CA SER B 112 11.48 -44.91 11.41
C SER B 112 12.73 -44.55 10.63
N ILE B 113 12.94 -45.27 9.52
CA ILE B 113 14.10 -44.98 8.67
C ILE B 113 14.05 -43.56 8.12
N PRO B 114 12.92 -43.08 7.58
CA PRO B 114 12.91 -41.69 7.07
C PRO B 114 13.29 -40.66 8.10
N MET B 115 12.85 -40.83 9.36
CA MET B 115 13.25 -39.89 10.39
C MET B 115 14.73 -40.02 10.74
N PHE B 116 15.27 -41.24 10.70
CA PHE B 116 16.70 -41.41 10.96
C PHE B 116 17.54 -40.67 9.93
N VAL B 117 17.19 -40.80 8.65
CA VAL B 117 17.94 -40.10 7.61
C VAL B 117 17.81 -38.59 7.80
N THR B 118 16.63 -38.13 8.22
CA THR B 118 16.45 -36.70 8.48
C THR B 118 17.37 -36.23 9.60
N LEU B 119 17.52 -37.04 10.65
CA LEU B 119 18.44 -36.68 11.72
C LEU B 119 19.87 -36.58 11.20
N ILE B 120 20.28 -37.51 10.34
CA ILE B 120 21.63 -37.48 9.80
C ILE B 120 21.84 -36.21 8.97
N PHE B 121 20.89 -35.91 8.08
CA PHE B 121 21.03 -34.72 7.25
C PHE B 121 20.94 -33.44 8.07
N MET B 122 20.06 -33.41 9.07
CA MET B 122 19.98 -32.25 9.94
C MET B 122 21.28 -32.06 10.73
N ILE B 123 21.86 -33.15 11.24
CA ILE B 123 23.11 -33.05 11.96
C ILE B 123 24.21 -32.53 11.06
N ALA B 124 24.35 -33.14 9.88
CA ALA B 124 25.43 -32.74 8.96
C ALA B 124 25.21 -31.31 8.47
N THR B 125 23.96 -30.95 8.18
CA THR B 125 23.67 -29.57 7.78
C THR B 125 24.04 -28.59 8.89
N SER B 126 23.77 -28.98 10.14
CA SER B 126 24.19 -28.15 11.27
C SER B 126 25.70 -28.04 11.35
N ILE B 127 26.43 -29.11 11.01
CA ILE B 127 27.87 -29.04 10.98
C ILE B 127 28.33 -28.00 9.97
N LEU B 128 27.72 -27.99 8.79
CA LEU B 128 28.05 -26.98 7.79
C LEU B 128 27.67 -25.59 8.27
N PHE B 129 26.52 -25.47 8.94
CA PHE B 129 26.13 -24.18 9.48
C PHE B 129 27.13 -23.68 10.52
N LEU B 130 27.56 -24.56 11.43
CA LEU B 130 28.57 -24.17 12.40
C LEU B 130 29.90 -23.88 11.70
N SER B 131 30.26 -24.70 10.70
CA SER B 131 31.47 -24.44 9.94
C SER B 131 31.45 -23.04 9.35
N MET B 132 30.34 -22.67 8.70
CA MET B 132 30.21 -21.34 8.16
C MET B 132 30.20 -20.29 9.26
N PHE B 133 29.49 -20.57 10.35
CA PHE B 133 29.39 -19.59 11.45
C PHE B 133 30.75 -19.30 12.05
N THR B 134 31.51 -20.34 12.37
CA THR B 134 32.84 -20.13 12.94
C THR B 134 33.76 -19.44 11.95
N HIS B 135 33.68 -19.83 10.67
CA HIS B 135 34.55 -19.23 9.66
C HIS B 135 34.32 -17.73 9.55
N LEU B 136 33.04 -17.32 9.50
CA LEU B 136 32.75 -15.89 9.36
C LEU B 136 33.23 -15.10 10.57
N LEU B 137 33.11 -15.67 11.77
CA LEU B 137 33.61 -14.99 12.95
C LEU B 137 35.11 -14.77 12.87
N LYS B 138 35.84 -15.74 12.33
CA LYS B 138 37.29 -15.59 12.21
C LYS B 138 37.66 -14.51 11.19
N ILE B 139 36.88 -14.39 10.11
CA ILE B 139 37.16 -13.44 9.04
C ILE B 139 36.21 -12.26 9.04
N GLY B 140 35.32 -12.17 10.03
CA GLY B 140 34.39 -11.05 10.09
C GLY B 140 33.13 -11.29 9.27
N ILE B 141 32.02 -10.73 9.71
CA ILE B 141 30.72 -10.91 9.05
C ILE B 141 30.39 -9.65 8.26
N THR B 142 30.19 -9.82 6.96
CA THR B 142 29.78 -8.75 6.07
C THR B 142 28.51 -9.15 5.34
N ALA B 143 27.86 -8.17 4.73
CA ALA B 143 26.60 -8.43 4.04
C ALA B 143 26.76 -9.45 2.92
N LYS B 144 27.96 -9.60 2.37
CA LYS B 144 28.19 -10.56 1.30
C LYS B 144 28.45 -11.97 1.82
N ASN B 145 29.14 -12.11 2.94
CA ASN B 145 29.37 -13.43 3.52
C ASN B 145 28.16 -13.95 4.26
N PHE B 146 27.25 -13.08 4.70
CA PHE B 146 26.11 -13.52 5.47
C PHE B 146 25.16 -14.38 4.65
N VAL B 147 25.22 -14.28 3.32
CA VAL B 147 24.34 -15.08 2.48
C VAL B 147 24.57 -16.56 2.72
N GLY B 148 25.83 -16.97 2.87
CA GLY B 148 26.12 -18.37 3.12
C GLY B 148 25.52 -18.88 4.41
N LEU B 149 25.57 -18.05 5.46
CA LEU B 149 24.97 -18.45 6.74
C LEU B 149 23.46 -18.52 6.62
N VAL B 150 22.85 -17.60 5.89
CA VAL B 150 21.40 -17.61 5.72
C VAL B 150 20.97 -18.85 4.95
N PHE B 151 21.76 -19.26 3.95
CA PHE B 151 21.42 -20.44 3.16
C PHE B 151 21.32 -21.67 4.04
N PHE B 152 22.35 -21.91 4.86
CA PHE B 152 22.32 -23.09 5.74
C PHE B 152 21.26 -22.95 6.82
N GLY B 153 21.05 -21.74 7.32
CA GLY B 153 19.98 -21.53 8.29
C GLY B 153 18.61 -21.79 7.69
N CYS B 154 18.39 -21.35 6.45
CA CYS B 154 17.12 -21.62 5.79
C CYS B 154 16.92 -23.11 5.55
N VAL B 155 17.98 -23.82 5.15
CA VAL B 155 17.86 -25.26 4.92
C VAL B 155 17.52 -25.97 6.22
N LEU B 156 18.18 -25.59 7.32
CA LEU B 156 17.87 -26.20 8.62
C LEU B 156 16.43 -25.90 9.01
N SER B 157 15.98 -24.66 8.81
CA SER B 157 14.59 -24.33 9.08
C SER B 157 13.66 -25.15 8.20
N ALA B 158 14.04 -25.37 6.95
CA ALA B 158 13.23 -26.19 6.06
C ALA B 158 13.09 -27.61 6.59
N TYR B 159 14.18 -28.17 7.12
CA TYR B 159 14.13 -29.51 7.69
C TYR B 159 13.16 -29.57 8.85
N VAL B 160 13.22 -28.57 9.74
CA VAL B 160 12.31 -28.52 10.88
C VAL B 160 10.88 -28.30 10.41
N VAL B 161 10.69 -27.37 9.48
CA VAL B 161 9.35 -27.07 8.98
C VAL B 161 8.75 -28.29 8.30
N PHE B 162 9.57 -29.04 7.55
CA PHE B 162 9.06 -30.22 6.86
C PHE B 162 8.80 -31.36 7.83
N ILE B 163 9.55 -31.44 8.93
CA ILE B 163 9.26 -32.44 9.95
C ILE B 163 7.89 -32.18 10.56
N ARG B 164 7.61 -30.92 10.89
CA ARG B 164 6.30 -30.57 11.41
C ARG B 164 5.23 -30.81 10.35
N LEU B 165 5.53 -30.46 9.09
CA LEU B 165 4.59 -30.74 8.01
C LEU B 165 4.38 -32.23 7.83
N ALA B 166 5.44 -33.03 8.04
CA ALA B 166 5.30 -34.48 8.01
C ALA B 166 4.34 -34.94 9.09
N LYS B 167 4.39 -34.33 10.27
CA LYS B 167 3.49 -34.71 11.34
C LYS B 167 2.03 -34.49 10.94
N LYS B 168 1.74 -33.39 10.24
CA LYS B 168 0.39 -33.05 9.85
C LYS B 168 -0.04 -33.67 8.53
N TRP B 169 0.90 -34.22 7.75
CA TRP B 169 0.57 -34.70 6.42
C TRP B 169 -0.45 -35.84 6.44
N PRO B 170 -0.29 -36.85 7.31
CA PRO B 170 -1.26 -37.96 7.29
C PRO B 170 -2.70 -37.49 7.42
N ALA B 171 -2.95 -36.49 8.27
CA ALA B 171 -4.29 -35.92 8.36
C ALA B 171 -4.66 -35.18 7.08
N VAL B 172 -3.71 -34.43 6.52
CA VAL B 172 -3.99 -33.64 5.32
C VAL B 172 -4.32 -34.55 4.15
N VAL B 173 -3.51 -35.60 3.94
CA VAL B 173 -3.72 -36.47 2.80
C VAL B 173 -5.00 -37.26 2.94
N ARG B 174 -5.44 -37.54 4.18
CA ARG B 174 -6.67 -38.29 4.38
C ARG B 174 -7.89 -37.43 4.04
N ILE B 175 -7.91 -36.18 4.49
CA ILE B 175 -9.02 -35.29 4.14
C ILE B 175 -8.97 -34.94 2.67
N TRP B 176 -7.77 -34.78 2.12
CA TRP B 176 -7.64 -34.47 0.70
C TRP B 176 -8.21 -35.59 -0.16
N THR B 177 -7.94 -36.84 0.21
CA THR B 177 -8.41 -37.96 -0.61
C THR B 177 -9.92 -38.06 -0.59
N ARG B 178 -10.53 -38.06 0.61
CA ARG B 178 -11.98 -38.19 0.68
C ARG B 178 -12.69 -36.96 0.14
N THR B 179 -12.03 -35.80 0.11
CA THR B 179 -12.61 -34.59 -0.44
C THR B 179 -12.62 -34.60 -1.96
N GLU B 180 -11.62 -35.22 -2.59
CA GLU B 180 -11.49 -35.19 -4.04
C GLU B 180 -12.12 -36.40 -4.72
N ILE B 181 -12.67 -37.34 -3.97
CA ILE B 181 -13.32 -38.52 -4.56
C ILE B 181 -14.49 -38.09 -5.43
N PRO B 182 -15.34 -37.15 -4.99
CA PRO B 182 -16.47 -36.74 -5.85
C PRO B 182 -16.04 -36.23 -7.21
N PHE B 183 -14.87 -35.61 -7.32
CA PHE B 183 -14.40 -35.06 -8.58
C PHE B 183 -13.82 -36.11 -9.51
N THR B 184 -13.66 -37.36 -9.04
CA THR B 184 -13.18 -38.44 -9.89
C THR B 184 -14.29 -39.14 -10.64
N LYS B 185 -15.54 -38.71 -10.47
CA LYS B 185 -16.71 -39.29 -11.09
C LYS B 185 -17.55 -38.19 -11.72
N PRO B 186 -18.42 -38.53 -12.67
CA PRO B 186 -19.24 -37.50 -13.32
C PRO B 186 -20.05 -36.74 -12.30
N PRO B 187 -20.49 -35.51 -12.62
CA PRO B 187 -20.38 -34.83 -13.92
C PRO B 187 -19.02 -34.17 -14.14
N TYR B 188 -18.03 -34.47 -13.30
CA TYR B 188 -16.70 -33.91 -13.45
C TYR B 188 -15.88 -34.76 -14.41
N GLU B 189 -15.15 -34.09 -15.31
CA GLU B 189 -14.35 -34.75 -16.31
C GLU B 189 -12.89 -34.40 -16.13
N ILE B 190 -12.02 -35.36 -16.43
CA ILE B 190 -10.58 -35.15 -16.33
C ILE B 190 -10.14 -34.17 -17.42
N PRO B 191 -9.38 -33.13 -17.09
CA PRO B 191 -8.98 -32.17 -18.14
C PRO B 191 -8.04 -32.77 -19.17
N LYS B 192 -7.60 -31.95 -20.13
CA LYS B 192 -6.65 -32.42 -21.13
C LYS B 192 -5.37 -32.94 -20.48
N ARG B 193 -4.87 -32.24 -19.48
CA ARG B 193 -3.67 -32.62 -18.75
C ARG B 193 -4.09 -33.01 -17.33
N ASN B 194 -4.01 -34.29 -17.01
CA ASN B 194 -4.46 -34.78 -15.71
C ASN B 194 -3.51 -34.30 -14.61
N LEU B 195 -3.89 -34.55 -13.36
CA LEU B 195 -3.13 -34.04 -12.23
C LEU B 195 -1.70 -34.59 -12.22
N SER B 196 -1.54 -35.88 -12.53
CA SER B 196 -0.21 -36.46 -12.53
C SER B 196 0.70 -35.77 -13.53
N ARG B 197 0.18 -35.50 -14.74
CA ARG B 197 1.00 -34.83 -15.74
C ARG B 197 1.33 -33.40 -15.34
N ARG B 198 0.38 -32.69 -14.73
CA ARG B 198 0.65 -31.32 -14.31
C ARG B 198 1.75 -31.28 -13.26
N VAL B 199 1.71 -32.20 -12.30
CA VAL B 199 2.72 -32.22 -11.24
C VAL B 199 4.08 -32.63 -11.81
N GLN B 200 4.08 -33.58 -12.74
CA GLN B 200 5.34 -34.05 -13.32
C GLN B 200 6.06 -32.94 -14.06
N LEU B 201 5.33 -32.17 -14.88
CA LEU B 201 5.96 -31.12 -15.67
C LEU B 201 6.57 -30.06 -14.75
N ALA B 202 5.84 -29.66 -13.71
CA ALA B 202 6.38 -28.68 -12.77
C ALA B 202 7.58 -29.26 -12.02
N ALA B 203 7.46 -30.51 -11.56
CA ALA B 203 8.53 -31.11 -10.77
C ALA B 203 9.79 -31.31 -11.62
N LEU B 204 9.63 -31.84 -12.84
CA LEU B 204 10.80 -32.06 -13.69
C LEU B 204 11.43 -30.74 -14.10
N ALA B 205 10.61 -29.73 -14.36
CA ALA B 205 11.15 -28.42 -14.73
C ALA B 205 11.97 -27.84 -13.59
N ILE B 206 11.46 -27.91 -12.36
CA ILE B 206 12.19 -27.37 -11.22
C ILE B 206 13.41 -28.23 -10.91
N ILE B 207 13.25 -29.55 -10.92
CA ILE B 207 14.39 -30.42 -10.68
C ILE B 207 15.43 -30.26 -11.78
N GLY B 208 14.99 -30.20 -13.04
CA GLY B 208 15.93 -30.02 -14.13
C GLY B 208 16.66 -28.69 -14.05
N LEU B 209 15.92 -27.61 -13.77
CA LEU B 209 16.56 -26.30 -13.66
C LEU B 209 17.47 -26.23 -12.44
N SER B 210 17.06 -26.84 -11.33
CA SER B 210 17.89 -26.84 -10.13
C SER B 210 19.20 -27.58 -10.37
N LEU B 211 19.15 -28.71 -11.08
CA LEU B 211 20.38 -29.43 -11.40
C LEU B 211 21.30 -28.58 -12.27
N GLY B 212 20.75 -27.90 -13.26
CA GLY B 212 21.56 -27.01 -14.08
C GLY B 212 22.13 -25.86 -13.28
N GLU B 213 21.35 -25.33 -12.35
CA GLU B 213 21.83 -24.23 -11.51
C GLU B 213 23.02 -24.69 -10.66
N HIS B 214 22.94 -25.89 -10.09
CA HIS B 214 24.06 -26.41 -9.32
C HIS B 214 25.22 -26.84 -10.22
N ALA B 215 24.91 -27.41 -11.38
CA ALA B 215 25.96 -27.79 -12.31
C ALA B 215 26.75 -26.57 -12.76
N LEU B 216 26.06 -25.47 -13.06
CA LEU B 216 26.76 -24.24 -13.41
C LEU B 216 27.57 -23.72 -12.25
N TYR B 217 27.05 -23.85 -11.02
CA TYR B 217 27.79 -23.40 -9.85
C TYR B 217 29.11 -24.13 -9.72
N GLN B 218 29.10 -25.46 -9.91
CA GLN B 218 30.31 -26.24 -9.78
C GLN B 218 31.28 -25.94 -10.92
N VAL B 219 30.76 -25.82 -12.15
CA VAL B 219 31.62 -25.48 -13.28
C VAL B 219 32.23 -24.09 -13.09
N SER B 220 31.40 -23.13 -12.65
CA SER B 220 31.91 -21.78 -12.42
C SER B 220 32.98 -21.78 -11.34
N ALA B 221 32.75 -22.50 -10.25
CA ALA B 221 33.73 -22.54 -9.17
C ALA B 221 34.99 -23.27 -9.59
N ILE B 222 34.84 -24.39 -10.32
CA ILE B 222 36.01 -25.16 -10.72
C ILE B 222 36.85 -24.39 -11.73
N LEU B 223 36.20 -23.81 -12.74
CA LEU B 223 36.95 -23.06 -13.75
C LEU B 223 37.65 -21.86 -13.14
N SER B 224 36.97 -21.15 -12.24
CA SER B 224 37.59 -20.00 -11.58
C SER B 224 38.82 -20.44 -10.78
N TYR B 225 38.71 -21.57 -10.09
CA TYR B 225 39.82 -22.10 -9.31
C TYR B 225 41.00 -22.46 -10.22
N THR B 226 40.74 -23.27 -11.25
CA THR B 226 41.82 -23.72 -12.12
C THR B 226 42.41 -22.56 -12.91
N ARG B 227 41.56 -21.67 -13.43
CA ARG B 227 42.06 -20.55 -14.23
C ARG B 227 42.93 -19.63 -13.40
N ARG B 228 42.55 -19.39 -12.14
CA ARG B 228 43.37 -18.54 -11.28
C ARG B 228 44.77 -19.11 -11.11
N ILE B 229 44.86 -20.43 -10.91
CA ILE B 229 46.16 -21.06 -10.74
C ILE B 229 46.94 -21.07 -12.05
N GLN B 230 46.27 -21.43 -13.16
CA GLN B 230 46.97 -21.64 -14.41
C GLN B 230 47.56 -20.34 -14.95
N MET B 231 46.75 -19.29 -15.04
CA MET B 231 47.17 -18.01 -15.61
C MET B 231 47.79 -17.09 -14.57
N CYS B 232 48.35 -17.63 -13.49
CA CYS B 232 48.82 -16.79 -12.39
C CYS B 232 50.22 -16.23 -12.66
N ALA B 233 51.11 -17.00 -13.29
CA ALA B 233 52.52 -16.66 -13.37
C ALA B 233 53.12 -16.41 -11.99
N ASN B 234 52.50 -17.02 -10.99
CA ASN B 234 52.74 -16.73 -9.58
C ASN B 234 52.45 -18.01 -8.80
N ILE B 235 52.05 -17.91 -7.53
CA ILE B 235 51.76 -19.07 -6.71
C ILE B 235 51.05 -20.11 -7.57
N THR B 236 51.56 -21.34 -7.55
CA THR B 236 51.13 -22.38 -8.48
C THR B 236 50.18 -23.35 -7.81
N THR B 237 50.61 -24.03 -6.74
CA THR B 237 49.76 -24.98 -6.05
C THR B 237 49.03 -25.86 -7.05
N VAL B 238 49.77 -26.67 -7.79
CA VAL B 238 49.27 -27.41 -8.96
C VAL B 238 47.83 -27.85 -8.73
N PRO B 239 46.92 -27.62 -9.68
CA PRO B 239 45.50 -27.93 -9.41
C PRO B 239 45.30 -29.39 -9.07
N SER B 240 44.41 -29.63 -8.11
CA SER B 240 44.06 -30.97 -7.69
C SER B 240 42.73 -30.92 -6.96
N PHE B 241 42.09 -32.09 -6.84
CA PHE B 241 40.83 -32.14 -6.12
C PHE B 241 41.00 -31.73 -4.67
N ASN B 242 42.10 -32.16 -4.03
CA ASN B 242 42.31 -31.84 -2.62
C ASN B 242 42.40 -30.33 -2.41
N ASN B 243 43.27 -29.66 -3.18
CA ASN B 243 43.47 -28.23 -2.98
C ASN B 243 42.20 -27.45 -3.26
N TYR B 244 41.44 -27.86 -4.28
CA TYR B 244 40.18 -27.18 -4.58
C TYR B 244 39.23 -27.25 -3.39
N MET B 245 39.13 -28.43 -2.76
CA MET B 245 38.24 -28.58 -1.62
C MET B 245 38.68 -27.71 -0.45
N GLN B 246 39.98 -27.68 -0.15
CA GLN B 246 40.46 -26.85 0.94
C GLN B 246 40.35 -25.37 0.62
N THR B 247 40.30 -25.02 -0.66
CA THR B 247 40.28 -23.61 -1.08
C THR B 247 38.87 -23.05 -1.10
N ASN B 248 37.97 -23.66 -1.89
CA ASN B 248 36.62 -23.14 -2.04
C ASN B 248 35.75 -23.44 -0.82
N TYR B 249 36.06 -24.48 -0.07
CA TYR B 249 35.29 -24.87 1.11
C TYR B 249 36.13 -24.71 2.37
N ASP B 250 36.90 -23.63 2.45
CA ASP B 250 37.75 -23.40 3.61
C ASP B 250 36.94 -23.30 4.89
N TYR B 251 35.70 -22.80 4.80
CA TYR B 251 34.88 -22.63 5.99
C TYR B 251 34.58 -23.95 6.67
N VAL B 252 34.66 -25.07 5.95
CA VAL B 252 34.43 -26.38 6.52
C VAL B 252 35.73 -26.92 7.10
N PHE B 253 36.75 -27.06 6.25
CA PHE B 253 38.00 -27.67 6.67
C PHE B 253 38.80 -26.80 7.64
N GLN B 254 38.41 -25.54 7.83
CA GLN B 254 39.01 -24.73 8.88
C GLN B 254 38.58 -25.16 10.27
N LEU B 255 37.57 -26.04 10.36
CA LEU B 255 37.11 -26.60 11.62
C LEU B 255 37.31 -28.10 11.71
N LEU B 256 37.09 -28.83 10.60
CA LEU B 256 37.27 -30.26 10.56
C LEU B 256 38.56 -30.60 9.80
N PRO B 257 39.25 -31.68 10.19
CA PRO B 257 40.42 -32.09 9.41
C PRO B 257 40.01 -32.53 8.02
N TYR B 258 40.87 -32.23 7.04
CA TYR B 258 40.55 -32.60 5.67
C TYR B 258 40.67 -34.10 5.47
N SER B 259 39.86 -34.63 4.56
CA SER B 259 39.92 -36.03 4.15
C SER B 259 39.11 -36.20 2.87
N PRO B 260 39.56 -37.02 1.92
CA PRO B 260 38.76 -37.22 0.71
C PRO B 260 37.36 -37.73 1.00
N ILE B 261 37.19 -38.54 2.04
CA ILE B 261 35.87 -39.02 2.42
C ILE B 261 35.00 -37.85 2.84
N ILE B 262 35.55 -36.96 3.67
CA ILE B 262 34.82 -35.76 4.06
C ILE B 262 34.61 -34.85 2.86
N ALA B 263 35.59 -34.81 1.95
CA ALA B 263 35.49 -33.94 0.79
C ALA B 263 34.23 -34.24 -0.01
N VAL B 264 34.02 -35.52 -0.36
CA VAL B 264 32.83 -35.88 -1.12
C VAL B 264 31.57 -35.69 -0.29
N LEU B 265 31.66 -35.94 1.01
CA LEU B 265 30.49 -35.75 1.88
C LEU B 265 30.01 -34.31 1.84
N ILE B 266 30.94 -33.36 1.90
CA ILE B 266 30.57 -31.95 1.81
C ILE B 266 29.92 -31.65 0.46
N LEU B 267 30.48 -32.23 -0.61
CA LEU B 267 29.91 -32.01 -1.93
C LEU B 267 28.49 -32.54 -2.03
N LEU B 268 28.27 -33.76 -1.53
CA LEU B 268 26.93 -34.34 -1.59
C LEU B 268 25.95 -33.56 -0.73
N ILE B 269 26.36 -33.19 0.48
CA ILE B 269 25.44 -32.53 1.40
C ILE B 269 25.15 -31.10 0.96
N ASN B 270 26.12 -30.43 0.34
CA ASN B 270 25.82 -29.13 -0.25
C ASN B 270 24.86 -29.26 -1.42
N GLY B 271 24.98 -30.32 -2.20
CA GLY B 271 23.98 -30.60 -3.21
C GLY B 271 22.62 -30.92 -2.61
N ALA B 272 22.62 -31.70 -1.52
CA ALA B 272 21.37 -31.98 -0.83
C ALA B 272 20.75 -30.70 -0.28
N CYS B 273 21.57 -29.81 0.29
CA CYS B 273 21.07 -28.54 0.78
C CYS B 273 20.47 -27.73 -0.36
N THR B 274 21.09 -27.79 -1.54
CA THR B 274 20.53 -27.10 -2.70
C THR B 274 19.18 -27.69 -3.09
N PHE B 275 19.06 -29.01 -3.05
CA PHE B 275 17.78 -29.64 -3.35
C PHE B 275 16.71 -29.24 -2.36
N VAL B 276 17.05 -29.21 -1.07
CA VAL B 276 16.07 -28.82 -0.05
C VAL B 276 15.64 -27.39 -0.26
N TRP B 277 16.59 -26.50 -0.55
CA TRP B 277 16.25 -25.11 -0.81
C TRP B 277 15.28 -24.98 -1.98
N ASN B 278 15.40 -25.85 -2.98
CA ASN B 278 14.53 -25.81 -4.14
C ASN B 278 13.23 -26.59 -3.93
N TYR B 279 13.22 -27.56 -3.02
CA TYR B 279 12.02 -28.36 -2.83
C TYR B 279 10.94 -27.62 -2.07
N MET B 280 11.31 -26.63 -1.26
CA MET B 280 10.30 -25.81 -0.60
C MET B 280 9.37 -25.17 -1.61
N ASP B 281 9.94 -24.59 -2.67
CA ASP B 281 9.14 -23.99 -3.73
C ASP B 281 8.43 -25.05 -4.54
N LEU B 282 9.10 -26.17 -4.83
CA LEU B 282 8.46 -27.23 -5.60
C LEU B 282 7.27 -27.81 -4.86
N PHE B 283 7.41 -28.05 -3.56
CA PHE B 283 6.30 -28.63 -2.80
C PHE B 283 5.09 -27.71 -2.80
N ILE B 284 5.32 -26.40 -2.67
CA ILE B 284 4.21 -25.46 -2.73
C ILE B 284 3.56 -25.48 -4.11
N MET B 285 4.36 -25.69 -5.16
CA MET B 285 3.81 -25.75 -6.51
C MET B 285 2.93 -26.97 -6.69
N MET B 286 3.42 -28.15 -6.28
CA MET B 286 2.63 -29.37 -6.45
C MET B 286 1.35 -29.29 -5.63
N ILE B 287 1.43 -28.76 -4.42
CA ILE B 287 0.24 -28.60 -3.59
C ILE B 287 -0.73 -27.63 -4.25
N SER B 288 -0.21 -26.52 -4.77
CA SER B 288 -1.06 -25.56 -5.46
C SER B 288 -1.68 -26.17 -6.71
N LYS B 289 -0.92 -26.99 -7.43
CA LYS B 289 -1.46 -27.65 -8.61
C LYS B 289 -2.60 -28.58 -8.24
N GLY B 290 -2.47 -29.31 -7.13
CA GLY B 290 -3.52 -30.21 -6.70
C GLY B 290 -4.79 -29.50 -6.31
N LEU B 291 -4.68 -28.32 -5.70
CA LEU B 291 -5.86 -27.61 -5.23
C LEU B 291 -6.56 -26.89 -6.37
N SER B 292 -5.81 -26.15 -7.20
CA SER B 292 -6.41 -25.48 -8.34
C SER B 292 -6.94 -26.48 -9.37
N TYR B 293 -6.46 -27.73 -9.32
CA TYR B 293 -6.98 -28.75 -10.22
C TYR B 293 -8.46 -29.01 -9.97
N ARG B 294 -8.86 -29.12 -8.70
CA ARG B 294 -10.26 -29.39 -8.38
C ARG B 294 -11.12 -28.16 -8.56
N PHE B 295 -10.59 -26.98 -8.23
CA PHE B 295 -11.35 -25.75 -8.48
C PHE B 295 -11.59 -25.56 -9.97
N GLU B 296 -10.60 -25.92 -10.80
CA GLU B 296 -10.79 -25.85 -12.24
C GLU B 296 -11.88 -26.81 -12.70
N GLN B 297 -11.95 -28.00 -12.10
CA GLN B 297 -13.00 -28.94 -12.44
C GLN B 297 -14.38 -28.39 -12.09
N ILE B 298 -14.49 -27.72 -10.94
CA ILE B 298 -15.75 -27.09 -10.57
C ILE B 298 -16.12 -26.03 -11.58
N THR B 299 -15.15 -25.21 -11.98
CA THR B 299 -15.41 -24.19 -12.99
C THR B 299 -15.83 -24.82 -14.31
N THR B 300 -15.17 -25.90 -14.71
CA THR B 300 -15.53 -26.57 -15.95
C THR B 300 -16.95 -27.12 -15.89
N ARG B 301 -17.34 -27.70 -14.75
CA ARG B 301 -18.71 -28.18 -14.61
C ARG B 301 -19.72 -27.05 -14.71
N ILE B 302 -19.40 -25.90 -14.11
CA ILE B 302 -20.30 -24.76 -14.19
C ILE B 302 -20.41 -24.26 -15.62
N ARG B 303 -19.31 -24.33 -16.37
CA ARG B 303 -19.35 -23.91 -17.76
C ARG B 303 -20.27 -24.78 -18.59
N LYS B 304 -20.54 -26.01 -18.14
CA LYS B 304 -21.46 -26.88 -18.86
C LYS B 304 -22.91 -26.44 -18.71
N LEU B 305 -23.19 -25.47 -17.85
CA LEU B 305 -24.55 -25.01 -17.58
C LEU B 305 -24.80 -23.60 -18.11
N GLU B 306 -23.98 -23.12 -19.05
CA GLU B 306 -24.10 -21.74 -19.49
C GLU B 306 -25.47 -21.45 -20.11
N HIS B 307 -25.94 -22.33 -20.98
CA HIS B 307 -27.16 -22.06 -21.73
C HIS B 307 -28.22 -23.13 -21.46
N GLU B 308 -28.41 -23.49 -20.20
CA GLU B 308 -29.37 -24.50 -19.82
C GLU B 308 -30.14 -24.03 -18.60
N GLU B 309 -31.34 -24.58 -18.43
CA GLU B 309 -32.13 -24.38 -17.23
C GLU B 309 -31.70 -25.40 -16.19
N VAL B 310 -31.16 -24.93 -15.08
CA VAL B 310 -30.50 -25.77 -14.09
C VAL B 310 -31.44 -25.99 -12.92
N CYS B 311 -31.60 -27.25 -12.53
CA CYS B 311 -32.39 -27.58 -11.36
C CYS B 311 -31.67 -27.16 -10.09
N GLU B 312 -32.45 -26.88 -9.04
CA GLU B 312 -31.87 -26.45 -7.79
C GLU B 312 -30.95 -27.51 -7.18
N SER B 313 -31.22 -28.79 -7.49
CA SER B 313 -30.38 -29.86 -6.96
C SER B 313 -28.95 -29.74 -7.50
N VAL B 314 -28.81 -29.38 -8.77
CA VAL B 314 -27.47 -29.25 -9.36
C VAL B 314 -26.66 -28.19 -8.62
N PHE B 315 -27.28 -27.05 -8.34
CA PHE B 315 -26.58 -25.98 -7.64
C PHE B 315 -26.25 -26.37 -6.20
N ILE B 316 -27.08 -27.21 -5.58
CA ILE B 316 -26.76 -27.68 -4.24
C ILE B 316 -25.48 -28.49 -4.25
N GLN B 317 -25.34 -29.39 -5.23
CA GLN B 317 -24.13 -30.20 -5.32
C GLN B 317 -22.91 -29.34 -5.62
N ILE B 318 -23.05 -28.37 -6.52
CA ILE B 318 -21.92 -27.53 -6.89
C ILE B 318 -21.46 -26.72 -5.68
N ARG B 319 -22.41 -26.13 -4.94
CA ARG B 319 -22.06 -25.36 -3.76
C ARG B 319 -21.42 -26.25 -2.70
N GLU B 320 -21.98 -27.45 -2.49
CA GLU B 320 -21.42 -28.36 -1.49
C GLU B 320 -20.00 -28.78 -1.86
N HIS B 321 -19.78 -29.13 -3.12
CA HIS B 321 -18.44 -29.48 -3.56
C HIS B 321 -17.49 -28.30 -3.47
N TYR B 322 -17.96 -27.11 -3.85
CA TYR B 322 -17.13 -25.91 -3.72
C TYR B 322 -16.79 -25.64 -2.26
N VAL B 323 -17.77 -25.78 -1.37
CA VAL B 323 -17.51 -25.55 0.05
C VAL B 323 -16.52 -26.57 0.58
N LYS B 324 -16.66 -27.84 0.17
CA LYS B 324 -15.73 -28.86 0.62
C LYS B 324 -14.31 -28.56 0.15
N MET B 325 -14.17 -28.09 -1.11
CA MET B 325 -12.86 -27.70 -1.60
C MET B 325 -12.29 -26.55 -0.80
N CYS B 326 -13.13 -25.57 -0.44
CA CYS B 326 -12.66 -24.45 0.38
C CYS B 326 -12.24 -24.92 1.76
N GLU B 327 -12.96 -25.88 2.34
CA GLU B 327 -12.56 -26.44 3.63
C GLU B 327 -11.20 -27.12 3.50
N LEU B 328 -10.98 -27.87 2.42
CA LEU B 328 -9.70 -28.53 2.22
C LEU B 328 -8.58 -27.51 2.08
N LEU B 329 -8.83 -26.42 1.35
CA LEU B 329 -7.81 -25.39 1.21
C LEU B 329 -7.46 -24.78 2.57
N GLU B 330 -8.47 -24.54 3.41
CA GLU B 330 -8.20 -24.01 4.75
C GLU B 330 -7.36 -24.99 5.55
N PHE B 331 -7.69 -26.28 5.48
CA PHE B 331 -6.90 -27.28 6.18
C PHE B 331 -5.49 -27.35 5.64
N VAL B 332 -5.34 -27.36 4.31
CA VAL B 332 -4.02 -27.42 3.71
C VAL B 332 -3.26 -26.13 3.99
N ASP B 333 -3.93 -24.98 3.92
CA ASP B 333 -3.26 -23.71 4.16
C ASP B 333 -2.68 -23.65 5.57
N SER B 334 -3.44 -24.12 6.56
CA SER B 334 -2.95 -24.11 7.94
C SER B 334 -1.73 -25.03 8.08
N ALA B 335 -1.78 -26.21 7.46
CA ALA B 335 -0.67 -27.14 7.56
C ALA B 335 0.59 -26.58 6.92
N MET B 336 0.44 -25.90 5.77
CA MET B 336 1.56 -25.39 5.01
C MET B 336 1.83 -23.92 5.26
N SER B 337 1.21 -23.33 6.29
CA SER B 337 1.38 -21.91 6.53
C SER B 337 2.84 -21.56 6.83
N SER B 338 3.51 -22.40 7.62
CA SER B 338 4.90 -22.12 7.95
C SER B 338 5.81 -22.29 6.74
N LEU B 339 5.57 -23.32 5.93
CA LEU B 339 6.40 -23.54 4.75
C LEU B 339 6.27 -22.38 3.77
N ILE B 340 5.04 -21.89 3.56
CA ILE B 340 4.84 -20.74 2.68
C ILE B 340 5.57 -19.52 3.22
N LEU B 341 5.46 -19.31 4.54
CA LEU B 341 6.11 -18.16 5.15
C LEU B 341 7.63 -18.25 5.03
N LEU B 342 8.18 -19.43 5.28
CA LEU B 342 9.63 -19.61 5.18
C LEU B 342 10.09 -19.47 3.73
N SER B 343 9.34 -20.04 2.79
CA SER B 343 9.73 -19.97 1.38
C SER B 343 9.69 -18.53 0.89
N CYS B 344 8.66 -17.78 1.27
CA CYS B 344 8.53 -16.41 0.79
C CYS B 344 9.65 -15.52 1.30
N VAL B 345 9.98 -15.63 2.59
CA VAL B 345 11.04 -14.82 3.16
C VAL B 345 12.40 -15.24 2.61
N ASN B 346 12.60 -16.55 2.44
CA ASN B 346 13.85 -17.04 1.88
C ASN B 346 14.04 -16.55 0.45
N ASN B 347 12.98 -16.62 -0.36
CA ASN B 347 13.08 -16.16 -1.74
C ASN B 347 13.27 -14.65 -1.81
N LEU B 348 12.59 -13.91 -0.93
CA LEU B 348 12.69 -12.45 -0.97
C LEU B 348 14.12 -12.00 -0.67
N TYR B 349 14.75 -12.61 0.33
CA TYR B 349 16.11 -12.22 0.69
C TYR B 349 17.09 -12.53 -0.44
N PHE B 350 17.03 -13.76 -0.97
CA PHE B 350 17.98 -14.16 -1.99
C PHE B 350 17.77 -13.39 -3.29
N VAL B 351 16.51 -13.13 -3.65
CA VAL B 351 16.24 -12.33 -4.84
C VAL B 351 16.80 -10.92 -4.65
N CYS B 352 16.54 -10.32 -3.49
CA CYS B 352 17.08 -9.00 -3.21
C CYS B 352 18.60 -9.02 -3.16
N TYR B 353 19.18 -10.05 -2.53
CA TYR B 353 20.63 -10.14 -2.44
C TYR B 353 21.26 -10.28 -3.82
N GLN B 354 20.71 -11.16 -4.66
CA GLN B 354 21.28 -11.37 -5.99
C GLN B 354 21.08 -10.15 -6.88
N LEU B 355 19.91 -9.52 -6.81
CA LEU B 355 19.67 -8.35 -7.64
C LEU B 355 20.65 -7.22 -7.30
N LEU B 356 21.19 -7.22 -6.10
CA LEU B 356 22.17 -6.21 -5.70
C LEU B 356 23.53 -6.43 -6.34
N ASN B 357 23.77 -7.59 -6.96
CA ASN B 357 25.06 -7.90 -7.57
C ASN B 357 24.98 -7.96 -9.08
N VAL B 358 23.91 -7.44 -9.68
CA VAL B 358 23.80 -7.45 -11.14
C VAL B 358 24.86 -6.55 -11.75
N PHE B 359 25.17 -5.43 -11.10
CA PHE B 359 26.15 -4.49 -11.62
C PHE B 359 27.58 -4.83 -11.22
N ASN B 360 27.77 -5.82 -10.34
CA ASN B 360 29.12 -6.22 -9.94
C ASN B 360 29.84 -6.82 -11.13
N LYS B 361 31.17 -6.73 -11.14
CA LYS B 361 31.99 -7.24 -12.22
C LYS B 361 32.60 -8.58 -11.83
N LEU B 362 32.39 -9.58 -12.67
CA LEU B 362 32.92 -10.93 -12.46
C LEU B 362 34.05 -11.18 -13.44
N ARG B 363 34.95 -12.10 -13.07
CA ARG B 363 36.16 -12.31 -13.85
C ARG B 363 35.86 -12.97 -15.18
N TRP B 364 35.28 -14.17 -15.15
CA TRP B 364 35.14 -14.98 -16.35
C TRP B 364 33.70 -14.98 -16.85
N PRO B 365 33.49 -15.23 -18.15
CA PRO B 365 32.11 -15.30 -18.65
C PRO B 365 31.29 -16.39 -17.97
N ILE B 366 31.92 -17.50 -17.58
CA ILE B 366 31.19 -18.56 -16.91
C ILE B 366 30.59 -18.04 -15.61
N ASN B 367 31.31 -17.17 -14.91
CA ASN B 367 30.76 -16.57 -13.70
C ASN B 367 29.52 -15.75 -14.01
N TYR B 368 29.54 -15.01 -15.13
CA TYR B 368 28.35 -14.27 -15.56
C TYR B 368 27.22 -15.22 -15.91
N ILE B 369 27.54 -16.32 -16.58
CA ILE B 369 26.50 -17.29 -16.97
C ILE B 369 25.85 -17.88 -15.72
N TYR B 370 26.65 -18.27 -14.74
CA TYR B 370 26.10 -18.85 -13.52
C TYR B 370 25.27 -17.82 -12.76
N PHE B 371 25.78 -16.60 -12.61
CA PHE B 371 25.06 -15.60 -11.83
C PHE B 371 23.70 -15.29 -12.45
N TRP B 372 23.65 -15.12 -13.77
CA TRP B 372 22.40 -14.76 -14.42
C TRP B 372 21.46 -15.95 -14.55
N TYR B 373 22.00 -17.16 -14.77
CA TYR B 373 21.17 -18.35 -14.67
C TYR B 373 20.62 -18.51 -13.27
N SER B 374 21.47 -18.31 -12.26
CA SER B 374 21.01 -18.40 -10.88
C SER B 374 19.98 -17.32 -10.55
N LEU B 375 20.21 -16.09 -11.03
CA LEU B 375 19.30 -15.00 -10.73
C LEU B 375 17.97 -15.19 -11.46
N LEU B 376 18.02 -15.49 -12.75
CA LEU B 376 16.78 -15.66 -13.51
C LEU B 376 15.99 -16.86 -13.01
N TYR B 377 16.66 -17.98 -12.71
CA TYR B 377 15.97 -19.14 -12.16
C TYR B 377 15.34 -18.81 -10.82
N LEU B 378 16.07 -18.10 -9.96
CA LEU B 378 15.52 -17.73 -8.65
C LEU B 378 14.30 -16.84 -8.80
N ILE B 379 14.37 -15.84 -9.68
CA ILE B 379 13.22 -14.98 -9.91
C ILE B 379 12.08 -15.76 -10.54
N GLY B 380 12.39 -16.60 -11.53
CA GLY B 380 11.36 -17.41 -12.15
C GLY B 380 10.73 -18.40 -11.19
N ARG B 381 11.55 -19.04 -10.36
CA ARG B 381 11.02 -19.96 -9.37
C ARG B 381 10.10 -19.24 -8.39
N THR B 382 10.53 -18.06 -7.92
CA THR B 382 9.70 -17.29 -7.00
C THR B 382 8.40 -16.87 -7.66
N ALA B 383 8.47 -16.42 -8.91
CA ALA B 383 7.27 -15.98 -9.61
C ALA B 383 6.29 -17.12 -9.79
N PHE B 384 6.79 -18.30 -10.17
CA PHE B 384 5.90 -19.41 -10.47
C PHE B 384 5.31 -20.02 -9.21
N VAL B 385 6.00 -19.90 -8.07
CA VAL B 385 5.40 -20.31 -6.80
C VAL B 385 4.19 -19.44 -6.50
N PHE B 386 4.34 -18.12 -6.67
CA PHE B 386 3.23 -17.21 -6.43
C PHE B 386 2.14 -17.38 -7.49
N LEU B 387 2.55 -17.55 -8.76
CA LEU B 387 1.57 -17.68 -9.82
C LEU B 387 0.82 -19.00 -9.74
N THR B 388 1.54 -20.10 -9.48
CA THR B 388 0.86 -21.38 -9.30
C THR B 388 -0.07 -21.36 -8.10
N ALA B 389 0.36 -20.76 -6.99
CA ALA B 389 -0.51 -20.61 -5.84
C ALA B 389 -1.65 -19.65 -6.11
N ALA B 390 -1.39 -18.56 -6.82
CA ALA B 390 -2.43 -17.60 -7.16
C ALA B 390 -3.48 -18.19 -8.09
N ASP B 391 -3.17 -19.28 -8.80
CA ASP B 391 -4.14 -19.91 -9.68
C ASP B 391 -5.33 -20.45 -8.90
N ILE B 392 -5.14 -20.81 -7.63
CA ILE B 392 -6.28 -21.22 -6.81
C ILE B 392 -7.27 -20.07 -6.66
N ASN B 393 -6.74 -18.88 -6.39
CA ASN B 393 -7.60 -17.70 -6.28
C ASN B 393 -8.26 -17.38 -7.62
N GLU B 394 -7.46 -17.42 -8.70
CA GLU B 394 -8.00 -17.09 -10.01
C GLU B 394 -9.06 -18.08 -10.45
N GLU B 395 -8.82 -19.38 -10.20
CA GLU B 395 -9.77 -20.39 -10.64
C GLU B 395 -11.08 -20.31 -9.87
N SER B 396 -11.02 -19.93 -8.60
CA SER B 396 -12.24 -19.79 -7.82
C SER B 396 -13.13 -18.69 -8.39
N LYS B 397 -12.53 -17.59 -8.83
CA LYS B 397 -13.29 -16.47 -9.37
C LYS B 397 -13.72 -16.68 -10.83
N ARG B 398 -13.20 -17.71 -11.49
CA ARG B 398 -13.57 -17.95 -12.88
C ARG B 398 -14.98 -18.52 -13.03
N GLY B 399 -15.48 -19.23 -12.01
CA GLY B 399 -16.85 -19.69 -12.05
C GLY B 399 -17.88 -18.61 -11.81
N LEU B 400 -17.46 -17.48 -11.24
CA LEU B 400 -18.39 -16.37 -11.01
C LEU B 400 -18.97 -15.86 -12.31
N GLY B 401 -18.13 -15.72 -13.34
CA GLY B 401 -18.61 -15.18 -14.60
C GLY B 401 -19.72 -16.02 -15.22
N VAL B 402 -19.70 -17.33 -14.99
CA VAL B 402 -20.75 -18.18 -15.54
C VAL B 402 -21.98 -18.18 -14.64
N LEU B 403 -21.79 -18.11 -13.32
CA LEU B 403 -22.92 -18.05 -12.42
C LEU B 403 -23.72 -16.77 -12.61
N ARG B 404 -23.05 -15.68 -13.03
CA ARG B 404 -23.75 -14.43 -13.27
C ARG B 404 -24.64 -14.49 -14.50
N ARG B 405 -24.42 -15.48 -15.38
CA ARG B 405 -25.25 -15.66 -16.57
C ARG B 405 -26.46 -16.55 -16.30
N VAL B 406 -26.62 -17.06 -15.08
CA VAL B 406 -27.74 -17.95 -14.80
C VAL B 406 -29.05 -17.23 -15.07
N SER B 407 -29.95 -17.91 -15.78
CA SER B 407 -31.20 -17.30 -16.17
C SER B 407 -32.04 -16.95 -14.94
N SER B 408 -33.07 -16.13 -15.16
CA SER B 408 -33.94 -15.73 -14.06
C SER B 408 -34.74 -16.92 -13.53
N ARG B 409 -35.09 -17.87 -14.39
CA ARG B 409 -35.86 -19.03 -13.94
C ARG B 409 -34.99 -20.00 -13.15
N SER B 410 -33.73 -20.17 -13.55
CA SER B 410 -32.82 -21.05 -12.83
C SER B 410 -32.30 -20.43 -11.55
N TRP B 411 -32.42 -19.11 -11.39
CA TRP B 411 -31.93 -18.45 -10.19
C TRP B 411 -32.66 -18.96 -8.96
N CYS B 412 -31.89 -19.21 -7.90
CA CYS B 412 -32.44 -19.69 -6.64
C CYS B 412 -31.53 -19.24 -5.52
N VAL B 413 -31.88 -19.64 -4.29
CA VAL B 413 -31.10 -19.26 -3.13
C VAL B 413 -29.71 -19.88 -3.19
N GLU B 414 -29.60 -21.11 -3.71
CA GLU B 414 -28.31 -21.77 -3.75
C GLU B 414 -27.31 -21.02 -4.62
N VAL B 415 -27.76 -20.53 -5.78
CA VAL B 415 -26.88 -19.73 -6.61
C VAL B 415 -26.51 -18.44 -5.88
N GLU B 416 -27.47 -17.82 -5.22
CA GLU B 416 -27.17 -16.60 -4.46
C GLU B 416 -26.16 -16.88 -3.36
N ARG B 417 -26.32 -18.01 -2.65
CA ARG B 417 -25.34 -18.39 -1.65
C ARG B 417 -23.98 -18.61 -2.29
N LEU B 418 -23.93 -19.35 -3.38
CA LEU B 418 -22.65 -19.66 -4.02
C LEU B 418 -21.98 -18.40 -4.53
N ILE B 419 -22.73 -17.53 -5.21
CA ILE B 419 -22.13 -16.31 -5.76
C ILE B 419 -21.58 -15.43 -4.65
N PHE B 420 -22.30 -15.35 -3.52
CA PHE B 420 -21.82 -14.55 -2.40
C PHE B 420 -20.51 -15.10 -1.86
N GLN B 421 -20.39 -16.43 -1.77
CA GLN B 421 -19.16 -17.03 -1.25
C GLN B 421 -18.00 -16.79 -2.22
N MET B 422 -18.20 -17.09 -3.50
CA MET B 422 -17.14 -16.84 -4.48
C MET B 422 -16.73 -15.37 -4.49
N THR B 423 -17.72 -14.48 -4.38
CA THR B 423 -17.44 -13.05 -4.51
C THR B 423 -16.69 -12.50 -3.30
N THR B 424 -17.11 -12.88 -2.08
CA THR B 424 -16.59 -12.26 -0.88
C THR B 424 -15.49 -13.06 -0.19
N GLN B 425 -15.40 -14.36 -0.44
CA GLN B 425 -14.36 -15.17 0.16
C GLN B 425 -13.07 -15.09 -0.64
N THR B 426 -11.94 -14.96 0.06
CA THR B 426 -10.62 -14.99 -0.54
C THR B 426 -10.12 -16.42 -0.47
N VAL B 427 -10.25 -17.15 -1.59
CA VAL B 427 -9.87 -18.56 -1.66
C VAL B 427 -8.43 -18.62 -2.16
N ALA B 428 -7.48 -18.66 -1.24
CA ALA B 428 -6.07 -18.67 -1.62
C ALA B 428 -5.24 -19.18 -0.46
N LEU B 429 -4.04 -19.67 -0.78
CA LEU B 429 -3.06 -20.00 0.24
C LEU B 429 -2.53 -18.72 0.87
N SER B 430 -2.14 -18.82 2.14
CA SER B 430 -1.71 -17.66 2.89
C SER B 430 -0.51 -18.00 3.76
N GLY B 431 0.35 -17.01 3.98
CA GLY B 431 1.46 -17.13 4.90
C GLY B 431 1.05 -16.81 6.32
N LYS B 432 0.38 -17.76 6.98
CA LYS B 432 -0.16 -17.55 8.32
C LYS B 432 -1.19 -16.43 8.34
N LYS B 433 -1.89 -16.23 7.23
CA LYS B 433 -2.91 -15.20 7.05
C LYS B 433 -2.32 -13.79 7.05
N PHE B 434 -1.00 -13.65 7.14
CA PHE B 434 -0.40 -12.32 7.02
C PHE B 434 -0.54 -11.79 5.61
N TYR B 435 -0.54 -12.68 4.61
CA TYR B 435 -0.76 -12.30 3.22
C TYR B 435 -1.32 -13.52 2.51
N PHE B 436 -1.97 -13.26 1.38
CA PHE B 436 -2.60 -14.31 0.58
C PHE B 436 -1.92 -14.37 -0.78
N LEU B 437 -1.58 -15.59 -1.20
CA LEU B 437 -0.88 -15.79 -2.47
C LEU B 437 -1.85 -15.53 -3.61
N THR B 438 -1.86 -14.28 -4.10
CA THR B 438 -2.69 -13.86 -5.21
C THR B 438 -1.81 -13.15 -6.23
N ARG B 439 -2.39 -12.80 -7.37
CA ARG B 439 -1.63 -12.06 -8.38
C ARG B 439 -1.34 -10.64 -7.91
N ARG B 440 -2.23 -10.06 -7.09
CA ARG B 440 -1.96 -8.75 -6.53
C ARG B 440 -0.74 -8.78 -5.63
N LEU B 441 -0.59 -9.85 -4.84
CA LEU B 441 0.56 -9.96 -3.95
C LEU B 441 1.86 -10.04 -4.74
N LEU B 442 1.88 -10.81 -5.83
CA LEU B 442 3.09 -10.90 -6.64
C LEU B 442 3.45 -9.55 -7.22
N PHE B 443 2.45 -8.77 -7.65
CA PHE B 443 2.71 -7.40 -8.06
C PHE B 443 3.25 -6.57 -6.90
N GLY B 444 2.67 -6.74 -5.72
CA GLY B 444 3.20 -6.04 -4.55
C GLY B 444 4.60 -6.49 -4.18
N MET B 445 4.88 -7.79 -4.33
CA MET B 445 6.22 -8.28 -4.07
C MET B 445 7.23 -7.66 -5.03
N ALA B 446 6.89 -7.59 -6.32
CA ALA B 446 7.79 -6.98 -7.29
C ALA B 446 8.02 -5.51 -6.97
N GLY B 447 6.96 -4.79 -6.61
CA GLY B 447 7.12 -3.40 -6.24
C GLY B 447 7.97 -3.24 -4.99
N THR B 448 7.79 -4.12 -4.00
CA THR B 448 8.60 -4.06 -2.80
C THR B 448 10.06 -4.33 -3.11
N ILE B 449 10.34 -5.32 -3.97
CA ILE B 449 11.72 -5.63 -4.31
C ILE B 449 12.39 -4.45 -4.99
N VAL B 450 11.67 -3.80 -5.91
CA VAL B 450 12.23 -2.64 -6.61
C VAL B 450 12.57 -1.54 -5.60
N THR B 451 11.67 -1.30 -4.65
CA THR B 451 11.93 -0.26 -3.65
C THR B 451 13.16 -0.60 -2.82
N TYR B 452 13.27 -1.86 -2.38
CA TYR B 452 14.43 -2.26 -1.59
C TYR B 452 15.72 -2.13 -2.39
N GLU B 453 15.70 -2.56 -3.65
CA GLU B 453 16.90 -2.51 -4.47
C GLU B 453 17.36 -1.07 -4.70
N LEU B 454 16.41 -0.16 -4.97
CA LEU B 454 16.78 1.22 -5.18
C LEU B 454 17.46 1.80 -3.94
N VAL B 455 16.91 1.53 -2.75
CA VAL B 455 17.52 1.99 -1.52
C VAL B 455 18.82 1.23 -1.24
N LEU B 456 18.82 -0.08 -1.43
CA LEU B 456 19.99 -0.89 -1.08
C LEU B 456 21.15 -0.67 -2.04
N LEU B 457 20.88 -0.28 -3.28
CA LEU B 457 21.97 -0.08 -4.23
C LEU B 457 22.91 1.03 -3.78
N GLN B 458 22.39 2.00 -3.00
CA GLN B 458 23.25 3.02 -2.43
C GLN B 458 24.24 2.41 -1.44
N PHE B 459 23.80 1.42 -0.67
CA PHE B 459 24.70 0.74 0.27
C PHE B 459 25.85 0.07 -0.48
N ASP B 460 25.56 -0.55 -1.61
CA ASP B 460 26.55 -1.35 -2.33
C ASP B 460 27.37 -0.53 -3.32
N GLU B 461 27.14 0.79 -3.41
CA GLU B 461 27.93 1.59 -4.34
C GLU B 461 29.42 1.52 -4.04
N PRO B 462 29.87 1.69 -2.80
CA PRO B 462 31.33 1.61 -2.54
C PRO B 462 31.97 0.32 -3.07
N ASN B 463 31.45 -0.84 -2.66
CA ASN B 463 32.01 -2.10 -3.13
C ASN B 463 31.87 -2.26 -4.64
N ARG B 464 30.84 -1.67 -5.24
CA ARG B 464 30.67 -1.76 -6.69
C ARG B 464 31.82 -1.07 -7.42
N ARG B 465 32.21 0.12 -6.94
CA ARG B 465 33.27 0.88 -7.62
C ARG B 465 34.66 0.34 -7.35
N LYS B 466 34.83 -0.49 -6.31
CA LYS B 466 36.12 -1.11 -6.08
C LYS B 466 36.52 -2.02 -7.23
N GLY B 467 35.55 -2.70 -7.84
CA GLY B 467 35.83 -3.57 -8.95
C GLY B 467 36.39 -4.92 -8.50
N LEU B 468 36.67 -5.75 -9.49
CA LEU B 468 37.23 -7.06 -9.21
C LEU B 468 38.69 -6.93 -8.76
N GLN B 469 39.08 -7.80 -7.83
CA GLN B 469 40.42 -7.79 -7.28
C GLN B 469 41.41 -8.40 -8.26
N PRO B 470 42.70 -8.15 -8.07
CA PRO B 470 43.71 -8.77 -8.96
C PRO B 470 43.61 -10.28 -8.91
N LEU B 471 43.82 -10.90 -10.08
CA LEU B 471 43.68 -12.36 -10.18
C LEU B 471 44.66 -13.07 -9.25
N CYS B 472 45.94 -12.71 -9.31
CA CYS B 472 46.94 -13.37 -8.49
C CYS B 472 46.69 -13.11 -7.01
N ALA B 473 46.35 -11.87 -6.66
CA ALA B 473 46.12 -11.50 -5.26
C ALA B 473 44.92 -12.26 -4.71
N LEU C 67 -28.27 -10.25 -42.17
CA LEU C 67 -27.16 -9.73 -41.38
C LEU C 67 -27.26 -8.22 -41.24
N PRO C 68 -26.72 -7.67 -40.15
CA PRO C 68 -26.78 -6.22 -39.95
C PRO C 68 -25.93 -5.49 -40.98
N ASN C 69 -26.34 -4.25 -41.26
CA ASN C 69 -25.65 -3.39 -42.21
C ASN C 69 -24.46 -2.75 -41.50
N TYR C 70 -23.29 -3.34 -41.65
CA TYR C 70 -22.08 -2.83 -41.01
C TYR C 70 -21.60 -1.52 -41.61
N THR C 71 -22.13 -1.09 -42.75
CA THR C 71 -21.60 0.08 -43.44
C THR C 71 -21.78 1.34 -42.61
N ASN C 72 -22.98 1.54 -42.05
CA ASN C 72 -23.31 2.78 -41.36
C ASN C 72 -23.54 2.62 -39.87
N LEU C 73 -23.52 1.39 -39.35
CA LEU C 73 -23.75 1.18 -37.94
C LEU C 73 -22.61 1.79 -37.12
N ASP C 74 -22.95 2.28 -35.93
CA ASP C 74 -21.96 2.88 -35.02
C ASP C 74 -21.32 1.75 -34.22
N LEU C 75 -20.36 1.10 -34.85
CA LEU C 75 -19.67 -0.05 -34.27
C LEU C 75 -18.23 0.30 -33.96
N PHE C 76 -17.61 -0.55 -33.13
CA PHE C 76 -16.22 -0.31 -32.75
C PHE C 76 -15.28 -0.54 -33.93
N HIS C 77 -15.54 -1.58 -34.72
CA HIS C 77 -14.65 -1.90 -35.84
C HIS C 77 -14.54 -0.73 -36.81
N ARG C 78 -15.68 -0.12 -37.14
CA ARG C 78 -15.66 1.06 -38.01
C ARG C 78 -14.87 2.19 -37.40
N ALA C 79 -14.88 2.34 -36.07
CA ALA C 79 -14.22 3.46 -35.41
C ALA C 79 -12.71 3.33 -35.37
N VAL C 80 -12.18 2.11 -35.33
CA VAL C 80 -10.75 1.91 -35.15
C VAL C 80 -10.03 1.44 -36.40
N PHE C 81 -10.74 0.84 -37.36
CA PHE C 81 -10.05 0.32 -38.54
C PHE C 81 -9.24 1.38 -39.28
N PRO C 82 -9.68 2.64 -39.40
CA PRO C 82 -8.82 3.62 -40.08
C PRO C 82 -7.47 3.77 -39.42
N PHE C 83 -7.43 3.69 -38.08
CA PHE C 83 -6.16 3.81 -37.37
C PHE C 83 -5.44 2.48 -37.23
N MET C 84 -6.19 1.37 -37.22
CA MET C 84 -5.55 0.06 -37.29
C MET C 84 -4.86 -0.13 -38.63
N PHE C 85 -5.49 0.33 -39.71
CA PHE C 85 -4.85 0.28 -41.02
C PHE C 85 -3.62 1.17 -41.07
N LEU C 86 -3.71 2.36 -40.47
CA LEU C 86 -2.55 3.25 -40.42
C LEU C 86 -1.40 2.60 -39.68
N ALA C 87 -1.69 1.93 -38.57
CA ALA C 87 -0.65 1.20 -37.85
C ALA C 87 -0.06 0.09 -38.70
N GLN C 88 -0.85 -0.49 -39.59
CA GLN C 88 -0.33 -1.53 -40.49
C GLN C 88 0.65 -0.97 -41.49
N CYS C 89 0.61 0.34 -41.77
CA CYS C 89 1.60 0.92 -42.65
C CYS C 89 3.01 0.80 -42.06
N VAL C 90 3.14 0.94 -40.75
CA VAL C 90 4.38 0.66 -40.06
C VAL C 90 4.41 -0.79 -39.56
N ALA C 91 3.45 -1.61 -39.99
CA ALA C 91 3.43 -3.05 -39.73
C ALA C 91 3.44 -3.34 -38.22
N ILE C 92 2.36 -2.91 -37.57
CA ILE C 92 2.22 -3.09 -36.13
C ILE C 92 1.43 -4.37 -35.87
N MET C 93 0.19 -4.43 -36.36
CA MET C 93 -0.68 -5.58 -36.15
C MET C 93 -1.07 -6.16 -37.50
N PRO C 94 -0.37 -7.19 -37.99
CA PRO C 94 -0.58 -7.65 -39.37
C PRO C 94 -1.86 -8.47 -39.56
N LEU C 95 -2.98 -7.80 -39.77
CA LEU C 95 -4.26 -8.45 -40.05
C LEU C 95 -4.65 -8.26 -41.51
N VAL C 96 -5.35 -9.24 -42.05
CA VAL C 96 -5.81 -9.22 -43.44
C VAL C 96 -7.26 -8.75 -43.47
N GLY C 97 -7.56 -7.83 -44.38
CA GLY C 97 -8.90 -7.31 -44.50
C GLY C 97 -9.36 -6.50 -43.32
N ILE C 98 -8.46 -5.74 -42.69
CA ILE C 98 -8.85 -4.91 -41.56
C ILE C 98 -9.78 -3.80 -42.01
N ARG C 99 -9.70 -3.40 -43.28
CA ARG C 99 -10.52 -2.32 -43.81
C ARG C 99 -11.90 -2.79 -44.26
N GLU C 100 -12.18 -4.10 -44.19
CA GLU C 100 -13.47 -4.61 -44.59
C GLU C 100 -14.57 -4.08 -43.66
N SER C 101 -15.71 -3.73 -44.26
CA SER C 101 -16.84 -3.27 -43.46
C SER C 101 -17.34 -4.37 -42.52
N ASN C 102 -17.40 -5.59 -43.01
CA ASN C 102 -17.83 -6.72 -42.18
C ASN C 102 -16.65 -7.20 -41.35
N PRO C 103 -16.72 -7.13 -40.01
CA PRO C 103 -15.59 -7.60 -39.20
C PRO C 103 -15.31 -9.09 -39.34
N ARG C 104 -16.29 -9.89 -39.80
CA ARG C 104 -16.07 -11.30 -39.97
C ARG C 104 -15.04 -11.60 -41.06
N ARG C 105 -14.77 -10.64 -41.94
CA ARG C 105 -13.78 -10.82 -42.98
C ARG C 105 -12.35 -10.56 -42.50
N VAL C 106 -12.18 -10.10 -41.26
CA VAL C 106 -10.86 -9.86 -40.71
C VAL C 106 -10.26 -11.19 -40.30
N ARG C 107 -9.08 -11.49 -40.81
CA ARG C 107 -8.40 -12.75 -40.52
C ARG C 107 -6.91 -12.49 -40.35
N PHE C 108 -6.26 -13.41 -39.63
CA PHE C 108 -4.82 -13.36 -39.42
C PHE C 108 -4.17 -14.47 -40.22
N ALA C 109 -3.21 -14.11 -41.07
CA ALA C 109 -2.52 -15.07 -41.92
C ALA C 109 -1.03 -14.74 -41.90
N TYR C 110 -0.21 -15.73 -41.57
CA TYR C 110 1.24 -15.52 -41.61
C TYR C 110 1.71 -15.21 -43.03
N LYS C 111 1.19 -15.93 -44.02
CA LYS C 111 1.52 -15.66 -45.42
C LYS C 111 0.57 -14.58 -45.91
N SER C 112 0.98 -13.33 -45.70
CA SER C 112 0.21 -12.18 -46.15
C SER C 112 1.14 -10.98 -46.23
N ILE C 113 0.70 -9.97 -46.98
CA ILE C 113 1.49 -8.74 -47.09
C ILE C 113 1.68 -8.07 -45.74
N PRO C 114 0.64 -7.89 -44.91
CA PRO C 114 0.87 -7.25 -43.60
C PRO C 114 1.92 -7.95 -42.75
N MET C 115 1.94 -9.29 -42.77
CA MET C 115 2.97 -10.01 -42.01
C MET C 115 4.35 -9.85 -42.63
N PHE C 116 4.42 -9.76 -43.96
CA PHE C 116 5.71 -9.55 -44.61
C PHE C 116 6.31 -8.21 -44.19
N VAL C 117 5.50 -7.15 -44.19
CA VAL C 117 6.00 -5.84 -43.79
C VAL C 117 6.41 -5.88 -42.32
N THR C 118 5.68 -6.62 -41.50
CA THR C 118 6.06 -6.75 -40.09
C THR C 118 7.43 -7.41 -39.96
N LEU C 119 7.70 -8.43 -40.76
CA LEU C 119 9.00 -9.07 -40.73
C LEU C 119 10.10 -8.07 -41.11
N ILE C 120 9.85 -7.26 -42.13
CA ILE C 120 10.85 -6.27 -42.55
C ILE C 120 11.12 -5.28 -41.43
N PHE C 121 10.07 -4.74 -40.82
CA PHE C 121 10.24 -3.78 -39.75
C PHE C 121 10.88 -4.42 -38.52
N MET C 122 10.48 -5.65 -38.20
CA MET C 122 11.09 -6.34 -37.08
C MET C 122 12.57 -6.61 -37.33
N ILE C 123 12.92 -7.02 -38.55
CA ILE C 123 14.32 -7.25 -38.88
C ILE C 123 15.12 -5.96 -38.76
N ALA C 124 14.63 -4.90 -39.38
CA ALA C 124 15.35 -3.62 -39.36
C ALA C 124 15.42 -3.06 -37.94
N THR C 125 14.34 -3.18 -37.18
CA THR C 125 14.38 -2.74 -35.78
C THR C 125 15.40 -3.53 -34.99
N SER C 126 15.50 -4.83 -35.27
CA SER C 126 16.54 -5.64 -34.62
C SER C 126 17.94 -5.18 -35.02
N ILE C 127 18.11 -4.74 -36.27
CA ILE C 127 19.40 -4.21 -36.69
C ILE C 127 19.75 -2.98 -35.86
N LEU C 128 18.79 -2.09 -35.67
CA LEU C 128 19.02 -0.92 -34.82
C LEU C 128 19.30 -1.34 -33.38
N PHE C 129 18.58 -2.35 -32.89
CA PHE C 129 18.84 -2.83 -31.53
C PHE C 129 20.24 -3.38 -31.40
N LEU C 130 20.67 -4.19 -32.37
CA LEU C 130 22.04 -4.69 -32.35
C LEU C 130 23.04 -3.55 -32.51
N SER C 131 22.74 -2.61 -33.40
CA SER C 131 23.61 -1.44 -33.57
C SER C 131 23.80 -0.72 -32.24
N MET C 132 22.71 -0.46 -31.53
CA MET C 132 22.82 0.17 -30.22
C MET C 132 23.54 -0.74 -29.23
N PHE C 133 23.22 -2.03 -29.26
CA PHE C 133 23.83 -2.97 -28.31
C PHE C 133 25.34 -3.02 -28.48
N THR C 134 25.81 -3.19 -29.73
CA THR C 134 27.24 -3.25 -29.97
C THR C 134 27.90 -1.92 -29.63
N HIS C 135 27.26 -0.81 -29.97
CA HIS C 135 27.84 0.51 -29.70
C HIS C 135 28.06 0.72 -28.20
N LEU C 136 27.05 0.37 -27.38
CA LEU C 136 27.17 0.58 -25.95
C LEU C 136 28.28 -0.28 -25.36
N LEU C 137 28.43 -1.51 -25.85
CA LEU C 137 29.53 -2.35 -25.38
C LEU C 137 30.88 -1.73 -25.67
N LYS C 138 31.04 -1.10 -26.83
CA LYS C 138 32.31 -0.47 -27.17
C LYS C 138 32.59 0.73 -26.28
N ILE C 139 31.56 1.49 -25.92
CA ILE C 139 31.72 2.70 -25.13
C ILE C 139 31.26 2.53 -23.70
N GLY C 140 30.82 1.33 -23.31
CA GLY C 140 30.37 1.08 -21.96
C GLY C 140 28.90 1.38 -21.76
N ILE C 141 28.25 0.65 -20.86
CA ILE C 141 26.82 0.79 -20.61
C ILE C 141 26.63 1.60 -19.33
N THR C 142 25.91 2.71 -19.44
CA THR C 142 25.58 3.54 -18.30
C THR C 142 24.07 3.69 -18.19
N ALA C 143 23.61 4.17 -17.02
CA ALA C 143 22.18 4.35 -16.82
C ALA C 143 21.59 5.34 -17.81
N LYS C 144 22.39 6.24 -18.36
CA LYS C 144 21.92 7.18 -19.36
C LYS C 144 21.91 6.59 -20.77
N ASN C 145 22.92 5.78 -21.10
CA ASN C 145 22.97 5.13 -22.40
C ASN C 145 21.98 3.98 -22.53
N PHE C 146 21.56 3.40 -21.40
CA PHE C 146 20.70 2.22 -21.45
C PHE C 146 19.31 2.56 -21.98
N VAL C 147 18.91 3.83 -21.90
CA VAL C 147 17.57 4.21 -22.36
C VAL C 147 17.40 3.88 -23.83
N GLY C 148 18.43 4.12 -24.63
CA GLY C 148 18.33 3.82 -26.06
C GLY C 148 18.11 2.35 -26.33
N LEU C 149 18.80 1.49 -25.57
CA LEU C 149 18.60 0.05 -25.75
C LEU C 149 17.22 -0.38 -25.31
N VAL C 150 16.70 0.21 -24.23
CA VAL C 150 15.36 -0.13 -23.76
C VAL C 150 14.31 0.29 -24.79
N PHE C 151 14.52 1.44 -25.44
CA PHE C 151 13.56 1.91 -26.43
C PHE C 151 13.41 0.91 -27.57
N PHE C 152 14.54 0.46 -28.14
CA PHE C 152 14.47 -0.51 -29.22
C PHE C 152 13.97 -1.86 -28.74
N GLY C 153 14.35 -2.26 -27.53
CA GLY C 153 13.83 -3.49 -26.98
C GLY C 153 12.33 -3.44 -26.77
N CYS C 154 11.82 -2.31 -26.28
CA CYS C 154 10.38 -2.16 -26.10
C CYS C 154 9.65 -2.18 -27.44
N VAL C 155 10.21 -1.54 -28.46
CA VAL C 155 9.57 -1.54 -29.77
C VAL C 155 9.53 -2.96 -30.34
N LEU C 156 10.62 -3.71 -30.20
CA LEU C 156 10.63 -5.08 -30.66
C LEU C 156 9.62 -5.92 -29.91
N SER C 157 9.54 -5.73 -28.59
CA SER C 157 8.52 -6.42 -27.81
C SER C 157 7.12 -6.02 -28.26
N ALA C 158 6.93 -4.75 -28.60
CA ALA C 158 5.64 -4.31 -29.11
C ALA C 158 5.28 -5.02 -30.40
N TYR C 159 6.24 -5.20 -31.29
CA TYR C 159 5.98 -5.92 -32.53
C TYR C 159 5.54 -7.35 -32.26
N VAL C 160 6.23 -8.03 -31.34
CA VAL C 160 5.85 -9.40 -31.00
C VAL C 160 4.50 -9.42 -30.30
N VAL C 161 4.29 -8.50 -29.36
CA VAL C 161 3.03 -8.46 -28.63
C VAL C 161 1.88 -8.19 -29.59
N PHE C 162 2.08 -7.30 -30.55
CA PHE C 162 1.02 -6.98 -31.49
C PHE C 162 0.78 -8.11 -32.49
N ILE C 163 1.82 -8.89 -32.82
CA ILE C 163 1.62 -10.06 -33.67
C ILE C 163 0.73 -11.07 -32.96
N ARG C 164 1.00 -11.32 -31.67
CA ARG C 164 0.13 -12.21 -30.90
C ARG C 164 -1.26 -11.62 -30.77
N LEU C 165 -1.35 -10.30 -30.55
CA LEU C 165 -2.65 -9.65 -30.49
C LEU C 165 -3.36 -9.73 -31.84
N ALA C 166 -2.60 -9.66 -32.93
CA ALA C 166 -3.19 -9.85 -34.25
C ALA C 166 -3.80 -11.25 -34.38
N LYS C 167 -3.12 -12.25 -33.82
CA LYS C 167 -3.64 -13.61 -33.86
C LYS C 167 -4.99 -13.71 -33.16
N LYS C 168 -5.16 -13.03 -32.03
CA LYS C 168 -6.39 -13.08 -31.26
C LYS C 168 -7.43 -12.07 -31.71
N TRP C 169 -7.08 -11.10 -32.54
CA TRP C 169 -8.00 -10.02 -32.88
C TRP C 169 -9.23 -10.53 -33.60
N PRO C 170 -9.10 -11.41 -34.61
CA PRO C 170 -10.30 -11.86 -35.33
C PRO C 170 -11.36 -12.43 -34.41
N ALA C 171 -10.96 -13.18 -33.38
CA ALA C 171 -11.93 -13.66 -32.39
C ALA C 171 -12.48 -12.51 -31.57
N VAL C 172 -11.63 -11.56 -31.19
CA VAL C 172 -12.07 -10.44 -30.35
C VAL C 172 -13.07 -9.57 -31.11
N VAL C 173 -12.76 -9.24 -32.35
CA VAL C 173 -13.62 -8.35 -33.11
C VAL C 173 -14.96 -9.03 -33.42
N ARG C 174 -14.96 -10.35 -33.53
CA ARG C 174 -16.21 -11.05 -33.83
C ARG C 174 -17.14 -11.05 -32.61
N ILE C 175 -16.60 -11.33 -31.42
CA ILE C 175 -17.42 -11.28 -30.22
C ILE C 175 -17.81 -9.84 -29.91
N TRP C 176 -16.90 -8.89 -30.15
CA TRP C 176 -17.21 -7.49 -29.91
C TRP C 176 -18.37 -7.03 -30.77
N THR C 177 -18.40 -7.43 -32.04
CA THR C 177 -19.45 -6.97 -32.94
C THR C 177 -20.80 -7.51 -32.52
N ARG C 178 -20.90 -8.83 -32.32
CA ARG C 178 -22.18 -9.43 -31.95
C ARG C 178 -22.62 -9.00 -30.56
N THR C 179 -21.69 -8.62 -29.69
CA THR C 179 -22.02 -8.15 -28.36
C THR C 179 -22.59 -6.74 -28.36
N GLU C 180 -22.14 -5.89 -29.28
CA GLU C 180 -22.54 -4.49 -29.31
C GLU C 180 -23.72 -4.22 -30.24
N ILE C 181 -24.23 -5.22 -30.94
CA ILE C 181 -25.37 -5.05 -31.82
C ILE C 181 -26.59 -4.58 -31.02
N PRO C 182 -26.88 -5.17 -29.86
CA PRO C 182 -28.05 -4.71 -29.09
C PRO C 182 -28.01 -3.23 -28.75
N PHE C 183 -26.82 -2.66 -28.57
CA PHE C 183 -26.71 -1.25 -28.20
C PHE C 183 -26.86 -0.31 -29.39
N THR C 184 -26.95 -0.84 -30.61
CA THR C 184 -27.17 -0.03 -31.79
C THR C 184 -28.64 0.22 -32.08
N LYS C 185 -29.53 -0.33 -31.25
CA LYS C 185 -30.97 -0.21 -31.42
C LYS C 185 -31.59 0.21 -30.10
N PRO C 186 -32.80 0.76 -30.13
CA PRO C 186 -33.44 1.20 -28.88
C PRO C 186 -33.54 0.06 -27.88
N PRO C 187 -33.67 0.37 -26.59
CA PRO C 187 -33.82 1.69 -25.98
C PRO C 187 -32.50 2.44 -25.81
N TYR C 188 -31.43 1.96 -26.43
CA TYR C 188 -30.14 2.63 -26.35
C TYR C 188 -30.03 3.71 -27.41
N GLU C 189 -29.50 4.86 -27.02
CA GLU C 189 -29.38 6.01 -27.91
C GLU C 189 -27.92 6.38 -28.08
N ILE C 190 -27.57 6.84 -29.28
CA ILE C 190 -26.20 7.26 -29.56
C ILE C 190 -25.92 8.55 -28.79
N PRO C 191 -24.80 8.64 -28.06
CA PRO C 191 -24.53 9.86 -27.30
C PRO C 191 -24.27 11.08 -28.18
N LYS C 192 -23.98 12.22 -27.55
CA LYS C 192 -23.66 13.43 -28.31
C LYS C 192 -22.47 13.20 -29.23
N ARG C 193 -21.44 12.51 -28.74
CA ARG C 193 -20.24 12.20 -29.51
C ARG C 193 -20.21 10.69 -29.72
N ASN C 194 -20.42 10.26 -30.96
CA ASN C 194 -20.49 8.84 -31.26
C ASN C 194 -19.11 8.20 -31.14
N LEU C 195 -19.07 6.88 -31.24
CA LEU C 195 -17.82 6.15 -31.01
C LEU C 195 -16.75 6.56 -32.01
N SER C 196 -17.12 6.74 -33.28
CA SER C 196 -16.13 7.12 -34.28
C SER C 196 -15.49 8.47 -33.93
N ARG C 197 -16.29 9.44 -33.51
CA ARG C 197 -15.74 10.75 -33.14
C ARG C 197 -14.85 10.65 -31.92
N ARG C 198 -15.24 9.85 -30.92
CA ARG C 198 -14.43 9.71 -29.72
C ARG C 198 -13.06 9.11 -30.05
N VAL C 199 -13.04 8.10 -30.91
CA VAL C 199 -11.77 7.47 -31.27
C VAL C 199 -10.92 8.41 -32.10
N GLN C 200 -11.55 9.15 -33.01
CA GLN C 200 -10.80 10.06 -33.87
C GLN C 200 -10.09 11.14 -33.06
N LEU C 201 -10.79 11.74 -32.09
CA LEU C 201 -10.20 12.82 -31.32
C LEU C 201 -9.00 12.31 -30.52
N ALA C 202 -9.13 11.14 -29.90
CA ALA C 202 -8.01 10.57 -29.17
C ALA C 202 -6.87 10.21 -30.11
N ALA C 203 -7.20 9.59 -31.24
CA ALA C 203 -6.16 9.16 -32.17
C ALA C 203 -5.42 10.35 -32.78
N LEU C 204 -6.17 11.36 -33.23
CA LEU C 204 -5.53 12.52 -33.83
C LEU C 204 -4.71 13.29 -32.80
N ALA C 205 -5.20 13.39 -31.56
CA ALA C 205 -4.45 14.07 -30.52
C ALA C 205 -3.13 13.36 -30.24
N ILE C 206 -3.17 12.03 -30.13
CA ILE C 206 -1.94 11.28 -29.87
C ILE C 206 -1.03 11.31 -31.08
N ILE C 207 -1.58 11.10 -32.27
CA ILE C 207 -0.76 11.16 -33.49
C ILE C 207 -0.20 12.56 -33.67
N GLY C 208 -1.03 13.59 -33.47
CA GLY C 208 -0.54 14.96 -33.62
C GLY C 208 0.54 15.30 -32.61
N LEU C 209 0.34 14.92 -31.35
CA LEU C 209 1.34 15.19 -30.32
C LEU C 209 2.60 14.37 -30.56
N SER C 210 2.45 13.13 -31.00
CA SER C 210 3.62 12.29 -31.29
C SER C 210 4.45 12.87 -32.41
N LEU C 211 3.80 13.38 -33.46
CA LEU C 211 4.53 14.01 -34.55
C LEU C 211 5.30 15.23 -34.07
N GLY C 212 4.65 16.07 -33.24
CA GLY C 212 5.35 17.20 -32.68
C GLY C 212 6.50 16.80 -31.79
N GLU C 213 6.32 15.73 -31.01
CA GLU C 213 7.39 15.25 -30.15
C GLU C 213 8.60 14.81 -30.97
N HIS C 214 8.36 14.11 -32.08
CA HIS C 214 9.47 13.71 -32.95
C HIS C 214 10.02 14.89 -33.73
N ALA C 215 9.14 15.80 -34.17
CA ALA C 215 9.61 16.97 -34.88
C ALA C 215 10.52 17.82 -34.00
N LEU C 216 10.15 17.99 -32.74
CA LEU C 216 11.01 18.71 -31.80
C LEU C 216 12.31 17.97 -31.58
N TYR C 217 12.27 16.63 -31.54
CA TYR C 217 13.48 15.85 -31.35
C TYR C 217 14.46 16.09 -32.50
N GLN C 218 13.97 16.10 -33.73
CA GLN C 218 14.84 16.30 -34.88
C GLN C 218 15.36 17.74 -34.93
N VAL C 219 14.50 18.72 -34.63
CA VAL C 219 14.94 20.10 -34.60
C VAL C 219 15.98 20.30 -33.51
N SER C 220 15.71 19.73 -32.33
CA SER C 220 16.66 19.86 -31.22
C SER C 220 18.00 19.22 -31.57
N ALA C 221 17.97 18.03 -32.18
CA ALA C 221 19.21 17.36 -32.54
C ALA C 221 19.94 18.10 -33.66
N ILE C 222 19.19 18.58 -34.66
CA ILE C 222 19.83 19.27 -35.78
C ILE C 222 20.44 20.58 -35.34
N LEU C 223 19.69 21.38 -34.57
CA LEU C 223 20.20 22.66 -34.12
C LEU C 223 21.42 22.48 -33.22
N SER C 224 21.38 21.49 -32.32
CA SER C 224 22.52 21.24 -31.45
C SER C 224 23.74 20.87 -32.28
N TYR C 225 23.56 20.04 -33.30
CA TYR C 225 24.65 19.64 -34.17
C TYR C 225 25.24 20.83 -34.91
N THR C 226 24.39 21.61 -35.58
CA THR C 226 24.88 22.75 -36.35
C THR C 226 25.47 23.82 -35.45
N ARG C 227 24.79 24.13 -34.34
CA ARG C 227 25.28 25.18 -33.45
C ARG C 227 26.63 24.83 -32.86
N ARG C 228 26.84 23.56 -32.51
CA ARG C 228 28.14 23.15 -31.98
C ARG C 228 29.24 23.41 -32.99
N ILE C 229 28.99 23.09 -34.27
CA ILE C 229 30.01 23.30 -35.29
C ILE C 229 30.20 24.79 -35.57
N GLN C 230 29.10 25.54 -35.68
CA GLN C 230 29.20 26.93 -36.12
C GLN C 230 29.92 27.79 -35.10
N MET C 231 29.51 27.72 -33.83
CA MET C 231 30.08 28.54 -32.77
C MET C 231 31.28 27.90 -32.10
N CYS C 232 32.00 27.03 -32.81
CA CYS C 232 33.07 26.28 -32.18
C CYS C 232 34.37 27.06 -32.12
N ALA C 233 34.68 27.84 -33.15
CA ALA C 233 36.00 28.45 -33.30
C ALA C 233 37.10 27.40 -33.27
N ASN C 234 36.74 26.18 -33.63
CA ASN C 234 37.55 24.98 -33.44
C ASN C 234 37.17 24.01 -34.55
N ILE C 235 37.33 22.70 -34.32
CA ILE C 235 37.01 21.69 -35.31
C ILE C 235 35.75 22.12 -36.06
N THR C 236 35.83 22.13 -37.39
CA THR C 236 34.78 22.72 -38.22
C THR C 236 33.89 21.64 -38.83
N THR C 237 34.44 20.72 -39.62
CA THR C 237 33.65 19.65 -40.21
C THR C 237 32.37 20.23 -40.80
N VAL C 238 32.49 21.08 -41.81
CA VAL C 238 31.40 21.91 -42.33
C VAL C 238 30.09 21.14 -42.27
N PRO C 239 29.01 21.74 -41.75
CA PRO C 239 27.77 20.97 -41.56
C PRO C 239 27.26 20.39 -42.87
N SER C 240 26.76 19.17 -42.79
CA SER C 240 26.20 18.49 -43.95
C SER C 240 25.31 17.35 -43.46
N PHE C 241 24.43 16.88 -44.34
CA PHE C 241 23.56 15.76 -43.97
C PHE C 241 24.38 14.53 -43.65
N ASN C 242 25.44 14.27 -44.42
CA ASN C 242 26.25 13.08 -44.21
C ASN C 242 26.88 13.09 -42.82
N ASN C 243 27.56 14.18 -42.47
CA ASN C 243 28.25 14.24 -41.18
C ASN C 243 27.26 14.15 -40.02
N TYR C 244 26.10 14.80 -40.15
CA TYR C 244 25.10 14.73 -39.09
C TYR C 244 24.67 13.29 -38.83
N MET C 245 24.43 12.52 -39.90
CA MET C 245 24.01 11.14 -39.73
C MET C 245 25.10 10.32 -39.06
N GLN C 246 26.36 10.50 -39.47
CA GLN C 246 27.44 9.75 -38.86
C GLN C 246 27.71 10.18 -37.42
N THR C 247 27.30 11.40 -37.06
CA THR C 247 27.57 11.94 -35.73
C THR C 247 26.49 11.54 -34.73
N ASN C 248 25.24 11.91 -35.00
CA ASN C 248 24.15 11.64 -34.07
C ASN C 248 23.74 10.17 -34.06
N TYR C 249 23.96 9.45 -35.15
CA TYR C 249 23.60 8.04 -35.27
C TYR C 249 24.84 7.17 -35.39
N ASP C 250 25.88 7.51 -34.63
CA ASP C 250 27.12 6.74 -34.71
C ASP C 250 26.90 5.28 -34.33
N TYR C 251 25.96 5.00 -33.45
CA TYR C 251 25.72 3.63 -33.01
C TYR C 251 25.29 2.73 -34.16
N VAL C 252 24.76 3.30 -35.23
CA VAL C 252 24.35 2.52 -36.39
C VAL C 252 25.53 2.36 -37.33
N PHE C 253 26.08 3.48 -37.80
CA PHE C 253 27.14 3.45 -38.80
C PHE C 253 28.46 2.92 -38.25
N GLN C 254 28.58 2.77 -36.93
CA GLN C 254 29.75 2.10 -36.37
C GLN C 254 29.72 0.61 -36.63
N LEU C 255 28.62 0.07 -37.14
CA LEU C 255 28.50 -1.33 -37.50
C LEU C 255 28.22 -1.53 -38.98
N LEU C 256 27.41 -0.67 -39.58
CA LEU C 256 27.11 -0.73 -41.00
C LEU C 256 27.84 0.37 -41.76
N PRO C 257 28.26 0.12 -42.99
CA PRO C 257 28.88 1.19 -43.79
C PRO C 257 27.87 2.30 -44.06
N TYR C 258 28.35 3.53 -44.05
CA TYR C 258 27.46 4.65 -44.30
C TYR C 258 27.03 4.70 -45.76
N SER C 259 25.82 5.21 -45.98
CA SER C 259 25.29 5.43 -47.32
C SER C 259 24.06 6.33 -47.21
N PRO C 260 23.85 7.26 -48.14
CA PRO C 260 22.64 8.09 -48.05
C PRO C 260 21.36 7.28 -48.07
N ILE C 261 21.34 6.15 -48.78
CA ILE C 261 20.17 5.29 -48.79
C ILE C 261 19.93 4.74 -47.40
N ILE C 262 20.99 4.27 -46.73
CA ILE C 262 20.85 3.80 -45.37
C ILE C 262 20.53 4.96 -44.44
N ALA C 263 21.07 6.14 -44.73
CA ALA C 263 20.82 7.30 -43.86
C ALA C 263 19.34 7.58 -43.73
N VAL C 264 18.63 7.68 -44.86
CA VAL C 264 17.20 7.93 -44.81
C VAL C 264 16.45 6.75 -44.20
N LEU C 265 16.92 5.53 -44.47
CA LEU C 265 16.27 4.34 -43.90
C LEU C 265 16.29 4.39 -42.38
N ILE C 266 17.43 4.77 -41.80
CA ILE C 266 17.49 4.90 -40.34
C ILE C 266 16.53 5.97 -39.86
N LEU C 267 16.46 7.08 -40.58
CA LEU C 267 15.55 8.16 -40.18
C LEU C 267 14.10 7.69 -40.21
N LEU C 268 13.70 7.00 -41.29
CA LEU C 268 12.32 6.52 -41.39
C LEU C 268 12.02 5.48 -40.32
N ILE C 269 12.95 4.55 -40.11
CA ILE C 269 12.68 3.45 -39.18
C ILE C 269 12.70 3.93 -37.73
N ASN C 270 13.54 4.93 -37.41
CA ASN C 270 13.46 5.52 -36.09
C ASN C 270 12.15 6.27 -35.89
N GLY C 271 11.64 6.91 -36.95
CA GLY C 271 10.31 7.48 -36.86
C GLY C 271 9.23 6.41 -36.72
N ALA C 272 9.39 5.31 -37.45
CA ALA C 272 8.46 4.19 -37.29
C ALA C 272 8.52 3.63 -35.88
N CYS C 273 9.73 3.48 -35.32
CA CYS C 273 9.86 3.02 -33.95
C CYS C 273 9.17 3.97 -32.98
N THR C 274 9.27 5.28 -33.25
CA THR C 274 8.57 6.25 -32.42
C THR C 274 7.06 6.07 -32.51
N PHE C 275 6.55 5.83 -33.72
CA PHE C 275 5.12 5.60 -33.88
C PHE C 275 4.67 4.35 -33.14
N VAL C 276 5.45 3.27 -33.24
CA VAL C 276 5.09 2.03 -32.55
C VAL C 276 5.07 2.25 -31.04
N TRP C 277 6.07 2.96 -30.52
CA TRP C 277 6.12 3.26 -29.09
C TRP C 277 4.89 4.03 -28.65
N ASN C 278 4.35 4.89 -29.51
CA ASN C 278 3.18 5.68 -29.18
C ASN C 278 1.88 4.95 -29.48
N TYR C 279 1.89 3.98 -30.40
CA TYR C 279 0.66 3.29 -30.75
C TYR C 279 0.22 2.31 -29.68
N MET C 280 1.15 1.80 -28.87
CA MET C 280 0.77 0.94 -27.76
C MET C 280 -0.22 1.64 -26.84
N ASP C 281 0.07 2.89 -26.50
CA ASP C 281 -0.83 3.67 -25.67
C ASP C 281 -2.09 4.06 -26.42
N LEU C 282 -1.95 4.42 -27.70
CA LEU C 282 -3.12 4.78 -28.49
C LEU C 282 -4.08 3.62 -28.64
N PHE C 283 -3.55 2.42 -28.90
CA PHE C 283 -4.43 1.26 -29.09
C PHE C 283 -5.21 0.97 -27.81
N ILE C 284 -4.55 1.09 -26.65
CA ILE C 284 -5.25 0.87 -25.39
C ILE C 284 -6.34 1.93 -25.21
N MET C 285 -6.07 3.16 -25.66
CA MET C 285 -7.07 4.22 -25.53
C MET C 285 -8.29 3.93 -26.40
N MET C 286 -8.08 3.59 -27.66
CA MET C 286 -9.21 3.31 -28.54
C MET C 286 -10.02 2.12 -28.04
N ILE C 287 -9.33 1.08 -27.58
CA ILE C 287 -10.03 -0.07 -27.02
C ILE C 287 -10.82 0.32 -25.78
N SER C 288 -10.20 1.12 -24.91
CA SER C 288 -10.90 1.59 -23.72
C SER C 288 -12.09 2.46 -24.10
N LYS C 289 -11.94 3.30 -25.11
CA LYS C 289 -13.06 4.13 -25.56
C LYS C 289 -14.21 3.28 -26.05
N GLY C 290 -13.91 2.20 -26.78
CA GLY C 290 -14.96 1.34 -27.29
C GLY C 290 -15.71 0.62 -26.18
N LEU C 291 -15.02 0.24 -25.11
CA LEU C 291 -15.67 -0.52 -24.04
C LEU C 291 -16.47 0.40 -23.13
N SER C 292 -15.88 1.51 -22.70
CA SER C 292 -16.62 2.45 -21.86
C SER C 292 -17.77 3.10 -22.63
N TYR C 293 -17.72 3.07 -23.95
CA TYR C 293 -18.83 3.60 -24.75
C TYR C 293 -20.11 2.83 -24.49
N ARG C 294 -20.03 1.50 -24.46
CA ARG C 294 -21.23 0.68 -24.26
C ARG C 294 -21.67 0.72 -22.80
N PHE C 295 -20.73 0.73 -21.86
CA PHE C 295 -21.08 0.85 -20.45
C PHE C 295 -21.78 2.18 -20.19
N GLU C 296 -21.33 3.24 -20.86
CA GLU C 296 -22.00 4.53 -20.74
C GLU C 296 -23.43 4.47 -21.27
N GLN C 297 -23.64 3.74 -22.37
CA GLN C 297 -24.98 3.59 -22.91
C GLN C 297 -25.89 2.85 -21.92
N ILE C 298 -25.35 1.82 -21.26
CA ILE C 298 -26.13 1.11 -20.24
C ILE C 298 -26.50 2.07 -19.11
N THR C 299 -25.52 2.88 -18.68
CA THR C 299 -25.81 3.85 -17.62
C THR C 299 -26.84 4.86 -18.07
N THR C 300 -26.76 5.32 -19.32
CA THR C 300 -27.74 6.27 -19.82
C THR C 300 -29.13 5.66 -19.86
N ARG C 301 -29.24 4.40 -20.27
CA ARG C 301 -30.54 3.73 -20.28
C ARG C 301 -31.10 3.62 -18.87
N ILE C 302 -30.25 3.31 -17.89
CA ILE C 302 -30.71 3.20 -16.51
C ILE C 302 -31.17 4.56 -16.00
N ARG C 303 -30.50 5.63 -16.43
CA ARG C 303 -30.92 6.98 -16.01
C ARG C 303 -32.31 7.32 -16.53
N LYS C 304 -32.76 6.66 -17.60
CA LYS C 304 -34.10 6.90 -18.12
C LYS C 304 -35.18 6.32 -17.23
N LEU C 305 -34.81 5.53 -16.22
CA LEU C 305 -35.76 4.87 -15.34
C LEU C 305 -35.74 5.46 -13.92
N GLU C 306 -35.22 6.67 -13.76
CA GLU C 306 -35.04 7.23 -12.42
C GLU C 306 -36.37 7.35 -11.68
N HIS C 307 -37.39 7.89 -12.34
CA HIS C 307 -38.64 8.21 -11.67
C HIS C 307 -39.81 7.47 -12.32
N GLU C 308 -39.62 6.18 -12.60
CA GLU C 308 -40.64 5.37 -13.24
C GLU C 308 -40.73 4.02 -12.53
N GLU C 309 -41.89 3.39 -12.65
CA GLU C 309 -42.08 2.03 -12.19
C GLU C 309 -41.64 1.08 -13.30
N VAL C 310 -40.61 0.29 -13.03
CA VAL C 310 -39.94 -0.50 -14.06
C VAL C 310 -40.40 -1.96 -13.94
N CYS C 311 -40.80 -2.52 -15.07
CA CYS C 311 -41.17 -3.92 -15.13
C CYS C 311 -39.94 -4.80 -14.96
N GLU C 312 -40.16 -6.01 -14.44
CA GLU C 312 -39.05 -6.94 -14.22
C GLU C 312 -38.36 -7.30 -15.54
N SER C 313 -39.10 -7.28 -16.64
CA SER C 313 -38.50 -7.60 -17.94
C SER C 313 -37.42 -6.60 -18.31
N VAL C 314 -37.65 -5.32 -18.01
CA VAL C 314 -36.64 -4.30 -18.35
C VAL C 314 -35.34 -4.58 -17.62
N PHE C 315 -35.42 -4.91 -16.33
CA PHE C 315 -34.21 -5.19 -15.56
C PHE C 315 -33.52 -6.47 -16.04
N ILE C 316 -34.29 -7.43 -16.55
CA ILE C 316 -33.67 -8.63 -17.10
C ILE C 316 -32.80 -8.28 -18.30
N GLN C 317 -33.31 -7.43 -19.18
CA GLN C 317 -32.54 -7.02 -20.36
C GLN C 317 -31.30 -6.23 -19.95
N ILE C 318 -31.46 -5.31 -19.00
CA ILE C 318 -30.34 -4.48 -18.58
C ILE C 318 -29.24 -5.35 -17.98
N ARG C 319 -29.62 -6.29 -17.11
CA ARG C 319 -28.64 -7.18 -16.50
C ARG C 319 -27.97 -8.06 -17.54
N GLU C 320 -28.76 -8.59 -18.49
CA GLU C 320 -28.19 -9.44 -19.53
C GLU C 320 -27.21 -8.66 -20.40
N HIS C 321 -27.59 -7.45 -20.80
CA HIS C 321 -26.68 -6.62 -21.60
C HIS C 321 -25.44 -6.25 -20.79
N TYR C 322 -25.63 -5.90 -19.51
CA TYR C 322 -24.48 -5.59 -18.66
C TYR C 322 -23.56 -6.79 -18.52
N VAL C 323 -24.13 -7.98 -18.32
CA VAL C 323 -23.32 -9.18 -18.19
C VAL C 323 -22.57 -9.47 -19.49
N LYS C 324 -23.24 -9.28 -20.63
CA LYS C 324 -22.58 -9.51 -21.91
C LYS C 324 -21.42 -8.54 -22.10
N MET C 325 -21.60 -7.28 -21.72
CA MET C 325 -20.51 -6.32 -21.79
C MET C 325 -19.36 -6.73 -20.88
N CYS C 326 -19.66 -7.23 -19.69
CA CYS C 326 -18.61 -7.69 -18.79
C CYS C 326 -17.88 -8.90 -19.37
N GLU C 327 -18.60 -9.79 -20.03
CA GLU C 327 -17.95 -10.92 -20.69
C GLU C 327 -17.01 -10.43 -21.79
N LEU C 328 -17.45 -9.44 -22.57
CA LEU C 328 -16.61 -8.90 -23.62
C LEU C 328 -15.36 -8.26 -23.04
N LEU C 329 -15.50 -7.53 -21.93
CA LEU C 329 -14.33 -6.92 -21.29
C LEU C 329 -13.35 -7.98 -20.83
N GLU C 330 -13.84 -9.08 -20.27
CA GLU C 330 -12.95 -10.17 -19.86
C GLU C 330 -12.23 -10.76 -21.06
N PHE C 331 -12.95 -10.96 -22.17
CA PHE C 331 -12.31 -11.47 -23.38
C PHE C 331 -11.29 -10.49 -23.92
N VAL C 332 -11.66 -9.20 -23.97
CA VAL C 332 -10.73 -8.19 -24.47
C VAL C 332 -9.56 -8.03 -23.53
N ASP C 333 -9.83 -8.06 -22.22
CA ASP C 333 -8.75 -7.90 -21.25
C ASP C 333 -7.71 -9.00 -21.39
N SER C 334 -8.16 -10.25 -21.56
CA SER C 334 -7.22 -11.35 -21.72
C SER C 334 -6.39 -11.19 -23.00
N ALA C 335 -7.02 -10.77 -24.09
CA ALA C 335 -6.31 -10.59 -25.35
C ALA C 335 -5.26 -9.49 -25.23
N MET C 336 -5.59 -8.40 -24.55
CA MET C 336 -4.73 -7.23 -24.44
C MET C 336 -3.94 -7.20 -23.13
N SER C 337 -3.93 -8.30 -22.38
CA SER C 337 -3.25 -8.29 -21.09
C SER C 337 -1.76 -8.02 -21.26
N SER C 338 -1.13 -8.63 -22.27
CA SER C 338 0.30 -8.43 -22.47
C SER C 338 0.59 -7.00 -22.94
N LEU C 339 -0.23 -6.46 -23.83
CA LEU C 339 -0.01 -5.10 -24.31
C LEU C 339 -0.11 -4.10 -23.18
N ILE C 340 -1.11 -4.25 -22.31
CA ILE C 340 -1.25 -3.36 -21.17
C ILE C 340 -0.03 -3.48 -20.26
N LEU C 341 0.41 -4.71 -20.02
CA LEU C 341 1.57 -4.92 -19.15
C LEU C 341 2.82 -4.30 -19.74
N LEU C 342 3.03 -4.49 -21.05
CA LEU C 342 4.20 -3.91 -21.70
C LEU C 342 4.14 -2.39 -21.72
N SER C 343 2.95 -1.84 -22.02
CA SER C 343 2.81 -0.39 -22.06
C SER C 343 3.04 0.23 -20.70
N CYS C 344 2.51 -0.39 -19.64
CA CYS C 344 2.65 0.18 -18.31
C CYS C 344 4.10 0.20 -17.86
N VAL C 345 4.82 -0.90 -18.07
CA VAL C 345 6.21 -0.96 -17.65
C VAL C 345 7.07 -0.03 -18.52
N ASN C 346 6.77 0.02 -19.82
CA ASN C 346 7.52 0.92 -20.70
C ASN C 346 7.31 2.37 -20.30
N ASN C 347 6.07 2.76 -20.01
CA ASN C 347 5.80 4.13 -19.60
C ASN C 347 6.41 4.44 -18.25
N LEU C 348 6.36 3.49 -17.31
CA LEU C 348 6.90 3.74 -15.99
C LEU C 348 8.40 4.00 -16.04
N TYR C 349 9.12 3.21 -16.83
CA TYR C 349 10.57 3.40 -16.91
C TYR C 349 10.92 4.74 -17.54
N PHE C 350 10.29 5.06 -18.67
CA PHE C 350 10.63 6.30 -19.36
C PHE C 350 10.21 7.52 -18.56
N VAL C 351 9.05 7.46 -17.91
CA VAL C 351 8.63 8.58 -17.06
C VAL C 351 9.63 8.76 -15.92
N CYS C 352 10.02 7.66 -15.27
CA CYS C 352 11.00 7.75 -14.20
C CYS C 352 12.35 8.23 -14.73
N TYR C 353 12.77 7.71 -15.90
CA TYR C 353 14.04 8.12 -16.48
C TYR C 353 14.05 9.61 -16.80
N GLN C 354 12.98 10.09 -17.46
CA GLN C 354 12.94 11.48 -17.85
C GLN C 354 12.82 12.40 -16.64
N LEU C 355 12.01 12.01 -15.65
CA LEU C 355 11.87 12.84 -14.45
C LEU C 355 13.20 13.01 -13.73
N LEU C 356 14.12 12.07 -13.91
CA LEU C 356 15.43 12.15 -13.29
C LEU C 356 16.32 13.19 -13.95
N ASN C 357 15.94 13.71 -15.11
CA ASN C 357 16.76 14.69 -15.85
C ASN C 357 16.12 16.06 -15.87
N VAL C 358 15.12 16.32 -15.02
CA VAL C 358 14.49 17.63 -15.00
C VAL C 358 15.48 18.68 -14.51
N PHE C 359 16.34 18.31 -13.56
CA PHE C 359 17.30 19.25 -13.00
C PHE C 359 18.60 19.33 -13.79
N ASN C 360 18.78 18.45 -14.78
CA ASN C 360 19.97 18.50 -15.62
C ASN C 360 19.99 19.78 -16.44
N LYS C 361 21.19 20.25 -16.80
CA LYS C 361 21.35 21.49 -17.55
C LYS C 361 21.61 21.16 -19.00
N LEU C 362 20.80 21.75 -19.89
CA LEU C 362 20.93 21.57 -21.33
C LEU C 362 21.49 22.84 -21.95
N ARG C 363 22.12 22.69 -23.11
CA ARG C 363 22.83 23.81 -23.73
C ARG C 363 21.87 24.87 -24.24
N TRP C 364 21.00 24.49 -25.17
CA TRP C 364 20.19 25.46 -25.89
C TRP C 364 18.74 25.43 -25.42
N PRO C 365 18.01 26.54 -25.58
CA PRO C 365 16.59 26.52 -25.19
C PRO C 365 15.78 25.47 -25.94
N ILE C 366 16.13 25.19 -27.19
CA ILE C 366 15.40 24.18 -27.95
C ILE C 366 15.51 22.83 -27.26
N ASN C 367 16.67 22.53 -26.67
CA ASN C 367 16.82 21.29 -25.92
C ASN C 367 15.87 21.26 -24.73
N TYR C 368 15.71 22.40 -24.05
CA TYR C 368 14.75 22.47 -22.96
C TYR C 368 13.33 22.30 -23.47
N ILE C 369 13.01 22.90 -24.62
CA ILE C 369 11.67 22.78 -25.18
C ILE C 369 11.36 21.33 -25.51
N TYR C 370 12.30 20.64 -26.15
CA TYR C 370 12.09 19.24 -26.51
C TYR C 370 11.95 18.37 -25.26
N PHE C 371 12.83 18.57 -24.29
CA PHE C 371 12.80 17.72 -23.10
C PHE C 371 11.47 17.86 -22.36
N TRP C 372 11.01 19.10 -22.18
CA TRP C 372 9.78 19.31 -21.41
C TRP C 372 8.54 18.96 -22.23
N TYR C 373 8.56 19.20 -23.54
CA TYR C 373 7.49 18.69 -24.39
C TYR C 373 7.47 17.17 -24.35
N SER C 374 8.65 16.55 -24.44
CA SER C 374 8.72 15.09 -24.38
C SER C 374 8.27 14.57 -23.02
N LEU C 375 8.69 15.24 -21.94
CA LEU C 375 8.34 14.78 -20.60
C LEU C 375 6.85 14.98 -20.34
N LEU C 376 6.32 16.17 -20.63
CA LEU C 376 4.91 16.43 -20.39
C LEU C 376 4.02 15.54 -21.25
N TYR C 377 4.38 15.36 -22.53
CA TYR C 377 3.60 14.47 -23.38
C TYR C 377 3.64 13.04 -22.86
N LEU C 378 4.81 12.57 -22.44
CA LEU C 378 4.92 11.22 -21.92
C LEU C 378 4.08 11.04 -20.66
N ILE C 379 4.13 12.01 -19.75
CA ILE C 379 3.31 11.94 -18.54
C ILE C 379 1.83 12.05 -18.90
N GLY C 380 1.48 12.97 -19.79
CA GLY C 380 0.10 13.10 -20.21
C GLY C 380 -0.41 11.86 -20.92
N ARG C 381 0.42 11.28 -21.80
CA ARG C 381 0.02 10.07 -22.50
C ARG C 381 -0.20 8.92 -21.51
N THR C 382 0.71 8.78 -20.54
CA THR C 382 0.56 7.74 -19.54
C THR C 382 -0.69 7.95 -18.70
N ALA C 383 -0.94 9.20 -18.30
CA ALA C 383 -2.11 9.49 -17.49
C ALA C 383 -3.40 9.18 -18.24
N PHE C 384 -3.46 9.56 -19.52
CA PHE C 384 -4.70 9.40 -20.26
C PHE C 384 -4.95 7.94 -20.64
N VAL C 385 -3.89 7.14 -20.76
CA VAL C 385 -4.08 5.69 -20.94
C VAL C 385 -4.76 5.11 -19.71
N PHE C 386 -4.28 5.48 -18.52
CA PHE C 386 -4.89 4.99 -17.29
C PHE C 386 -6.28 5.58 -17.10
N LEU C 387 -6.44 6.88 -17.38
CA LEU C 387 -7.73 7.53 -17.19
C LEU C 387 -8.76 7.03 -18.17
N THR C 388 -8.38 6.89 -19.45
CA THR C 388 -9.31 6.34 -20.43
C THR C 388 -9.69 4.90 -20.09
N ALA C 389 -8.72 4.09 -19.67
CA ALA C 389 -9.01 2.73 -19.24
C ALA C 389 -9.81 2.72 -17.95
N ALA C 390 -9.50 3.60 -17.01
CA ALA C 390 -10.24 3.68 -15.76
C ALA C 390 -11.69 4.12 -15.97
N ASP C 391 -12.00 4.75 -17.10
CA ASP C 391 -13.37 5.15 -17.37
C ASP C 391 -14.31 3.95 -17.48
N ILE C 392 -13.79 2.79 -17.88
CA ILE C 392 -14.61 1.58 -17.89
C ILE C 392 -15.07 1.25 -16.48
N ASN C 393 -14.14 1.32 -15.51
CA ASN C 393 -14.48 1.07 -14.12
C ASN C 393 -15.45 2.14 -13.60
N GLU C 394 -15.16 3.41 -13.90
CA GLU C 394 -16.01 4.49 -13.41
C GLU C 394 -17.41 4.40 -14.00
N GLU C 395 -17.51 4.10 -15.29
CA GLU C 395 -18.82 4.06 -15.93
C GLU C 395 -19.66 2.90 -15.42
N SER C 396 -19.02 1.78 -15.08
CA SER C 396 -19.77 0.65 -14.53
C SER C 396 -20.42 1.02 -13.20
N LYS C 397 -19.71 1.77 -12.36
CA LYS C 397 -20.22 2.15 -11.05
C LYS C 397 -21.19 3.33 -11.11
N ARG C 398 -21.30 4.00 -12.26
CA ARG C 398 -22.21 5.14 -12.36
C ARG C 398 -23.66 4.72 -12.42
N GLY C 399 -23.96 3.52 -12.92
CA GLY C 399 -25.33 3.03 -12.90
C GLY C 399 -25.80 2.58 -11.53
N LEU C 400 -24.87 2.34 -10.61
CA LEU C 400 -25.25 1.92 -9.26
C LEU C 400 -26.09 3.01 -8.58
N GLY C 401 -25.68 4.27 -8.74
CA GLY C 401 -26.39 5.35 -8.07
C GLY C 401 -27.85 5.43 -8.47
N VAL C 402 -28.16 5.07 -9.72
CA VAL C 402 -29.54 5.12 -10.18
C VAL C 402 -30.29 3.87 -9.75
N LEU C 403 -29.63 2.71 -9.76
CA LEU C 403 -30.27 1.48 -9.31
C LEU C 403 -30.63 1.55 -7.84
N ARG C 404 -29.87 2.30 -7.05
CA ARG C 404 -30.18 2.43 -5.63
C ARG C 404 -31.43 3.27 -5.39
N ARG C 405 -31.86 4.03 -6.39
CA ARG C 405 -33.08 4.83 -6.28
C ARG C 405 -34.33 4.07 -6.72
N VAL C 406 -34.18 2.82 -7.15
CA VAL C 406 -35.33 2.06 -7.61
C VAL C 406 -36.36 1.96 -6.49
N SER C 407 -37.62 2.22 -6.83
CA SER C 407 -38.67 2.23 -5.83
C SER C 407 -38.84 0.83 -5.24
N SER C 408 -39.57 0.78 -4.10
CA SER C 408 -39.81 -0.50 -3.45
C SER C 408 -40.69 -1.40 -4.29
N ARG C 409 -41.61 -0.83 -5.07
CA ARG C 409 -42.48 -1.66 -5.90
C ARG C 409 -41.73 -2.22 -7.10
N SER C 410 -40.83 -1.44 -7.69
CA SER C 410 -40.05 -1.90 -8.82
C SER C 410 -38.92 -2.84 -8.41
N TRP C 411 -38.56 -2.86 -7.13
CA TRP C 411 -37.49 -3.73 -6.68
C TRP C 411 -37.84 -5.19 -6.91
N CYS C 412 -36.85 -5.95 -7.40
CA CYS C 412 -37.03 -7.36 -7.66
C CYS C 412 -35.68 -8.05 -7.55
N VAL C 413 -35.66 -9.36 -7.80
CA VAL C 413 -34.43 -10.12 -7.71
C VAL C 413 -33.43 -9.67 -8.76
N GLU C 414 -33.91 -9.30 -9.95
CA GLU C 414 -32.99 -8.91 -11.02
C GLU C 414 -32.21 -7.65 -10.64
N VAL C 415 -32.86 -6.67 -10.03
CA VAL C 415 -32.15 -5.49 -9.56
C VAL C 415 -31.16 -5.88 -8.49
N GLU C 416 -31.56 -6.76 -7.57
CA GLU C 416 -30.65 -7.22 -6.52
C GLU C 416 -29.45 -7.92 -7.13
N ARG C 417 -29.68 -8.77 -8.13
CA ARG C 417 -28.57 -9.42 -8.82
C ARG C 417 -27.67 -8.39 -9.49
N LEU C 418 -28.27 -7.43 -10.21
CA LEU C 418 -27.48 -6.44 -10.92
C LEU C 418 -26.68 -5.57 -9.96
N ILE C 419 -27.30 -5.10 -8.88
CA ILE C 419 -26.60 -4.23 -7.95
C ILE C 419 -25.44 -4.97 -7.30
N PHE C 420 -25.64 -6.25 -6.98
CA PHE C 420 -24.56 -7.03 -6.40
C PHE C 420 -23.39 -7.16 -7.36
N GLN C 421 -23.66 -7.37 -8.64
CA GLN C 421 -22.59 -7.50 -9.62
C GLN C 421 -21.84 -6.18 -9.79
N MET C 422 -22.58 -5.09 -10.00
CA MET C 422 -21.93 -3.79 -10.13
C MET C 422 -21.13 -3.44 -8.88
N THR C 423 -21.67 -3.78 -7.71
CA THR C 423 -21.03 -3.40 -6.45
C THR C 423 -19.76 -4.19 -6.19
N THR C 424 -19.80 -5.51 -6.40
CA THR C 424 -18.70 -6.38 -5.98
C THR C 424 -17.74 -6.73 -7.10
N GLN C 425 -18.15 -6.63 -8.36
CA GLN C 425 -17.27 -6.94 -9.47
C GLN C 425 -16.41 -5.73 -9.83
N THR C 426 -15.13 -5.99 -10.09
CA THR C 426 -14.20 -4.97 -10.56
C THR C 426 -14.18 -5.04 -12.08
N VAL C 427 -14.92 -4.13 -12.72
CA VAL C 427 -15.05 -4.12 -14.17
C VAL C 427 -14.00 -3.15 -14.71
N ALA C 428 -12.84 -3.69 -15.07
CA ALA C 428 -11.74 -2.85 -15.55
C ALA C 428 -10.75 -3.72 -16.31
N LEU C 429 -9.97 -3.07 -17.17
CA LEU C 429 -8.85 -3.73 -17.81
C LEU C 429 -7.74 -3.98 -16.79
N SER C 430 -6.97 -5.03 -17.02
CA SER C 430 -5.96 -5.43 -16.06
C SER C 430 -4.69 -5.88 -16.79
N GLY C 431 -3.55 -5.66 -16.13
CA GLY C 431 -2.28 -6.16 -16.62
C GLY C 431 -2.02 -7.58 -16.18
N LYS C 432 -2.67 -8.54 -16.85
CA LYS C 432 -2.58 -9.96 -16.48
C LYS C 432 -3.14 -10.20 -15.07
N LYS C 433 -4.09 -9.37 -14.65
CA LYS C 433 -4.72 -9.43 -13.34
C LYS C 433 -3.78 -9.05 -12.20
N PHE C 434 -2.53 -8.67 -12.51
CA PHE C 434 -1.64 -8.18 -11.48
C PHE C 434 -2.11 -6.84 -10.92
N TYR C 435 -2.75 -6.03 -11.76
CA TYR C 435 -3.33 -4.77 -11.34
C TYR C 435 -4.47 -4.44 -12.29
N PHE C 436 -5.37 -3.59 -11.83
CA PHE C 436 -6.53 -3.19 -12.60
C PHE C 436 -6.46 -1.70 -12.90
N LEU C 437 -6.69 -1.32 -14.15
CA LEU C 437 -6.60 0.07 -14.57
C LEU C 437 -7.79 0.83 -14.00
N THR C 438 -7.58 1.43 -12.83
CA THR C 438 -8.59 2.24 -12.16
C THR C 438 -7.96 3.57 -11.78
N ARG C 439 -8.78 4.49 -11.26
CA ARG C 439 -8.25 5.76 -10.81
C ARG C 439 -7.38 5.61 -9.57
N ARG C 440 -7.69 4.61 -8.74
CA ARG C 440 -6.84 4.34 -7.58
C ARG C 440 -5.44 3.92 -8.03
N LEU C 441 -5.36 3.10 -9.08
CA LEU C 441 -4.06 2.65 -9.56
C LEU C 441 -3.23 3.82 -10.08
N LEU C 442 -3.85 4.75 -10.80
CA LEU C 442 -3.11 5.91 -11.31
C LEU C 442 -2.59 6.75 -10.15
N PHE C 443 -3.38 6.89 -9.09
CA PHE C 443 -2.88 7.53 -7.88
C PHE C 443 -1.72 6.75 -7.28
N GLY C 444 -1.84 5.42 -7.24
CA GLY C 444 -0.74 4.60 -6.76
C GLY C 444 0.48 4.69 -7.65
N MET C 445 0.27 4.76 -8.96
CA MET C 445 1.39 4.92 -9.89
C MET C 445 2.11 6.23 -9.64
N ALA C 446 1.37 7.32 -9.45
CA ALA C 446 1.99 8.61 -9.19
C ALA C 446 2.78 8.57 -7.88
N GLY C 447 2.20 7.96 -6.85
CA GLY C 447 2.92 7.84 -5.58
C GLY C 447 4.16 6.99 -5.72
N THR C 448 4.08 5.91 -6.49
CA THR C 448 5.25 5.06 -6.71
C THR C 448 6.34 5.81 -7.45
N ILE C 449 5.96 6.59 -8.47
CA ILE C 449 6.95 7.34 -9.23
C ILE C 449 7.66 8.35 -8.35
N VAL C 450 6.90 9.04 -7.49
CA VAL C 450 7.50 10.02 -6.59
C VAL C 450 8.51 9.35 -5.68
N THR C 451 8.15 8.19 -5.14
CA THR C 451 9.05 7.47 -4.24
C THR C 451 10.33 7.07 -4.98
N TYR C 452 10.19 6.55 -6.19
CA TYR C 452 11.37 6.16 -6.96
C TYR C 452 12.25 7.37 -7.28
N GLU C 453 11.64 8.48 -7.68
CA GLU C 453 12.42 9.66 -8.03
C GLU C 453 13.18 10.20 -6.83
N LEU C 454 12.53 10.24 -5.66
CA LEU C 454 13.22 10.73 -4.47
C LEU C 454 14.44 9.88 -4.16
N VAL C 455 14.30 8.56 -4.23
CA VAL C 455 15.44 7.68 -4.00
C VAL C 455 16.44 7.76 -5.14
N LEU C 456 15.96 7.78 -6.39
CA LEU C 456 16.87 7.76 -7.54
C LEU C 456 17.61 9.08 -7.73
N LEU C 457 17.03 10.20 -7.27
CA LEU C 457 17.71 11.48 -7.44
C LEU C 457 19.03 11.51 -6.70
N GLN C 458 19.16 10.73 -5.62
CA GLN C 458 20.44 10.62 -4.94
C GLN C 458 21.48 9.96 -5.85
N PHE C 459 21.07 8.97 -6.64
CA PHE C 459 21.99 8.34 -7.57
C PHE C 459 22.52 9.33 -8.59
N ASP C 460 21.67 10.21 -9.08
CA ASP C 460 22.02 11.13 -10.16
C ASP C 460 22.63 12.43 -9.67
N GLU C 461 22.81 12.61 -8.35
CA GLU C 461 23.41 13.83 -7.86
C GLU C 461 24.81 14.06 -8.42
N PRO C 462 25.72 13.08 -8.43
CA PRO C 462 27.06 13.33 -8.98
C PRO C 462 27.03 13.88 -10.41
N ASN C 463 26.35 13.17 -11.33
CA ASN C 463 26.28 13.65 -12.70
C ASN C 463 25.56 14.99 -12.81
N ARG C 464 24.62 15.27 -11.91
CA ARG C 464 23.92 16.55 -11.94
C ARG C 464 24.88 17.71 -11.67
N ARG C 465 25.77 17.55 -10.68
CA ARG C 465 26.68 18.63 -10.32
C ARG C 465 27.83 18.79 -11.30
N LYS C 466 28.09 17.78 -12.13
CA LYS C 466 29.12 17.94 -13.16
C LYS C 466 28.77 19.03 -14.14
N GLY C 467 27.48 19.18 -14.45
CA GLY C 467 27.05 20.20 -15.37
C GLY C 467 27.29 19.81 -16.82
N LEU C 468 26.91 20.73 -17.71
CA LEU C 468 27.10 20.50 -19.13
C LEU C 468 28.59 20.59 -19.50
N GLN C 469 28.99 19.75 -20.44
CA GLN C 469 30.37 19.71 -20.88
C GLN C 469 30.69 20.89 -21.80
N PRO C 470 31.97 21.19 -21.99
CA PRO C 470 32.34 22.28 -22.91
C PRO C 470 31.80 22.02 -24.30
N LEU C 471 31.36 23.10 -24.96
CA LEU C 471 30.75 22.97 -26.28
C LEU C 471 31.72 22.36 -27.28
N CYS C 472 32.93 22.90 -27.37
CA CYS C 472 33.90 22.39 -28.33
C CYS C 472 34.31 20.96 -28.00
N ALA C 473 34.53 20.67 -26.72
CA ALA C 473 34.95 19.34 -26.29
C ALA C 473 33.86 18.31 -26.60
N LEU D 67 -43.39 28.33 -0.18
CA LEU D 67 -41.96 28.05 -0.06
C LEU D 67 -41.53 28.06 1.41
N PRO D 68 -40.49 27.30 1.73
CA PRO D 68 -40.02 27.28 3.12
C PRO D 68 -39.42 28.61 3.54
N ASN D 69 -39.49 28.87 4.84
CA ASN D 69 -38.96 30.11 5.41
C ASN D 69 -37.46 29.93 5.62
N TYR D 70 -36.67 30.40 4.65
CA TYR D 70 -35.22 30.28 4.72
C TYR D 70 -34.60 31.16 5.80
N THR D 71 -35.36 32.09 6.37
CA THR D 71 -34.77 33.06 7.30
C THR D 71 -34.23 32.37 8.55
N ASN D 72 -35.02 31.49 9.16
CA ASN D 72 -34.66 30.88 10.44
C ASN D 72 -34.37 29.39 10.36
N LEU D 73 -34.55 28.77 9.19
CA LEU D 73 -34.29 27.34 9.08
C LEU D 73 -32.81 27.05 9.29
N ASP D 74 -32.51 25.87 9.82
CA ASP D 74 -31.13 25.44 10.07
C ASP D 74 -30.61 24.78 8.80
N LEU D 75 -30.17 25.62 7.87
CA LEU D 75 -29.71 25.19 6.56
C LEU D 75 -28.21 25.46 6.41
N PHE D 76 -27.62 24.78 5.42
CA PHE D 76 -26.19 24.92 5.16
C PHE D 76 -25.87 26.32 4.63
N HIS D 77 -26.73 26.84 3.75
CA HIS D 77 -26.47 28.15 3.15
C HIS D 77 -26.41 29.23 4.23
N ARG D 78 -27.37 29.21 5.16
CA ARG D 78 -27.31 30.15 6.27
C ARG D 78 -26.05 29.98 7.09
N ALA D 79 -25.56 28.76 7.24
CA ALA D 79 -24.38 28.50 8.05
C ALA D 79 -23.10 28.99 7.39
N VAL D 80 -23.02 28.95 6.06
CA VAL D 80 -21.78 29.25 5.37
C VAL D 80 -21.74 30.63 4.72
N PHE D 81 -22.89 31.24 4.41
CA PHE D 81 -22.86 32.48 3.65
C PHE D 81 -22.04 33.58 4.32
N PRO D 82 -22.02 33.73 5.66
CA PRO D 82 -21.17 34.78 6.22
C PRO D 82 -19.70 34.62 5.84
N PHE D 83 -19.18 33.40 5.95
CA PHE D 83 -17.78 33.15 5.62
C PHE D 83 -17.54 33.14 4.12
N MET D 84 -18.54 32.75 3.33
CA MET D 84 -18.41 32.89 1.89
C MET D 84 -18.31 34.35 1.49
N PHE D 85 -19.08 35.21 2.15
CA PHE D 85 -18.98 36.65 1.89
C PHE D 85 -17.64 37.20 2.36
N LEU D 86 -17.16 36.73 3.51
CA LEU D 86 -15.84 37.14 3.97
C LEU D 86 -14.77 36.75 2.96
N ALA D 87 -14.87 35.55 2.39
CA ALA D 87 -13.95 35.15 1.34
C ALA D 87 -14.11 36.02 0.10
N GLN D 88 -15.34 36.34 -0.27
CA GLN D 88 -15.58 37.26 -1.39
C GLN D 88 -14.91 38.61 -1.15
N CYS D 89 -14.81 39.05 0.10
CA CYS D 89 -14.12 40.31 0.37
C CYS D 89 -12.70 40.29 -0.17
N VAL D 90 -12.04 39.13 -0.14
CA VAL D 90 -10.76 38.96 -0.81
C VAL D 90 -10.93 38.33 -2.20
N ALA D 91 -12.17 38.30 -2.71
CA ALA D 91 -12.49 37.85 -4.06
C ALA D 91 -11.97 36.42 -4.30
N ILE D 92 -12.56 35.49 -3.55
CA ILE D 92 -12.22 34.08 -3.67
C ILE D 92 -13.20 33.40 -4.61
N MET D 93 -14.49 33.41 -4.25
CA MET D 93 -15.53 32.76 -5.04
C MET D 93 -16.55 33.80 -5.46
N PRO D 94 -16.43 34.36 -6.68
CA PRO D 94 -17.26 35.51 -7.06
C PRO D 94 -18.70 35.14 -7.40
N LEU D 95 -19.56 35.06 -6.38
CA LEU D 95 -20.98 34.80 -6.56
C LEU D 95 -21.79 36.04 -6.22
N VAL D 96 -22.90 36.21 -6.94
CA VAL D 96 -23.80 37.33 -6.74
C VAL D 96 -24.92 36.92 -5.81
N GLY D 97 -25.25 37.79 -4.87
CA GLY D 97 -26.33 37.50 -3.93
C GLY D 97 -26.04 36.34 -3.00
N ILE D 98 -24.78 36.17 -2.59
CA ILE D 98 -24.45 35.08 -1.68
C ILE D 98 -25.09 35.31 -0.31
N ARG D 99 -25.35 36.57 0.04
CA ARG D 99 -25.93 36.92 1.33
C ARG D 99 -27.45 36.81 1.34
N GLU D 100 -28.07 36.48 0.22
CA GLU D 100 -29.52 36.35 0.17
C GLU D 100 -29.97 35.18 1.03
N SER D 101 -31.07 35.38 1.75
CA SER D 101 -31.62 34.29 2.57
C SER D 101 -32.06 33.12 1.71
N ASN D 102 -32.69 33.40 0.57
CA ASN D 102 -33.11 32.35 -0.34
C ASN D 102 -31.93 31.91 -1.20
N PRO D 103 -31.48 30.66 -1.11
CA PRO D 103 -30.35 30.23 -1.95
C PRO D 103 -30.62 30.28 -3.44
N ARG D 104 -31.89 30.27 -3.85
CA ARG D 104 -32.20 30.33 -5.27
C ARG D 104 -31.80 31.66 -5.89
N ARG D 105 -31.58 32.70 -5.08
CA ARG D 105 -31.14 33.99 -5.58
C ARG D 105 -29.64 34.05 -5.81
N VAL D 106 -28.90 33.02 -5.43
CA VAL D 106 -27.45 32.99 -5.65
C VAL D 106 -27.20 32.64 -7.12
N ARG D 107 -26.43 33.49 -7.80
CA ARG D 107 -26.13 33.30 -9.20
C ARG D 107 -24.67 33.67 -9.46
N PHE D 108 -24.13 33.13 -10.55
CA PHE D 108 -22.77 33.42 -10.97
C PHE D 108 -22.84 34.25 -12.25
N ALA D 109 -22.22 35.43 -12.21
CA ALA D 109 -22.21 36.34 -13.35
C ALA D 109 -20.79 36.87 -13.54
N TYR D 110 -20.26 36.73 -14.76
CA TYR D 110 -18.95 37.29 -15.05
C TYR D 110 -18.95 38.80 -14.91
N LYS D 111 -20.00 39.46 -15.40
CA LYS D 111 -20.14 40.91 -15.25
C LYS D 111 -20.79 41.17 -13.90
N SER D 112 -19.95 41.30 -12.88
CA SER D 112 -20.41 41.58 -11.53
C SER D 112 -19.25 42.13 -10.71
N ILE D 113 -19.59 42.81 -9.62
CA ILE D 113 -18.55 43.37 -8.75
C ILE D 113 -17.66 42.26 -8.19
N PRO D 114 -18.19 41.15 -7.67
CA PRO D 114 -17.29 40.10 -7.16
C PRO D 114 -16.31 39.60 -8.20
N MET D 115 -16.74 39.44 -9.45
CA MET D 115 -15.81 39.00 -10.49
C MET D 115 -14.79 40.07 -10.81
N PHE D 116 -15.17 41.35 -10.74
CA PHE D 116 -14.19 42.42 -10.94
C PHE D 116 -13.12 42.38 -9.86
N VAL D 117 -13.54 42.20 -8.60
CA VAL D 117 -12.57 42.13 -7.52
C VAL D 117 -11.69 40.90 -7.67
N THR D 118 -12.28 39.79 -8.14
CA THR D 118 -11.49 38.58 -8.39
C THR D 118 -10.47 38.82 -9.47
N LEU D 119 -10.85 39.52 -10.54
CA LEU D 119 -9.90 39.85 -11.60
C LEU D 119 -8.76 40.70 -11.05
N ILE D 120 -9.08 41.70 -10.23
CA ILE D 120 -8.05 42.57 -9.66
C ILE D 120 -7.08 41.74 -8.81
N PHE D 121 -7.64 40.90 -7.93
CA PHE D 121 -6.79 40.11 -7.04
C PHE D 121 -5.95 39.11 -7.82
N MET D 122 -6.52 38.49 -8.85
CA MET D 122 -5.75 37.58 -9.69
C MET D 122 -4.63 38.31 -10.42
N ILE D 123 -4.91 39.51 -10.93
CA ILE D 123 -3.87 40.28 -11.62
C ILE D 123 -2.74 40.60 -10.67
N ALA D 124 -3.07 41.03 -9.45
CA ALA D 124 -2.03 41.38 -8.49
C ALA D 124 -1.25 40.15 -8.04
N THR D 125 -1.94 39.03 -7.83
CA THR D 125 -1.25 37.81 -7.46
C THR D 125 -0.33 37.33 -8.58
N SER D 126 -0.76 37.49 -9.83
CA SER D 126 0.11 37.18 -10.95
C SER D 126 1.31 38.13 -11.01
N ILE D 127 1.11 39.39 -10.65
CA ILE D 127 2.23 40.33 -10.57
C ILE D 127 3.23 39.85 -9.54
N LEU D 128 2.75 39.43 -8.37
CA LEU D 128 3.65 38.91 -7.35
C LEU D 128 4.34 37.63 -7.81
N PHE D 129 3.60 36.76 -8.50
CA PHE D 129 4.18 35.52 -9.01
C PHE D 129 5.29 35.80 -10.02
N LEU D 130 5.06 36.74 -10.93
CA LEU D 130 6.08 37.12 -11.90
C LEU D 130 7.28 37.76 -11.20
N SER D 131 7.02 38.58 -10.19
CA SER D 131 8.11 39.16 -9.41
C SER D 131 8.98 38.06 -8.82
N MET D 132 8.36 37.09 -8.16
CA MET D 132 9.11 36.00 -7.55
C MET D 132 9.85 35.19 -8.62
N PHE D 133 9.20 34.93 -9.75
CA PHE D 133 9.83 34.15 -10.81
C PHE D 133 11.07 34.84 -11.33
N THR D 134 10.96 36.14 -11.64
CA THR D 134 12.11 36.88 -12.15
C THR D 134 13.21 36.98 -11.11
N HIS D 135 12.85 37.19 -9.84
CA HIS D 135 13.85 37.26 -8.79
C HIS D 135 14.61 35.95 -8.68
N LEU D 136 13.89 34.82 -8.68
CA LEU D 136 14.54 33.52 -8.57
C LEU D 136 15.41 33.24 -9.79
N LEU D 137 14.95 33.62 -10.97
CA LEU D 137 15.78 33.47 -12.16
C LEU D 137 17.07 34.29 -12.04
N LYS D 138 16.97 35.50 -11.51
CA LYS D 138 18.15 36.33 -11.34
C LYS D 138 19.11 35.74 -10.32
N ILE D 139 18.59 35.19 -9.22
CA ILE D 139 19.43 34.66 -8.15
C ILE D 139 19.49 33.14 -8.17
N GLY D 140 18.89 32.50 -9.17
CA GLY D 140 18.93 31.05 -9.26
C GLY D 140 17.82 30.40 -8.48
N ILE D 141 17.38 29.22 -8.92
CA ILE D 141 16.28 28.49 -8.30
C ILE D 141 16.84 27.35 -7.47
N THR D 142 16.48 27.32 -6.20
CA THR D 142 16.86 26.25 -5.30
C THR D 142 15.62 25.66 -4.65
N ALA D 143 15.79 24.47 -4.06
CA ALA D 143 14.67 23.81 -3.39
C ALA D 143 14.10 24.65 -2.26
N LYS D 144 14.89 25.56 -1.70
CA LYS D 144 14.40 26.44 -0.63
C LYS D 144 13.71 27.67 -1.18
N ASN D 145 14.20 28.23 -2.28
CA ASN D 145 13.56 29.39 -2.90
C ASN D 145 12.29 29.05 -3.64
N PHE D 146 12.13 27.79 -4.08
CA PHE D 146 10.98 27.40 -4.87
C PHE D 146 9.69 27.46 -4.06
N VAL D 147 9.79 27.54 -2.73
CA VAL D 147 8.60 27.51 -1.89
C VAL D 147 7.71 28.71 -2.15
N GLY D 148 8.30 29.89 -2.31
CA GLY D 148 7.50 31.07 -2.57
C GLY D 148 6.80 31.03 -3.92
N LEU D 149 7.50 30.57 -4.95
CA LEU D 149 6.87 30.41 -6.25
C LEU D 149 5.74 29.40 -6.18
N VAL D 150 5.94 28.29 -5.46
CA VAL D 150 4.88 27.31 -5.30
C VAL D 150 3.69 27.93 -4.57
N PHE D 151 3.96 28.75 -3.55
CA PHE D 151 2.89 29.40 -2.81
C PHE D 151 2.05 30.29 -3.71
N PHE D 152 2.71 31.14 -4.50
CA PHE D 152 1.97 32.05 -5.38
C PHE D 152 1.23 31.28 -6.46
N GLY D 153 1.86 30.25 -7.04
CA GLY D 153 1.17 29.45 -8.03
C GLY D 153 -0.04 28.74 -7.45
N CYS D 154 0.09 28.24 -6.22
CA CYS D 154 -1.04 27.60 -5.56
C CYS D 154 -2.16 28.59 -5.29
N VAL D 155 -1.82 29.83 -4.92
CA VAL D 155 -2.85 30.84 -4.70
C VAL D 155 -3.58 31.15 -6.01
N LEU D 156 -2.84 31.28 -7.11
CA LEU D 156 -3.47 31.54 -8.39
C LEU D 156 -4.36 30.36 -8.81
N SER D 157 -3.86 29.14 -8.63
CA SER D 157 -4.67 27.96 -8.94
C SER D 157 -5.91 27.92 -8.07
N ALA D 158 -5.79 28.34 -6.81
CA ALA D 158 -6.95 28.41 -5.93
C ALA D 158 -7.96 29.43 -6.45
N TYR D 159 -7.48 30.57 -6.94
CA TYR D 159 -8.39 31.56 -7.51
C TYR D 159 -9.15 30.97 -8.70
N VAL D 160 -8.44 30.29 -9.59
CA VAL D 160 -9.09 29.71 -10.76
C VAL D 160 -10.08 28.63 -10.35
N VAL D 161 -9.67 27.76 -9.44
CA VAL D 161 -10.52 26.67 -8.99
C VAL D 161 -11.77 27.22 -8.30
N PHE D 162 -11.62 28.31 -7.56
CA PHE D 162 -12.76 28.91 -6.88
C PHE D 162 -13.66 29.64 -7.86
N ILE D 163 -13.11 30.17 -8.95
CA ILE D 163 -13.97 30.73 -10.00
C ILE D 163 -14.83 29.64 -10.61
N ARG D 164 -14.21 28.48 -10.91
CA ARG D 164 -14.98 27.37 -11.45
C ARG D 164 -16.01 26.88 -10.44
N LEU D 165 -15.63 26.82 -9.16
CA LEU D 165 -16.55 26.39 -8.12
C LEU D 165 -17.70 27.37 -7.98
N ALA D 166 -17.42 28.67 -8.14
CA ALA D 166 -18.50 29.66 -8.16
C ALA D 166 -19.44 29.40 -9.33
N LYS D 167 -18.87 29.08 -10.50
CA LYS D 167 -19.71 28.74 -11.64
C LYS D 167 -20.63 27.58 -11.33
N LYS D 168 -20.12 26.57 -10.62
CA LYS D 168 -20.90 25.38 -10.29
C LYS D 168 -21.75 25.52 -9.03
N TRP D 169 -21.56 26.58 -8.26
CA TRP D 169 -22.15 26.66 -6.93
C TRP D 169 -23.66 26.88 -6.91
N PRO D 170 -24.23 27.67 -7.81
CA PRO D 170 -25.70 27.84 -7.78
C PRO D 170 -26.45 26.53 -7.80
N ALA D 171 -26.09 25.62 -8.71
CA ALA D 171 -26.75 24.33 -8.77
C ALA D 171 -26.49 23.52 -7.50
N VAL D 172 -25.26 23.56 -6.99
CA VAL D 172 -24.92 22.79 -5.80
C VAL D 172 -25.76 23.24 -4.62
N VAL D 173 -25.86 24.56 -4.43
CA VAL D 173 -26.62 25.08 -3.29
C VAL D 173 -28.10 24.81 -3.47
N ARG D 174 -28.62 24.91 -4.70
CA ARG D 174 -30.03 24.61 -4.91
C ARG D 174 -30.35 23.15 -4.57
N ILE D 175 -29.53 22.22 -5.07
CA ILE D 175 -29.78 20.81 -4.77
C ILE D 175 -29.60 20.55 -3.28
N TRP D 176 -28.59 21.17 -2.66
CA TRP D 176 -28.38 21.00 -1.23
C TRP D 176 -29.59 21.46 -0.43
N THR D 177 -30.14 22.63 -0.79
CA THR D 177 -31.29 23.16 -0.06
C THR D 177 -32.50 22.26 -0.24
N ARG D 178 -32.80 21.85 -1.47
CA ARG D 178 -33.97 21.01 -1.67
C ARG D 178 -33.77 19.60 -1.11
N THR D 179 -32.51 19.20 -0.87
CA THR D 179 -32.24 17.89 -0.28
C THR D 179 -32.27 17.89 1.23
N GLU D 180 -31.92 19.01 1.87
CA GLU D 180 -31.84 19.07 3.32
C GLU D 180 -33.12 19.55 3.97
N ILE D 181 -34.15 19.88 3.21
CA ILE D 181 -35.43 20.34 3.75
C ILE D 181 -36.05 19.23 4.60
N PRO D 182 -36.08 17.97 4.14
CA PRO D 182 -36.68 16.91 4.96
C PRO D 182 -36.06 16.79 6.35
N PHE D 183 -34.77 17.09 6.50
CA PHE D 183 -34.09 16.96 7.78
C PHE D 183 -34.38 18.12 8.72
N THR D 184 -35.05 19.17 8.25
CA THR D 184 -35.43 20.29 9.09
C THR D 184 -36.75 20.08 9.80
N LYS D 185 -37.40 18.94 9.60
CA LYS D 185 -38.69 18.61 10.18
C LYS D 185 -38.62 17.22 10.79
N PRO D 186 -39.52 16.90 11.71
CA PRO D 186 -39.48 15.57 12.35
C PRO D 186 -39.57 14.47 11.31
N PRO D 187 -39.11 13.26 11.64
CA PRO D 187 -38.61 12.80 12.94
C PRO D 187 -37.16 13.19 13.21
N TYR D 188 -36.58 14.08 12.41
CA TYR D 188 -35.22 14.53 12.60
C TYR D 188 -35.18 15.69 13.58
N GLU D 189 -34.21 15.65 14.48
CA GLU D 189 -34.07 16.66 15.53
C GLU D 189 -32.73 17.37 15.39
N ILE D 190 -32.71 18.65 15.72
CA ILE D 190 -31.48 19.44 15.66
C ILE D 190 -30.56 18.98 16.77
N PRO D 191 -29.28 18.69 16.48
CA PRO D 191 -28.39 18.20 17.55
C PRO D 191 -28.10 19.26 18.60
N LYS D 192 -27.26 18.92 19.58
CA LYS D 192 -26.87 19.90 20.60
C LYS D 192 -26.22 21.11 19.97
N ARG D 193 -25.34 20.88 18.99
CA ARG D 193 -24.61 21.92 18.28
C ARG D 193 -25.13 21.96 16.85
N ASN D 194 -25.91 22.99 16.52
CA ASN D 194 -26.53 23.07 15.21
C ASN D 194 -25.47 23.36 14.14
N LEU D 195 -25.89 23.29 12.88
CA LEU D 195 -24.94 23.43 11.77
C LEU D 195 -24.28 24.81 11.78
N SER D 196 -25.05 25.85 12.06
CA SER D 196 -24.47 27.19 12.10
C SER D 196 -23.37 27.28 13.14
N ARG D 197 -23.61 26.73 14.33
CA ARG D 197 -22.60 26.80 15.38
C ARG D 197 -21.36 25.99 15.02
N ARG D 198 -21.54 24.81 14.42
CA ARG D 198 -20.39 24.01 14.00
C ARG D 198 -19.54 24.76 12.98
N VAL D 199 -20.20 25.31 11.96
CA VAL D 199 -19.47 26.05 10.93
C VAL D 199 -18.79 27.27 11.54
N GLN D 200 -19.47 27.96 12.44
CA GLN D 200 -18.88 29.14 13.07
C GLN D 200 -17.65 28.76 13.87
N LEU D 201 -17.73 27.69 14.66
CA LEU D 201 -16.58 27.29 15.46
C LEU D 201 -15.40 26.92 14.56
N ALA D 202 -15.64 26.11 13.54
CA ALA D 202 -14.54 25.71 12.66
C ALA D 202 -13.94 26.92 11.96
N ALA D 203 -14.78 27.80 11.41
CA ALA D 203 -14.28 28.93 10.66
C ALA D 203 -13.54 29.92 11.56
N LEU D 204 -14.07 30.19 12.75
CA LEU D 204 -13.39 31.10 13.66
C LEU D 204 -12.06 30.52 14.13
N ALA D 205 -12.02 29.22 14.41
CA ALA D 205 -10.75 28.61 14.78
C ALA D 205 -9.73 28.75 13.66
N ILE D 206 -10.13 28.42 12.43
CA ILE D 206 -9.18 28.48 11.32
C ILE D 206 -8.74 29.92 11.07
N ILE D 207 -9.68 30.86 11.11
CA ILE D 207 -9.34 32.25 10.83
C ILE D 207 -8.43 32.82 11.90
N GLY D 208 -8.73 32.53 13.17
CA GLY D 208 -7.88 33.00 14.24
C GLY D 208 -6.49 32.40 14.18
N LEU D 209 -6.39 31.10 13.88
CA LEU D 209 -5.08 30.48 13.76
C LEU D 209 -4.30 31.04 12.57
N SER D 210 -4.97 31.30 11.44
CA SER D 210 -4.29 31.89 10.30
C SER D 210 -3.83 33.31 10.61
N LEU D 211 -4.66 34.10 11.29
CA LEU D 211 -4.26 35.44 11.67
C LEU D 211 -3.07 35.41 12.61
N GLY D 212 -3.08 34.48 13.58
CA GLY D 212 -1.93 34.34 14.46
C GLY D 212 -0.68 33.92 13.71
N GLU D 213 -0.83 33.01 12.74
CA GLU D 213 0.31 32.59 11.95
C GLU D 213 0.91 33.74 11.16
N HIS D 214 0.05 34.55 10.52
CA HIS D 214 0.56 35.67 9.74
C HIS D 214 1.16 36.75 10.65
N ALA D 215 0.54 36.99 11.81
CA ALA D 215 1.11 37.95 12.74
C ALA D 215 2.46 37.49 13.24
N LEU D 216 2.61 36.19 13.53
CA LEU D 216 3.91 35.65 13.92
C LEU D 216 4.92 35.79 12.80
N TYR D 217 4.50 35.52 11.56
CA TYR D 217 5.40 35.69 10.42
C TYR D 217 5.90 37.12 10.34
N GLN D 218 4.99 38.09 10.42
CA GLN D 218 5.37 39.50 10.31
C GLN D 218 6.27 39.91 11.48
N VAL D 219 5.93 39.47 12.70
CA VAL D 219 6.74 39.82 13.87
C VAL D 219 8.13 39.23 13.73
N SER D 220 8.22 37.98 13.29
CA SER D 220 9.52 37.34 13.12
C SER D 220 10.36 38.07 12.09
N ALA D 221 9.76 38.41 10.95
CA ALA D 221 10.52 39.11 9.91
C ALA D 221 10.98 40.47 10.40
N ILE D 222 10.09 41.23 11.04
CA ILE D 222 10.44 42.57 11.49
C ILE D 222 11.52 42.50 12.56
N LEU D 223 11.39 41.59 13.52
CA LEU D 223 12.39 41.47 14.57
C LEU D 223 13.73 41.03 14.01
N SER D 224 13.71 40.08 13.07
CA SER D 224 14.97 39.65 12.45
C SER D 224 15.66 40.81 11.76
N TYR D 225 14.90 41.59 10.98
CA TYR D 225 15.47 42.74 10.27
C TYR D 225 16.04 43.75 11.25
N THR D 226 15.24 44.16 12.23
CA THR D 226 15.68 45.19 13.17
C THR D 226 16.87 44.74 13.99
N ARG D 227 16.86 43.47 14.44
CA ARG D 227 17.97 42.97 15.24
C ARG D 227 19.23 42.85 14.41
N ARG D 228 19.11 42.39 13.15
CA ARG D 228 20.28 42.35 12.28
C ARG D 228 20.88 43.73 12.11
N ILE D 229 20.03 44.75 11.92
CA ILE D 229 20.54 46.10 11.73
C ILE D 229 21.17 46.62 13.02
N GLN D 230 20.50 46.40 14.16
CA GLN D 230 20.94 47.02 15.41
C GLN D 230 22.21 46.37 15.95
N MET D 231 22.25 45.04 16.00
CA MET D 231 23.37 44.32 16.60
C MET D 231 24.48 44.03 15.61
N CYS D 232 24.62 44.85 14.56
CA CYS D 232 25.56 44.53 13.51
C CYS D 232 26.97 45.03 13.82
N ALA D 233 27.09 46.18 14.48
CA ALA D 233 28.38 46.87 14.62
C ALA D 233 29.02 47.10 13.27
N ASN D 234 28.19 47.17 12.23
CA ASN D 234 28.59 47.12 10.83
C ASN D 234 27.55 47.91 10.04
N ILE D 235 27.35 47.58 8.77
CA ILE D 235 26.37 48.26 7.93
C ILE D 235 25.14 48.58 8.76
N THR D 236 24.72 49.84 8.76
CA THR D 236 23.69 50.33 9.67
C THR D 236 22.35 50.44 8.96
N THR D 237 22.25 51.26 7.90
CA THR D 237 21.00 51.42 7.17
C THR D 237 19.84 51.58 8.14
N VAL D 238 19.86 52.68 8.91
CA VAL D 238 18.96 52.89 10.05
C VAL D 238 17.59 52.28 9.77
N PRO D 239 17.02 51.52 10.70
CA PRO D 239 15.77 50.80 10.38
C PRO D 239 14.66 51.76 9.99
N SER D 240 13.89 51.35 8.98
CA SER D 240 12.76 52.13 8.51
C SER D 240 11.84 51.23 7.73
N PHE D 241 10.59 51.68 7.57
CA PHE D 241 9.61 50.90 6.81
C PHE D 241 10.07 50.71 5.37
N ASN D 242 10.59 51.78 4.76
CA ASN D 242 11.02 51.70 3.36
C ASN D 242 12.12 50.66 3.18
N ASN D 243 13.15 50.71 4.03
CA ASN D 243 14.25 49.77 3.91
C ASN D 243 13.78 48.34 4.20
N TYR D 244 12.91 48.17 5.19
CA TYR D 244 12.39 46.83 5.48
C TYR D 244 11.64 46.27 4.28
N MET D 245 10.79 47.09 3.66
CA MET D 245 10.05 46.63 2.48
C MET D 245 10.99 46.31 1.34
N GLN D 246 12.01 47.14 1.11
CA GLN D 246 12.94 46.88 0.01
C GLN D 246 13.81 45.65 0.29
N THR D 247 14.01 45.31 1.56
CA THR D 247 14.89 44.20 1.92
C THR D 247 14.15 42.87 1.91
N ASN D 248 13.09 42.76 2.73
CA ASN D 248 12.38 41.49 2.86
C ASN D 248 11.56 41.15 1.63
N TYR D 249 11.13 42.14 0.87
CA TYR D 249 10.35 41.95 -0.35
C TYR D 249 11.12 42.40 -1.59
N ASP D 250 12.42 42.09 -1.62
CA ASP D 250 13.24 42.49 -2.75
C ASP D 250 12.73 41.89 -4.05
N TYR D 251 12.15 40.69 -4.00
CA TYR D 251 11.69 40.03 -5.22
C TYR D 251 10.62 40.85 -5.93
N VAL D 252 9.90 41.70 -5.21
CA VAL D 252 8.87 42.54 -5.81
C VAL D 252 9.52 43.81 -6.36
N PHE D 253 10.17 44.57 -5.49
CA PHE D 253 10.73 45.86 -5.87
C PHE D 253 11.92 45.74 -6.81
N GLN D 254 12.47 44.54 -7.00
CA GLN D 254 13.49 44.34 -8.01
C GLN D 254 12.92 44.40 -9.43
N LEU D 255 11.60 44.43 -9.56
CA LEU D 255 10.93 44.57 -10.85
C LEU D 255 10.10 45.83 -10.94
N LEU D 256 9.37 46.19 -9.88
CA LEU D 256 8.56 47.40 -9.83
C LEU D 256 9.30 48.48 -9.05
N PRO D 257 9.13 49.75 -9.41
CA PRO D 257 9.72 50.81 -8.59
C PRO D 257 9.09 50.86 -7.22
N TYR D 258 9.89 51.19 -6.21
CA TYR D 258 9.38 51.24 -4.86
C TYR D 258 8.48 52.46 -4.66
N SER D 259 7.50 52.29 -3.78
CA SER D 259 6.63 53.38 -3.36
C SER D 259 5.85 52.93 -2.13
N PRO D 260 5.62 53.80 -1.14
CA PRO D 260 4.86 53.36 0.05
C PRO D 260 3.49 52.81 -0.29
N ILE D 261 2.83 53.37 -1.31
CA ILE D 261 1.53 52.84 -1.73
C ILE D 261 1.69 51.40 -2.19
N ILE D 262 2.70 51.15 -3.02
CA ILE D 262 2.97 49.80 -3.47
C ILE D 262 3.38 48.92 -2.30
N ALA D 263 4.06 49.50 -1.31
CA ALA D 263 4.46 48.72 -0.14
C ALA D 263 3.25 48.19 0.62
N VAL D 264 2.31 49.08 0.95
CA VAL D 264 1.11 48.64 1.66
C VAL D 264 0.28 47.72 0.77
N LEU D 265 0.25 47.96 -0.54
CA LEU D 265 -0.46 47.06 -1.44
C LEU D 265 0.12 45.66 -1.38
N ILE D 266 1.46 45.55 -1.40
CA ILE D 266 2.10 44.25 -1.35
C ILE D 266 1.79 43.56 -0.02
N LEU D 267 1.84 44.32 1.08
CA LEU D 267 1.53 43.73 2.37
C LEU D 267 0.10 43.18 2.39
N LEU D 268 -0.86 44.00 1.96
CA LEU D 268 -2.25 43.58 1.98
C LEU D 268 -2.48 42.37 1.08
N ILE D 269 -1.83 42.35 -0.09
CA ILE D 269 -2.09 41.28 -1.03
C ILE D 269 -1.39 39.98 -0.61
N ASN D 270 -0.25 40.07 0.07
CA ASN D 270 0.32 38.86 0.67
C ASN D 270 -0.59 38.33 1.79
N GLY D 271 -1.16 39.23 2.59
CA GLY D 271 -2.15 38.79 3.56
C GLY D 271 -3.34 38.10 2.90
N ALA D 272 -3.81 38.66 1.79
CA ALA D 272 -4.91 38.05 1.05
C ALA D 272 -4.52 36.68 0.51
N CYS D 273 -3.29 36.55 0.01
CA CYS D 273 -2.83 35.25 -0.48
C CYS D 273 -2.82 34.22 0.65
N THR D 274 -2.34 34.62 1.83
CA THR D 274 -2.37 33.72 2.98
C THR D 274 -3.81 33.33 3.32
N PHE D 275 -4.72 34.31 3.27
CA PHE D 275 -6.11 34.02 3.58
C PHE D 275 -6.70 33.02 2.58
N VAL D 276 -6.37 33.16 1.30
CA VAL D 276 -6.87 32.22 0.30
C VAL D 276 -6.31 30.83 0.54
N TRP D 277 -5.00 30.76 0.82
CA TRP D 277 -4.36 29.49 1.09
C TRP D 277 -5.01 28.76 2.26
N ASN D 278 -5.39 29.50 3.30
CA ASN D 278 -6.12 28.90 4.42
C ASN D 278 -7.59 28.63 4.09
N TYR D 279 -8.18 29.44 3.22
CA TYR D 279 -9.61 29.32 2.96
C TYR D 279 -9.92 28.11 2.09
N MET D 280 -8.98 27.64 1.29
CA MET D 280 -9.21 26.36 0.60
C MET D 280 -9.60 25.29 1.62
N ASP D 281 -8.76 25.11 2.63
CA ASP D 281 -9.01 24.13 3.67
C ASP D 281 -10.25 24.48 4.48
N LEU D 282 -10.44 25.76 4.78
CA LEU D 282 -11.62 26.15 5.55
C LEU D 282 -12.90 25.78 4.80
N PHE D 283 -12.95 26.06 3.51
CA PHE D 283 -14.14 25.74 2.72
C PHE D 283 -14.38 24.25 2.67
N ILE D 284 -13.32 23.46 2.48
CA ILE D 284 -13.49 22.02 2.52
C ILE D 284 -14.08 21.60 3.87
N MET D 285 -13.60 22.22 4.95
CA MET D 285 -14.09 21.87 6.28
C MET D 285 -15.57 22.20 6.44
N MET D 286 -15.99 23.39 5.99
CA MET D 286 -17.40 23.75 6.15
C MET D 286 -18.29 22.84 5.33
N ILE D 287 -17.87 22.48 4.11
CA ILE D 287 -18.67 21.59 3.30
C ILE D 287 -18.78 20.22 3.96
N SER D 288 -17.66 19.71 4.49
CA SER D 288 -17.70 18.43 5.16
C SER D 288 -18.60 18.48 6.38
N LYS D 289 -18.57 19.58 7.14
CA LYS D 289 -19.46 19.74 8.27
C LYS D 289 -20.91 19.71 7.82
N GLY D 290 -21.23 20.43 6.74
CA GLY D 290 -22.59 20.45 6.25
C GLY D 290 -23.11 19.08 5.86
N LEU D 291 -22.25 18.25 5.26
CA LEU D 291 -22.70 16.93 4.84
C LEU D 291 -22.80 15.96 6.02
N SER D 292 -21.76 15.93 6.86
CA SER D 292 -21.77 15.06 8.03
C SER D 292 -22.89 15.44 8.99
N TYR D 293 -23.37 16.69 8.96
CA TYR D 293 -24.50 17.07 9.79
C TYR D 293 -25.74 16.25 9.44
N ARG D 294 -26.08 16.20 8.15
CA ARG D 294 -27.27 15.44 7.74
C ARG D 294 -27.04 13.95 7.91
N PHE D 295 -25.83 13.46 7.66
CA PHE D 295 -25.57 12.04 7.89
C PHE D 295 -25.72 11.68 9.36
N GLU D 296 -25.26 12.56 10.26
CA GLU D 296 -25.44 12.34 11.69
C GLU D 296 -26.90 12.40 12.08
N GLN D 297 -27.67 13.28 11.46
CA GLN D 297 -29.11 13.30 11.73
C GLN D 297 -29.76 11.98 11.34
N ILE D 298 -29.38 11.42 10.19
CA ILE D 298 -29.91 10.12 9.78
C ILE D 298 -29.51 9.06 10.80
N THR D 299 -28.25 9.09 11.25
CA THR D 299 -27.79 8.12 12.22
C THR D 299 -28.58 8.23 13.52
N THR D 300 -28.86 9.44 13.97
CA THR D 300 -29.62 9.64 15.19
C THR D 300 -31.05 9.12 15.03
N ARG D 301 -31.67 9.40 13.88
CA ARG D 301 -33.01 8.87 13.65
C ARG D 301 -33.02 7.36 13.69
N ILE D 302 -31.99 6.72 13.11
CA ILE D 302 -31.90 5.27 13.17
C ILE D 302 -31.72 4.81 14.61
N ARG D 303 -30.86 5.51 15.37
CA ARG D 303 -30.67 5.17 16.78
C ARG D 303 -31.97 5.25 17.55
N LYS D 304 -32.89 6.11 17.14
CA LYS D 304 -34.16 6.21 17.83
C LYS D 304 -34.99 4.94 17.72
N LEU D 305 -34.61 4.01 16.83
CA LEU D 305 -35.38 2.78 16.60
C LEU D 305 -34.68 1.54 17.13
N GLU D 306 -33.77 1.67 18.11
CA GLU D 306 -32.99 0.52 18.54
C GLU D 306 -33.86 -0.60 19.09
N HIS D 307 -34.82 -0.27 19.96
CA HIS D 307 -35.58 -1.31 20.66
C HIS D 307 -37.06 -1.20 20.36
N GLU D 308 -37.41 -1.04 19.09
CA GLU D 308 -38.80 -0.91 18.67
C GLU D 308 -39.03 -1.77 17.44
N GLU D 309 -40.30 -2.15 17.24
CA GLU D 309 -40.72 -2.82 16.02
C GLU D 309 -41.05 -1.75 14.98
N VAL D 310 -40.29 -1.74 13.89
CA VAL D 310 -40.32 -0.65 12.92
C VAL D 310 -41.13 -1.08 11.71
N CYS D 311 -42.07 -0.23 11.30
CA CYS D 311 -42.84 -0.48 10.09
C CYS D 311 -41.97 -0.29 8.86
N GLU D 312 -42.37 -0.96 7.77
CA GLU D 312 -41.59 -0.90 6.54
C GLU D 312 -41.55 0.52 5.98
N SER D 313 -42.58 1.31 6.24
CA SER D 313 -42.60 2.69 5.73
C SER D 313 -41.48 3.52 6.34
N VAL D 314 -41.20 3.32 7.63
CA VAL D 314 -40.11 4.05 8.27
C VAL D 314 -38.79 3.75 7.59
N PHE D 315 -38.54 2.47 7.31
CA PHE D 315 -37.32 2.09 6.62
C PHE D 315 -37.29 2.62 5.19
N ILE D 316 -38.44 2.65 4.52
CA ILE D 316 -38.48 3.23 3.18
C ILE D 316 -38.05 4.69 3.22
N GLN D 317 -38.60 5.44 4.18
CA GLN D 317 -38.25 6.86 4.30
C GLN D 317 -36.78 7.03 4.64
N ILE D 318 -36.26 6.21 5.56
CA ILE D 318 -34.86 6.32 5.96
C ILE D 318 -33.95 6.04 4.77
N ARG D 319 -34.25 4.98 4.02
CA ARG D 319 -33.43 4.64 2.86
C ARG D 319 -33.50 5.72 1.80
N GLU D 320 -34.69 6.28 1.57
CA GLU D 320 -34.82 7.34 0.57
C GLU D 320 -34.01 8.57 0.97
N HIS D 321 -34.08 8.96 2.24
CA HIS D 321 -33.32 10.11 2.70
C HIS D 321 -31.82 9.83 2.62
N TYR D 322 -31.39 8.62 2.99
CA TYR D 322 -29.98 8.27 2.87
C TYR D 322 -29.51 8.34 1.42
N VAL D 323 -30.33 7.83 0.49
CA VAL D 323 -29.96 7.85 -0.91
C VAL D 323 -29.90 9.29 -1.43
N LYS D 324 -30.83 10.13 -1.00
CA LYS D 324 -30.78 11.54 -1.40
C LYS D 324 -29.52 12.20 -0.86
N MET D 325 -29.16 11.92 0.38
CA MET D 325 -27.93 12.47 0.95
C MET D 325 -26.71 11.98 0.18
N CYS D 326 -26.70 10.72 -0.24
CA CYS D 326 -25.59 10.19 -1.02
C CYS D 326 -25.51 10.86 -2.38
N GLU D 327 -26.66 11.11 -3.01
CA GLU D 327 -26.68 11.83 -4.28
C GLU D 327 -26.13 13.24 -4.11
N LEU D 328 -26.54 13.91 -3.03
CA LEU D 328 -26.01 15.24 -2.77
C LEU D 328 -24.51 15.21 -2.55
N LEU D 329 -24.02 14.19 -1.82
CA LEU D 329 -22.59 14.06 -1.62
C LEU D 329 -21.87 13.83 -2.94
N GLU D 330 -22.44 13.02 -3.82
CA GLU D 330 -21.82 12.80 -5.12
C GLU D 330 -21.75 14.09 -5.92
N PHE D 331 -22.83 14.87 -5.91
CA PHE D 331 -22.85 16.14 -6.63
C PHE D 331 -21.82 17.10 -6.06
N VAL D 332 -21.75 17.22 -4.73
CA VAL D 332 -20.81 18.13 -4.10
C VAL D 332 -19.38 17.68 -4.36
N ASP D 333 -19.14 16.37 -4.33
CA ASP D 333 -17.81 15.85 -4.61
C ASP D 333 -17.40 16.14 -6.04
N SER D 334 -18.32 15.97 -6.99
CA SER D 334 -18.00 16.33 -8.37
C SER D 334 -17.67 17.80 -8.48
N ALA D 335 -18.42 18.65 -7.78
CA ALA D 335 -18.17 20.09 -7.84
C ALA D 335 -16.83 20.45 -7.22
N MET D 336 -16.45 19.81 -6.12
CA MET D 336 -15.32 20.22 -5.31
C MET D 336 -14.10 19.31 -5.48
N SER D 337 -14.11 18.41 -6.46
CA SER D 337 -12.97 17.52 -6.63
C SER D 337 -11.70 18.29 -6.93
N SER D 338 -11.76 19.31 -7.79
CA SER D 338 -10.58 20.08 -8.10
C SER D 338 -10.04 20.79 -6.87
N LEU D 339 -10.93 21.40 -6.07
CA LEU D 339 -10.50 22.07 -4.85
C LEU D 339 -9.87 21.09 -3.88
N ILE D 340 -10.47 19.91 -3.72
CA ILE D 340 -9.92 18.92 -2.80
C ILE D 340 -8.53 18.48 -3.27
N LEU D 341 -8.39 18.23 -4.56
CA LEU D 341 -7.11 17.78 -5.09
C LEU D 341 -6.04 18.85 -4.90
N LEU D 342 -6.36 20.11 -5.22
CA LEU D 342 -5.39 21.19 -5.08
C LEU D 342 -5.02 21.38 -3.61
N SER D 343 -6.00 21.36 -2.71
CA SER D 343 -5.71 21.53 -1.30
C SER D 343 -4.83 20.39 -0.79
N CYS D 344 -5.12 19.16 -1.19
CA CYS D 344 -4.35 18.02 -0.72
C CYS D 344 -2.90 18.12 -1.21
N VAL D 345 -2.70 18.41 -2.49
CA VAL D 345 -1.34 18.47 -3.01
C VAL D 345 -0.57 19.63 -2.37
N ASN D 346 -1.21 20.79 -2.23
CA ASN D 346 -0.54 21.93 -1.61
C ASN D 346 -0.16 21.63 -0.17
N ASN D 347 -1.09 21.04 0.59
CA ASN D 347 -0.80 20.74 1.98
C ASN D 347 0.31 19.70 2.10
N LEU D 348 0.29 18.68 1.24
CA LEU D 348 1.34 17.68 1.28
C LEU D 348 2.70 18.31 1.00
N TYR D 349 2.79 19.12 -0.06
CA TYR D 349 4.07 19.74 -0.40
C TYR D 349 4.57 20.63 0.74
N PHE D 350 3.69 21.47 1.28
CA PHE D 350 4.13 22.42 2.30
C PHE D 350 4.48 21.70 3.59
N VAL D 351 3.73 20.66 3.95
CA VAL D 351 4.05 19.90 5.16
C VAL D 351 5.40 19.24 5.02
N CYS D 352 5.67 18.62 3.87
CA CYS D 352 6.96 17.99 3.66
C CYS D 352 8.08 19.03 3.70
N TYR D 353 7.88 20.17 3.04
CA TYR D 353 8.91 21.20 3.01
C TYR D 353 9.22 21.71 4.42
N GLN D 354 8.19 21.97 5.21
CA GLN D 354 8.40 22.47 6.56
C GLN D 354 9.03 21.41 7.45
N LEU D 355 8.58 20.16 7.34
CA LEU D 355 9.18 19.09 8.13
C LEU D 355 10.64 18.90 7.79
N LEU D 356 11.03 19.20 6.54
CA LEU D 356 12.43 19.12 6.15
C LEU D 356 13.30 20.16 6.84
N ASN D 357 12.71 21.17 7.47
CA ASN D 357 13.46 22.25 8.10
C ASN D 357 13.34 22.24 9.62
N VAL D 358 12.86 21.15 10.21
CA VAL D 358 12.74 21.10 11.66
C VAL D 358 14.10 21.12 12.32
N PHE D 359 15.10 20.47 11.71
CA PHE D 359 16.43 20.40 12.28
C PHE D 359 17.30 21.61 11.93
N ASN D 360 16.84 22.49 11.04
CA ASN D 360 17.60 23.67 10.69
C ASN D 360 17.73 24.59 11.89
N LYS D 361 18.78 25.40 11.92
CA LYS D 361 19.05 26.30 13.04
C LYS D 361 18.64 27.72 12.65
N LEU D 362 17.80 28.33 13.47
CA LEU D 362 17.33 29.69 13.27
C LEU D 362 17.99 30.61 14.28
N ARG D 363 18.07 31.89 13.93
CA ARG D 363 18.83 32.83 14.74
C ARG D 363 18.13 33.13 16.07
N TRP D 364 16.92 33.67 16.00
CA TRP D 364 16.27 34.20 17.19
C TRP D 364 15.18 33.27 17.68
N PRO D 365 14.84 33.33 18.98
CA PRO D 365 13.74 32.50 19.47
C PRO D 365 12.41 32.80 18.80
N ILE D 366 12.20 34.04 18.36
CA ILE D 366 10.96 34.37 17.64
C ILE D 366 10.90 33.61 16.33
N ASN D 367 12.04 33.40 15.68
CA ASN D 367 12.06 32.61 14.45
C ASN D 367 11.63 31.18 14.73
N TYR D 368 12.13 30.59 15.83
CA TYR D 368 11.70 29.24 16.19
C TYR D 368 10.21 29.21 16.50
N ILE D 369 9.72 30.22 17.23
CA ILE D 369 8.30 30.27 17.58
C ILE D 369 7.46 30.31 16.31
N TYR D 370 7.83 31.18 15.37
CA TYR D 370 7.07 31.27 14.13
C TYR D 370 7.13 29.98 13.35
N PHE D 371 8.33 29.40 13.22
CA PHE D 371 8.45 28.18 12.42
C PHE D 371 7.61 27.06 13.01
N TRP D 372 7.66 26.88 14.33
CA TRP D 372 6.93 25.77 14.93
C TRP D 372 5.43 26.03 14.99
N TYR D 373 5.02 27.27 15.21
CA TYR D 373 3.60 27.60 15.11
C TYR D 373 3.09 27.31 13.71
N SER D 374 3.85 27.73 12.69
CA SER D 374 3.42 27.50 11.31
C SER D 374 3.36 26.01 11.00
N LEU D 375 4.38 25.25 11.41
CA LEU D 375 4.40 23.82 11.11
C LEU D 375 3.26 23.10 11.82
N LEU D 376 3.06 23.37 13.11
CA LEU D 376 1.99 22.72 13.85
C LEU D 376 0.63 23.12 13.29
N TYR D 377 0.44 24.39 12.95
CA TYR D 377 -0.82 24.83 12.39
C TYR D 377 -1.09 24.18 11.05
N LEU D 378 -0.06 24.07 10.19
CA LEU D 378 -0.24 23.44 8.89
C LEU D 378 -0.59 21.96 9.05
N ILE D 379 0.13 21.25 9.92
CA ILE D 379 -0.14 19.83 10.13
C ILE D 379 -1.55 19.65 10.69
N GLY D 380 -1.92 20.47 11.67
CA GLY D 380 -3.25 20.37 12.25
C GLY D 380 -4.35 20.71 11.27
N ARG D 381 -4.11 21.72 10.42
CA ARG D 381 -5.11 22.09 9.41
C ARG D 381 -5.31 20.96 8.42
N THR D 382 -4.21 20.35 7.94
CA THR D 382 -4.33 19.21 7.04
C THR D 382 -5.07 18.06 7.73
N ALA D 383 -4.67 17.75 8.96
CA ALA D 383 -5.29 16.65 9.68
C ALA D 383 -6.77 16.90 9.89
N PHE D 384 -7.14 18.13 10.22
CA PHE D 384 -8.54 18.42 10.50
C PHE D 384 -9.37 18.50 9.23
N VAL D 385 -8.79 18.95 8.12
CA VAL D 385 -9.48 18.84 6.83
C VAL D 385 -9.80 17.38 6.56
N PHE D 386 -8.78 16.52 6.67
CA PHE D 386 -8.98 15.12 6.38
C PHE D 386 -9.98 14.48 7.34
N LEU D 387 -9.93 14.85 8.62
CA LEU D 387 -10.79 14.24 9.61
C LEU D 387 -12.23 14.72 9.48
N THR D 388 -12.43 16.02 9.20
CA THR D 388 -13.78 16.52 8.96
C THR D 388 -14.37 15.89 7.71
N ALA D 389 -13.56 15.71 6.66
CA ALA D 389 -14.06 15.02 5.47
C ALA D 389 -14.38 13.55 5.74
N ALA D 390 -13.54 12.86 6.51
CA ALA D 390 -13.76 11.47 6.84
C ALA D 390 -14.90 11.27 7.83
N ASP D 391 -15.30 12.34 8.53
CA ASP D 391 -16.47 12.24 9.38
C ASP D 391 -17.71 11.87 8.59
N ILE D 392 -17.78 12.25 7.32
CA ILE D 392 -18.90 11.82 6.47
C ILE D 392 -18.93 10.31 6.37
N ASN D 393 -17.79 9.70 6.07
CA ASN D 393 -17.73 8.25 5.95
C ASN D 393 -18.02 7.58 7.29
N GLU D 394 -17.45 8.12 8.38
CA GLU D 394 -17.68 7.53 9.70
C GLU D 394 -19.15 7.59 10.08
N GLU D 395 -19.81 8.72 9.81
CA GLU D 395 -21.21 8.86 10.15
C GLU D 395 -22.09 7.99 9.27
N SER D 396 -21.69 7.82 8.00
CA SER D 396 -22.42 6.90 7.13
C SER D 396 -22.34 5.47 7.65
N LYS D 397 -21.17 5.06 8.13
CA LYS D 397 -21.01 3.71 8.66
C LYS D 397 -21.55 3.54 10.07
N ARG D 398 -21.80 4.64 10.80
CA ARG D 398 -22.27 4.52 12.17
C ARG D 398 -23.69 3.98 12.28
N GLY D 399 -24.52 4.17 11.25
CA GLY D 399 -25.87 3.63 11.29
C GLY D 399 -25.95 2.13 11.07
N LEU D 400 -24.88 1.53 10.53
CA LEU D 400 -24.87 0.10 10.29
C LEU D 400 -24.98 -0.67 11.60
N GLY D 401 -24.31 -0.20 12.64
CA GLY D 401 -24.38 -0.88 13.92
C GLY D 401 -25.79 -0.99 14.46
N VAL D 402 -26.60 0.06 14.27
CA VAL D 402 -27.97 0.03 14.74
C VAL D 402 -28.85 -0.75 13.79
N LEU D 403 -28.61 -0.64 12.48
CA LEU D 403 -29.41 -1.41 11.53
C LEU D 403 -29.20 -2.91 11.71
N ARG D 404 -28.02 -3.31 12.17
CA ARG D 404 -27.75 -4.73 12.38
C ARG D 404 -28.51 -5.29 13.57
N ARG D 405 -29.02 -4.43 14.46
CA ARG D 405 -29.79 -4.87 15.61
C ARG D 405 -31.28 -4.99 15.32
N VAL D 406 -31.71 -4.70 14.10
CA VAL D 406 -33.12 -4.76 13.77
C VAL D 406 -33.64 -6.17 14.02
N SER D 407 -34.78 -6.27 14.69
CA SER D 407 -35.33 -7.57 15.05
C SER D 407 -35.70 -8.36 13.81
N SER D 408 -35.97 -9.64 14.01
CA SER D 408 -36.34 -10.50 12.89
C SER D 408 -37.71 -10.14 12.32
N ARG D 409 -38.62 -9.66 13.17
CA ARG D 409 -39.94 -9.28 12.69
C ARG D 409 -39.88 -7.98 11.89
N SER D 410 -39.08 -7.01 12.35
CA SER D 410 -38.94 -5.75 11.63
C SER D 410 -38.11 -5.87 10.37
N TRP D 411 -37.31 -6.93 10.24
CA TRP D 411 -36.48 -7.11 9.06
C TRP D 411 -37.33 -7.20 7.81
N CYS D 412 -36.91 -6.48 6.77
CA CYS D 412 -37.62 -6.48 5.49
C CYS D 412 -36.62 -6.22 4.38
N VAL D 413 -37.12 -6.16 3.15
CA VAL D 413 -36.25 -5.92 2.00
C VAL D 413 -35.60 -4.55 2.08
N GLU D 414 -36.33 -3.55 2.58
CA GLU D 414 -35.78 -2.20 2.65
C GLU D 414 -34.57 -2.14 3.58
N VAL D 415 -34.64 -2.81 4.72
CA VAL D 415 -33.49 -2.83 5.63
C VAL D 415 -32.32 -3.52 4.95
N GLU D 416 -32.57 -4.60 4.21
CA GLU D 416 -31.50 -5.29 3.51
C GLU D 416 -30.84 -4.38 2.48
N ARG D 417 -31.66 -3.65 1.72
CA ARG D 417 -31.12 -2.72 0.74
C ARG D 417 -30.27 -1.65 1.41
N LEU D 418 -30.80 -1.07 2.50
CA LEU D 418 -30.08 0.00 3.18
C LEU D 418 -28.76 -0.51 3.75
N ILE D 419 -28.77 -1.69 4.37
CA ILE D 419 -27.55 -2.24 4.95
C ILE D 419 -26.54 -2.54 3.86
N PHE D 420 -26.99 -3.09 2.73
CA PHE D 420 -26.07 -3.35 1.64
C PHE D 420 -25.44 -2.06 1.12
N GLN D 421 -26.24 -1.00 0.99
CA GLN D 421 -25.71 0.26 0.51
C GLN D 421 -24.70 0.85 1.49
N MET D 422 -25.03 0.88 2.79
CA MET D 422 -24.09 1.40 3.77
C MET D 422 -22.81 0.58 3.80
N THR D 423 -22.94 -0.74 3.69
CA THR D 423 -21.78 -1.61 3.82
C THR D 423 -20.86 -1.52 2.61
N THR D 424 -21.41 -1.53 1.40
CA THR D 424 -20.59 -1.64 0.20
C THR D 424 -20.27 -0.31 -0.46
N GLN D 425 -21.04 0.75 -0.17
CA GLN D 425 -20.76 2.05 -0.77
C GLN D 425 -19.76 2.81 0.09
N THR D 426 -18.81 3.46 -0.58
CA THR D 426 -17.84 4.34 0.07
C THR D 426 -18.41 5.75 0.01
N VAL D 427 -19.00 6.19 1.12
CA VAL D 427 -19.64 7.50 1.20
C VAL D 427 -18.60 8.47 1.76
N ALA D 428 -17.94 9.20 0.86
CA ALA D 428 -16.89 10.12 1.28
C ALA D 428 -16.54 11.05 0.12
N LEU D 429 -15.96 12.20 0.46
CA LEU D 429 -15.42 13.09 -0.55
C LEU D 429 -14.15 12.48 -1.16
N SER D 430 -13.88 12.84 -2.40
CA SER D 430 -12.77 12.24 -3.13
C SER D 430 -12.06 13.30 -3.96
N GLY D 431 -10.76 13.12 -4.16
CA GLY D 431 -9.97 13.94 -5.04
C GLY D 431 -10.04 13.44 -6.48
N LYS D 432 -11.14 13.73 -7.17
CA LYS D 432 -11.37 13.24 -8.53
C LYS D 432 -11.42 11.71 -8.56
N LYS D 433 -11.85 11.10 -7.46
CA LYS D 433 -11.95 9.65 -7.30
C LYS D 433 -10.60 8.96 -7.26
N PHE D 434 -9.51 9.73 -7.31
CA PHE D 434 -8.18 9.12 -7.15
C PHE D 434 -7.98 8.61 -5.74
N TYR D 435 -8.59 9.26 -4.76
CA TYR D 435 -8.54 8.83 -3.37
C TYR D 435 -9.79 9.36 -2.68
N PHE D 436 -10.15 8.73 -1.57
CA PHE D 436 -11.33 9.09 -0.81
C PHE D 436 -10.90 9.57 0.57
N LEU D 437 -11.44 10.70 1.00
CA LEU D 437 -11.07 11.30 2.28
C LEU D 437 -11.64 10.47 3.41
N THR D 438 -10.83 9.54 3.91
CA THR D 438 -11.20 8.68 5.02
C THR D 438 -10.06 8.70 6.04
N ARG D 439 -10.30 8.05 7.19
CA ARG D 439 -9.25 7.96 8.19
C ARG D 439 -8.10 7.09 7.72
N ARG D 440 -8.42 6.03 6.97
CA ARG D 440 -7.36 5.23 6.36
C ARG D 440 -6.50 6.07 5.44
N LEU D 441 -7.12 7.00 4.72
CA LEU D 441 -6.35 7.88 3.84
C LEU D 441 -5.45 8.80 4.65
N LEU D 442 -5.92 9.29 5.79
CA LEU D 442 -5.07 10.14 6.62
C LEU D 442 -3.88 9.35 7.18
N PHE D 443 -4.12 8.10 7.57
CA PHE D 443 -3.02 7.26 8.02
C PHE D 443 -2.01 7.02 6.90
N GLY D 444 -2.51 6.74 5.70
CA GLY D 444 -1.62 6.56 4.56
C GLY D 444 -0.85 7.82 4.23
N MET D 445 -1.50 8.98 4.35
CA MET D 445 -0.81 10.25 4.12
C MET D 445 0.29 10.46 5.15
N ALA D 446 0.03 10.14 6.42
CA ALA D 446 1.06 10.25 7.44
C ALA D 446 2.24 9.34 7.12
N GLY D 447 1.95 8.10 6.73
CA GLY D 447 3.02 7.19 6.39
C GLY D 447 3.83 7.66 5.19
N THR D 448 3.13 8.16 4.16
CA THR D 448 3.81 8.68 2.97
C THR D 448 4.68 9.88 3.32
N ILE D 449 4.19 10.76 4.18
CA ILE D 449 4.99 11.92 4.60
C ILE D 449 6.22 11.46 5.36
N VAL D 450 6.06 10.45 6.23
CA VAL D 450 7.21 9.94 6.97
C VAL D 450 8.26 9.37 6.01
N THR D 451 7.81 8.59 5.03
CA THR D 451 8.73 8.01 4.06
C THR D 451 9.44 9.09 3.26
N TYR D 452 8.68 10.08 2.77
CA TYR D 452 9.27 11.16 2.00
C TYR D 452 10.27 11.94 2.82
N GLU D 453 9.96 12.21 4.09
CA GLU D 453 10.89 12.94 4.93
C GLU D 453 12.15 12.14 5.20
N LEU D 454 12.01 10.84 5.45
CA LEU D 454 13.18 10.00 5.67
C LEU D 454 14.09 10.01 4.44
N VAL D 455 13.50 9.92 3.25
CA VAL D 455 14.31 9.92 2.04
C VAL D 455 14.92 11.30 1.79
N LEU D 456 14.17 12.38 2.05
CA LEU D 456 14.61 13.72 1.68
C LEU D 456 15.61 14.31 2.67
N LEU D 457 15.59 13.87 3.93
CA LEU D 457 16.51 14.43 4.89
C LEU D 457 17.96 14.19 4.49
N GLN D 458 18.21 13.14 3.70
CA GLN D 458 19.54 12.93 3.13
C GLN D 458 19.91 14.05 2.17
N PHE D 459 18.93 14.53 1.38
CA PHE D 459 19.18 15.64 0.47
C PHE D 459 19.60 16.88 1.23
N ASP D 460 18.96 17.15 2.36
CA ASP D 460 19.14 18.40 3.10
C ASP D 460 20.26 18.31 4.14
N GLU D 461 20.97 17.18 4.23
CA GLU D 461 22.06 17.08 5.19
C GLU D 461 23.13 18.13 4.97
N PRO D 462 23.61 18.38 3.75
CA PRO D 462 24.64 19.41 3.57
C PRO D 462 24.22 20.78 4.09
N ASN D 463 23.09 21.31 3.60
CA ASN D 463 22.62 22.61 4.07
C ASN D 463 22.34 22.60 5.57
N ARG D 464 21.92 21.46 6.12
CA ARG D 464 21.72 21.37 7.57
C ARG D 464 23.03 21.56 8.32
N ARG D 465 24.10 20.92 7.85
CA ARG D 465 25.38 21.03 8.52
C ARG D 465 26.09 22.35 8.26
N LYS D 466 25.71 23.05 7.18
CA LYS D 466 26.30 24.38 6.96
C LYS D 466 25.98 25.33 8.09
N GLY D 467 24.80 25.20 8.70
CA GLY D 467 24.43 26.04 9.81
C GLY D 467 23.99 27.42 9.38
N LEU D 468 23.64 28.23 10.38
CA LEU D 468 23.22 29.60 10.11
C LEU D 468 24.41 30.46 9.71
N GLN D 469 24.16 31.39 8.79
CA GLN D 469 25.20 32.28 8.29
C GLN D 469 25.51 33.37 9.30
N PRO D 470 26.65 34.04 9.16
CA PRO D 470 26.98 35.14 10.07
C PRO D 470 25.91 36.23 10.00
N LEU D 471 25.63 36.84 11.16
CA LEU D 471 24.58 37.83 11.24
C LEU D 471 24.87 39.03 10.33
N CYS D 472 26.08 39.59 10.44
CA CYS D 472 26.42 40.76 9.63
C CYS D 472 26.45 40.42 8.16
N ALA D 473 27.02 39.27 7.80
CA ALA D 473 27.12 38.85 6.40
C ALA D 473 25.72 38.64 5.81
#